data_8W0L
#
_entry.id   8W0L
#
_cell.length_a   139.179
_cell.length_b   139.179
_cell.length_c   543.690
_cell.angle_alpha   90.00
_cell.angle_beta   90.00
_cell.angle_gamma   120.00
#
_symmetry.space_group_name_H-M   'P 61 2 2'
#
loop_
_entity.id
_entity.type
_entity.pdbx_description
1 polymer 'Acetyl-coenzyme A synthetase 2'
2 non-polymer "5'-O-{(S)-hydroxy[(prop-2-yn-1-yl)oxy]phosphoryl}adenosine"
3 non-polymer 'COENZYME A'
4 non-polymer GLYCEROL
5 non-polymer 'TRIETHYLENE GLYCOL'
6 non-polymer 'SULFATE ION'
7 non-polymer 'CHLORIDE ION'
8 water water
#
_entity_poly.entity_id   1
_entity_poly.type   'polypeptide(L)'
_entity_poly.pdbx_seq_one_letter_code
;MHHHHHHHHENLYFQGPTEQTHNVVHEANGVKLRETPKEFFERQPNKGHIHDVNQYKQMYEQSIKDPQGFFGPLAKELLS
WDHDFHTVKSGTLKNGDAAWFLGGELNASYNCVDRHAFANPDKPALICEADDEKDSHILTYGDLLREVSKVAGVLQSWGI
KKGDTVAVYLPMNAQAIIAMLAIARLGAAHSVIFAGFSAGSIKDRVNDASCKALITCDEGKRGGRTTNIKKLCDEALVDC
PTVEKVLVYKRTNNPEIHLTEGRDYYWDVETAKFPGYLPPVSVNSEDPLFLLYTSGSTGTPKGVVHSTAGYLLGAALSTK
YIFDIHPEDILFTAGDVGWITGHTYALYGPLLLGVPTIIFEGTPAYPDYGRFWQIVEKHKATHFYVAPTALRLLRKAGEQ
EIAKYDLSSLRTLGSVGEPISPDIWEWYNEFVGKNQCHISDTYWQTESGSHLIAPLAGVVPNKPGSASYPFFGIDAALID
PVTGVEIEGNDAEGVLAIKDHWPSMARTVYKNHTKYMDTYMNPYPGYYFTGDGAARDHDGYYWIRGRVDDVVNVSGHRLS
TAEIEAALIEDKKVSEAAVVGIHDDITGQAVIAYVALKEGNSDEDSEGLRKELVLQVRKTIGPFAAPKSVIIVQDLPKTR
SGKIMRRILRKVSSNEADQLGDISTLSNPQSVEGIISAFGAQFGKK
;
_entity_poly.pdbx_strand_id   A,B,C
#
# COMPACT_ATOMS: atom_id res chain seq x y z
N GLN A 20 -54.50 16.23 18.26
CA GLN A 20 -54.35 17.13 17.13
C GLN A 20 -53.58 18.38 17.54
N THR A 21 -53.94 18.95 18.69
CA THR A 21 -53.29 20.15 19.19
C THR A 21 -51.99 19.81 19.89
N HIS A 22 -50.94 20.58 19.58
CA HIS A 22 -49.62 20.41 20.20
C HIS A 22 -49.46 21.41 21.33
N ASN A 23 -49.04 20.91 22.49
CA ASN A 23 -48.81 21.76 23.65
C ASN A 23 -47.38 22.26 23.75
N VAL A 24 -46.43 21.57 23.13
CA VAL A 24 -45.04 21.96 23.14
C VAL A 24 -44.59 22.45 21.76
N VAL A 25 -44.90 21.69 20.72
CA VAL A 25 -44.41 21.98 19.36
C VAL A 25 -45.42 22.92 18.72
N HIS A 26 -45.26 24.20 19.01
CA HIS A 26 -46.20 25.19 18.48
C HIS A 26 -46.08 25.35 16.97
N GLU A 27 -44.89 25.12 16.41
CA GLU A 27 -44.72 25.26 14.96
C GLU A 27 -45.69 24.36 14.20
N ALA A 28 -46.09 23.24 14.80
CA ALA A 28 -46.88 22.23 14.09
C ALA A 28 -48.36 22.51 14.11
N ASN A 29 -48.81 23.42 14.97
CA ASN A 29 -50.23 23.67 15.12
C ASN A 29 -50.78 24.34 13.87
N GLY A 30 -51.87 23.81 13.35
CA GLY A 30 -52.56 24.41 12.21
C GLY A 30 -51.72 24.45 10.95
N VAL A 31 -50.98 23.38 10.69
CA VAL A 31 -50.09 23.26 9.54
C VAL A 31 -50.59 22.10 8.67
N LYS A 32 -51.09 22.42 7.49
CA LYS A 32 -51.63 21.41 6.58
C LYS A 32 -50.49 20.74 5.82
N LEU A 33 -50.51 19.41 5.79
CA LEU A 33 -49.51 18.66 5.05
C LEU A 33 -49.59 19.02 3.57
N ARG A 34 -48.43 19.09 2.93
CA ARG A 34 -48.29 19.48 1.53
C ARG A 34 -47.80 18.29 0.73
N GLU A 35 -48.73 17.65 0.00
CA GLU A 35 -48.38 16.47 -0.78
C GLU A 35 -47.54 16.87 -1.98
N THR A 36 -46.75 15.92 -2.47
CA THR A 36 -45.93 16.20 -3.63
C THR A 36 -46.85 16.50 -4.82
N PRO A 37 -46.61 17.56 -5.57
CA PRO A 37 -47.47 17.85 -6.73
C PRO A 37 -47.43 16.74 -7.76
N LYS A 38 -48.53 16.63 -8.51
CA LYS A 38 -48.63 15.63 -9.56
C LYS A 38 -47.60 15.84 -10.65
N GLU A 39 -47.21 17.09 -10.89
CA GLU A 39 -46.25 17.36 -11.94
C GLU A 39 -44.90 16.73 -11.64
N PHE A 40 -44.58 16.55 -10.36
CA PHE A 40 -43.32 15.92 -10.02
C PHE A 40 -43.20 14.57 -10.71
N PHE A 41 -44.26 13.75 -10.64
CA PHE A 41 -44.17 12.39 -11.17
C PHE A 41 -44.25 12.39 -12.70
N GLU A 42 -44.96 13.35 -13.28
CA GLU A 42 -44.97 13.45 -14.73
C GLU A 42 -43.58 13.81 -15.26
N ARG A 43 -42.85 14.65 -14.53
CA ARG A 43 -41.53 15.09 -14.97
C ARG A 43 -40.44 14.08 -14.63
N GLN A 44 -40.74 13.13 -13.75
CA GLN A 44 -39.78 12.15 -13.27
C GLN A 44 -39.45 11.16 -14.37
N PRO A 45 -38.18 10.87 -14.64
CA PRO A 45 -37.85 10.09 -15.84
C PRO A 45 -38.23 8.63 -15.75
N ASN A 46 -38.23 8.06 -14.56
CA ASN A 46 -38.47 6.62 -14.40
C ASN A 46 -39.32 6.38 -13.16
N LYS A 47 -39.64 5.11 -12.93
CA LYS A 47 -40.26 4.74 -11.68
C LYS A 47 -39.41 5.22 -10.52
N GLY A 48 -40.07 5.77 -9.51
CA GLY A 48 -39.36 6.31 -8.38
C GLY A 48 -38.56 5.25 -7.63
N HIS A 49 -37.50 5.71 -6.97
CA HIS A 49 -36.66 4.75 -6.26
C HIS A 49 -37.37 4.13 -5.07
N ILE A 50 -38.38 4.79 -4.51
CA ILE A 50 -39.18 4.29 -3.41
C ILE A 50 -40.65 4.34 -3.79
N HIS A 51 -41.36 3.25 -3.48
CA HIS A 51 -42.73 3.07 -3.94
C HIS A 51 -43.68 4.05 -3.25
N ASP A 52 -43.67 4.09 -1.93
CA ASP A 52 -44.55 4.98 -1.19
C ASP A 52 -43.91 5.20 0.17
N VAL A 53 -44.59 5.97 1.01
CA VAL A 53 -44.04 6.30 2.32
C VAL A 53 -44.01 5.06 3.20
N ASN A 54 -44.90 4.10 2.96
CA ASN A 54 -44.86 2.88 3.75
C ASN A 54 -43.62 2.05 3.43
N GLN A 55 -43.23 2.00 2.15
CA GLN A 55 -41.96 1.34 1.83
C GLN A 55 -40.80 2.08 2.47
N TYR A 56 -40.87 3.40 2.52
CA TYR A 56 -39.81 4.15 3.18
C TYR A 56 -39.72 3.79 4.65
N LYS A 57 -40.88 3.65 5.33
CA LYS A 57 -40.86 3.34 6.75
C LYS A 57 -40.25 1.97 7.00
N GLN A 58 -40.62 0.98 6.18
CA GLN A 58 -40.04 -0.35 6.29
C GLN A 58 -38.54 -0.31 6.06
N MET A 59 -38.09 0.40 5.03
CA MET A 59 -36.66 0.47 4.78
C MET A 59 -35.94 1.17 5.92
N TYR A 60 -36.55 2.22 6.46
CA TYR A 60 -35.93 2.93 7.58
C TYR A 60 -35.80 2.01 8.79
N GLU A 61 -36.87 1.27 9.12
CA GLU A 61 -36.81 0.42 10.29
C GLU A 61 -35.71 -0.64 10.14
N GLN A 62 -35.52 -1.15 8.93
CA GLN A 62 -34.45 -2.13 8.72
C GLN A 62 -33.08 -1.47 8.86
N SER A 63 -32.96 -0.22 8.39
CA SER A 63 -31.69 0.49 8.51
C SER A 63 -31.33 0.76 9.97
N ILE A 64 -32.31 0.75 10.87
CA ILE A 64 -32.04 0.93 12.28
C ILE A 64 -31.86 -0.42 12.98
N LYS A 65 -32.80 -1.34 12.79
CA LYS A 65 -32.74 -2.60 13.51
C LYS A 65 -31.76 -3.59 12.91
N ASP A 66 -31.52 -3.52 11.61
CA ASP A 66 -30.69 -4.50 10.90
C ASP A 66 -29.73 -3.80 9.94
N PRO A 67 -28.86 -2.94 10.46
CA PRO A 67 -27.97 -2.18 9.56
C PRO A 67 -27.16 -3.06 8.62
N GLN A 68 -26.84 -4.29 9.04
CA GLN A 68 -26.02 -5.19 8.24
C GLN A 68 -26.74 -5.62 6.97
N GLY A 69 -27.99 -6.06 7.13
CA GLY A 69 -28.74 -6.51 5.97
C GLY A 69 -29.25 -5.40 5.08
N PHE A 70 -29.25 -4.16 5.58
CA PHE A 70 -29.70 -3.02 4.81
C PHE A 70 -28.54 -2.38 4.07
N PHE A 71 -27.48 -2.00 4.78
CA PHE A 71 -26.44 -1.21 4.14
C PHE A 71 -25.45 -2.07 3.37
N GLY A 72 -25.27 -3.33 3.77
CA GLY A 72 -24.38 -4.21 3.06
C GLY A 72 -24.75 -4.30 1.58
N PRO A 73 -26.00 -4.70 1.30
CA PRO A 73 -26.44 -4.76 -0.11
C PRO A 73 -26.37 -3.42 -0.84
N LEU A 74 -26.78 -2.34 -0.19
CA LEU A 74 -26.72 -1.03 -0.86
C LEU A 74 -25.29 -0.63 -1.15
N ALA A 75 -24.37 -0.94 -0.25
CA ALA A 75 -22.96 -0.64 -0.50
C ALA A 75 -22.45 -1.38 -1.72
N LYS A 76 -22.92 -2.62 -1.91
CA LYS A 76 -22.51 -3.43 -3.05
C LYS A 76 -23.10 -2.90 -4.35
N GLU A 77 -24.33 -2.37 -4.30
CA GLU A 77 -24.99 -1.82 -5.47
C GLU A 77 -24.34 -0.51 -5.92
N LEU A 78 -24.11 0.41 -4.97
CA LEU A 78 -23.79 1.78 -5.31
C LEU A 78 -22.30 2.08 -5.41
N LEU A 79 -21.43 1.21 -4.89
CA LEU A 79 -20.00 1.46 -4.92
C LEU A 79 -19.31 0.30 -5.62
N SER A 80 -18.18 0.63 -6.23
CA SER A 80 -17.34 -0.34 -6.91
C SER A 80 -16.15 -0.65 -6.03
N TRP A 81 -15.97 -1.91 -5.69
CA TRP A 81 -15.05 -2.33 -4.64
C TRP A 81 -13.83 -2.99 -5.24
N ASP A 82 -12.66 -2.59 -4.75
CA ASP A 82 -11.41 -3.26 -5.10
C ASP A 82 -11.17 -4.47 -4.23
N HIS A 83 -11.68 -4.44 -3.00
CA HIS A 83 -11.68 -5.61 -2.12
C HIS A 83 -13.01 -5.60 -1.39
N ASP A 84 -13.63 -6.78 -1.28
CA ASP A 84 -14.89 -6.87 -0.57
C ASP A 84 -14.69 -6.56 0.90
N PHE A 85 -15.75 -6.09 1.54
CA PHE A 85 -15.73 -5.92 2.98
C PHE A 85 -16.26 -7.19 3.64
N HIS A 86 -15.79 -7.43 4.87
CA HIS A 86 -16.21 -8.61 5.62
C HIS A 86 -17.14 -8.31 6.78
N THR A 87 -17.21 -7.06 7.20
CA THR A 87 -18.05 -6.64 8.32
C THR A 87 -18.65 -5.30 7.95
N VAL A 88 -19.97 -5.22 8.00
CA VAL A 88 -20.63 -3.99 7.58
C VAL A 88 -20.37 -2.86 8.58
N LYS A 89 -20.37 -3.17 9.88
CA LYS A 89 -20.48 -2.14 10.91
C LYS A 89 -19.70 -2.56 12.15
N SER A 90 -18.96 -1.62 12.72
CA SER A 90 -18.21 -1.89 13.95
C SER A 90 -18.18 -0.65 14.84
N GLY A 91 -18.05 -0.87 16.14
CA GLY A 91 -17.79 0.20 17.07
C GLY A 91 -19.06 0.80 17.63
N THR A 92 -18.88 1.72 18.56
CA THR A 92 -19.99 2.38 19.22
C THR A 92 -19.67 3.85 19.38
N LEU A 93 -20.73 4.66 19.49
CA LEU A 93 -20.53 6.08 19.71
C LEU A 93 -19.73 6.33 20.97
N LYS A 94 -20.08 5.63 22.06
CA LYS A 94 -19.50 5.93 23.36
C LYS A 94 -18.00 5.76 23.37
N ASN A 95 -17.48 4.81 22.59
CA ASN A 95 -16.04 4.58 22.51
C ASN A 95 -15.38 5.31 21.35
N GLY A 96 -16.15 5.95 20.48
CA GLY A 96 -15.50 6.67 19.40
C GLY A 96 -14.62 5.82 18.52
N ASP A 97 -15.08 4.61 18.16
CA ASP A 97 -14.33 3.72 17.28
C ASP A 97 -15.22 3.20 16.15
N ALA A 98 -16.10 4.06 15.62
CA ALA A 98 -17.00 3.67 14.55
C ALA A 98 -16.24 3.29 13.29
N ALA A 99 -16.80 2.34 12.55
CA ALA A 99 -16.22 1.85 11.32
C ALA A 99 -17.28 1.13 10.49
N TRP A 100 -17.16 1.24 9.16
CA TRP A 100 -18.09 0.62 8.22
C TRP A 100 -17.33 -0.06 7.09
N PHE A 101 -17.85 -1.20 6.66
CA PHE A 101 -17.32 -1.93 5.51
C PHE A 101 -15.85 -2.29 5.73
N LEU A 102 -15.58 -2.90 6.88
CA LEU A 102 -14.22 -3.20 7.29
C LEU A 102 -13.62 -4.25 6.38
N GLY A 103 -12.35 -4.06 6.06
CA GLY A 103 -11.64 -4.95 5.19
C GLY A 103 -11.79 -4.64 3.73
N GLY A 104 -12.72 -3.76 3.37
CA GLY A 104 -12.92 -3.43 1.98
C GLY A 104 -11.97 -2.35 1.51
N GLU A 105 -11.66 -2.40 0.22
CA GLU A 105 -10.79 -1.43 -0.41
C GLU A 105 -11.50 -0.89 -1.65
N LEU A 106 -11.29 0.41 -1.90
CA LEU A 106 -11.90 1.10 -3.04
C LEU A 106 -11.10 2.38 -3.29
N ASN A 107 -11.51 3.13 -4.31
CA ASN A 107 -10.91 4.44 -4.57
C ASN A 107 -12.00 5.43 -4.93
N ALA A 108 -11.95 6.61 -4.32
CA ALA A 108 -13.03 7.57 -4.51
C ALA A 108 -13.11 8.06 -5.96
N SER A 109 -11.97 8.35 -6.60
CA SER A 109 -12.05 8.91 -7.94
C SER A 109 -12.44 7.86 -8.96
N TYR A 110 -12.16 6.59 -8.70
CA TYR A 110 -12.66 5.56 -9.59
C TYR A 110 -14.18 5.51 -9.61
N ASN A 111 -14.81 5.58 -8.43
CA ASN A 111 -16.27 5.54 -8.35
C ASN A 111 -16.93 6.81 -8.84
N CYS A 112 -16.20 7.93 -8.87
CA CYS A 112 -16.74 9.21 -9.34
C CYS A 112 -16.44 9.52 -10.80
N VAL A 113 -15.42 8.89 -11.39
CA VAL A 113 -14.98 9.24 -12.73
C VAL A 113 -14.79 7.99 -13.59
N ASP A 114 -13.77 7.19 -13.25
CA ASP A 114 -13.35 6.11 -14.14
C ASP A 114 -14.52 5.25 -14.58
N ARG A 115 -15.34 4.78 -13.63
CA ARG A 115 -16.34 3.79 -14.00
C ARG A 115 -17.38 4.37 -14.95
N HIS A 116 -17.72 5.64 -14.77
CA HIS A 116 -18.65 6.28 -15.69
C HIS A 116 -17.98 6.61 -17.02
N ALA A 117 -16.71 7.00 -17.00
CA ALA A 117 -16.00 7.29 -18.24
C ALA A 117 -15.93 6.06 -19.14
N PHE A 118 -15.63 4.89 -18.57
CA PHE A 118 -15.62 3.66 -19.35
C PHE A 118 -16.99 3.36 -19.93
N ALA A 119 -18.05 3.59 -19.15
CA ALA A 119 -19.40 3.32 -19.63
C ALA A 119 -19.80 4.24 -20.78
N ASN A 120 -19.68 5.56 -20.58
CA ASN A 120 -20.08 6.55 -21.59
C ASN A 120 -19.12 7.74 -21.48
N PRO A 121 -18.01 7.69 -22.22
CA PRO A 121 -16.99 8.75 -22.05
C PRO A 121 -17.49 10.14 -22.38
N ASP A 122 -18.48 10.26 -23.26
CA ASP A 122 -18.93 11.57 -23.72
C ASP A 122 -20.02 12.19 -22.87
N LYS A 123 -20.52 11.51 -21.84
CA LYS A 123 -21.57 12.09 -21.01
C LYS A 123 -21.06 13.31 -20.24
N PRO A 124 -21.82 14.40 -20.19
CA PRO A 124 -21.36 15.56 -19.41
C PRO A 124 -21.24 15.19 -17.95
N ALA A 125 -20.16 15.64 -17.33
CA ALA A 125 -19.89 15.41 -15.91
C ALA A 125 -19.87 16.72 -15.13
N LEU A 126 -18.97 17.65 -15.47
CA LEU A 126 -18.90 18.97 -14.85
C LEU A 126 -19.45 20.02 -15.82
N ILE A 127 -20.63 20.55 -15.51
CA ILE A 127 -21.19 21.68 -16.25
C ILE A 127 -20.73 22.94 -15.52
N CYS A 128 -19.66 23.54 -16.00
CA CYS A 128 -19.01 24.64 -15.30
C CYS A 128 -19.55 25.97 -15.82
N GLU A 129 -20.20 26.74 -14.93
CA GLU A 129 -20.67 28.07 -15.25
C GLU A 129 -19.81 29.09 -14.52
N ALA A 130 -19.03 29.85 -15.29
CA ALA A 130 -18.06 30.79 -14.74
C ALA A 130 -18.72 32.08 -14.29
N ASP A 131 -17.94 32.88 -13.55
CA ASP A 131 -18.42 34.17 -13.11
C ASP A 131 -19.04 34.94 -14.28
N ASP A 132 -18.39 34.90 -15.42
CA ASP A 132 -18.93 35.49 -16.63
C ASP A 132 -19.19 34.37 -17.64
N GLU A 133 -20.44 34.29 -18.13
CA GLU A 133 -20.87 33.10 -18.88
C GLU A 133 -20.04 32.83 -20.13
N LYS A 134 -19.41 33.85 -20.72
CA LYS A 134 -18.56 33.59 -21.86
C LYS A 134 -17.52 32.53 -21.55
N ASP A 135 -17.05 32.47 -20.29
CA ASP A 135 -15.99 31.54 -19.92
C ASP A 135 -16.51 30.17 -19.48
N SER A 136 -17.81 29.91 -19.64
CA SER A 136 -18.36 28.63 -19.23
C SER A 136 -17.92 27.52 -20.19
N HIS A 137 -17.96 26.29 -19.70
CA HIS A 137 -17.55 25.15 -20.51
C HIS A 137 -18.05 23.89 -19.83
N ILE A 138 -18.04 22.80 -20.58
CA ILE A 138 -18.50 21.51 -20.08
C ILE A 138 -17.38 20.49 -20.20
N LEU A 139 -17.17 19.70 -19.15
CA LEU A 139 -16.23 18.59 -19.16
C LEU A 139 -17.02 17.27 -19.15
N THR A 140 -16.75 16.41 -20.12
CA THR A 140 -17.32 15.07 -20.08
C THR A 140 -16.59 14.21 -19.05
N TYR A 141 -17.17 13.02 -18.74
CA TYR A 141 -16.49 12.11 -17.82
C TYR A 141 -15.14 11.67 -18.37
N GLY A 142 -15.05 11.49 -19.69
CA GLY A 142 -13.76 11.24 -20.30
C GLY A 142 -12.78 12.39 -20.13
N ASP A 143 -13.26 13.63 -20.31
CA ASP A 143 -12.41 14.79 -20.06
C ASP A 143 -11.92 14.80 -18.63
N LEU A 144 -12.82 14.52 -17.69
CA LEU A 144 -12.48 14.57 -16.28
C LEU A 144 -11.46 13.49 -15.94
N LEU A 145 -11.59 12.31 -16.54
CA LEU A 145 -10.63 11.25 -16.26
C LEU A 145 -9.23 11.65 -16.69
N ARG A 146 -9.10 12.29 -17.85
CA ARG A 146 -7.78 12.67 -18.35
C ARG A 146 -7.18 13.79 -17.51
N GLU A 147 -8.02 14.77 -17.12
CA GLU A 147 -7.50 15.88 -16.32
C GLU A 147 -7.11 15.43 -14.94
N VAL A 148 -7.93 14.58 -14.31
CA VAL A 148 -7.60 14.04 -13.00
C VAL A 148 -6.34 13.19 -13.09
N SER A 149 -6.25 12.33 -14.10
CA SER A 149 -5.05 11.51 -14.25
C SER A 149 -3.80 12.37 -14.36
N LYS A 150 -3.87 13.49 -15.09
CA LYS A 150 -2.69 14.32 -15.30
C LYS A 150 -2.29 15.07 -14.03
N VAL A 151 -3.25 15.63 -13.30
CA VAL A 151 -2.92 16.29 -12.05
C VAL A 151 -2.39 15.28 -11.04
N ALA A 152 -3.01 14.10 -10.94
CA ALA A 152 -2.51 13.07 -10.04
C ALA A 152 -1.10 12.65 -10.46
N GLY A 153 -0.82 12.62 -11.76
CA GLY A 153 0.52 12.31 -12.20
C GLY A 153 1.56 13.30 -11.72
N VAL A 154 1.21 14.59 -11.73
CA VAL A 154 2.12 15.62 -11.21
C VAL A 154 2.35 15.40 -9.72
N LEU A 155 1.27 15.17 -8.97
CA LEU A 155 1.40 14.96 -7.52
C LEU A 155 2.21 13.71 -7.23
N GLN A 156 2.00 12.64 -8.01
CA GLN A 156 2.80 11.44 -7.84
C GLN A 156 4.28 11.75 -8.05
N SER A 157 4.59 12.48 -9.13
CA SER A 157 5.97 12.84 -9.40
C SER A 157 6.55 13.66 -8.25
N TRP A 158 5.72 14.42 -7.55
CA TRP A 158 6.17 15.27 -6.45
C TRP A 158 6.31 14.50 -5.15
N GLY A 159 5.99 13.22 -5.14
CA GLY A 159 6.13 12.39 -3.96
C GLY A 159 4.89 12.29 -3.12
N ILE A 160 3.78 12.88 -3.54
CA ILE A 160 2.53 12.70 -2.81
C ILE A 160 2.16 11.23 -2.89
N LYS A 161 1.77 10.66 -1.76
CA LYS A 161 1.41 9.26 -1.70
C LYS A 161 0.40 9.05 -0.60
N LYS A 162 -0.17 7.85 -0.60
CA LYS A 162 -1.15 7.46 0.40
C LYS A 162 -0.68 7.86 1.79
N GLY A 163 -1.56 8.57 2.49
CA GLY A 163 -1.26 9.08 3.79
C GLY A 163 -0.90 10.55 3.84
N ASP A 164 -0.52 11.16 2.72
CA ASP A 164 -0.23 12.58 2.75
C ASP A 164 -1.53 13.39 2.75
N THR A 165 -1.43 14.66 3.13
CA THR A 165 -2.51 15.62 2.99
C THR A 165 -2.11 16.74 2.05
N VAL A 166 -3.06 17.15 1.20
CA VAL A 166 -2.83 18.18 0.19
C VAL A 166 -3.91 19.25 0.34
N ALA A 167 -3.49 20.51 0.42
CA ALA A 167 -4.40 21.64 0.58
C ALA A 167 -4.84 22.13 -0.78
N VAL A 168 -6.11 22.54 -0.88
CA VAL A 168 -6.67 23.16 -2.08
C VAL A 168 -7.21 24.52 -1.69
N TYR A 169 -6.78 25.56 -2.41
CA TYR A 169 -7.26 26.93 -2.20
C TYR A 169 -7.66 27.46 -3.56
N LEU A 170 -8.89 27.17 -3.96
CA LEU A 170 -9.42 27.43 -5.29
C LEU A 170 -10.87 27.90 -5.22
N PRO A 171 -11.31 28.75 -6.17
CA PRO A 171 -12.75 29.08 -6.25
C PRO A 171 -13.58 27.91 -6.73
N MET A 172 -14.90 28.09 -6.80
CA MET A 172 -15.81 27.01 -7.13
C MET A 172 -15.82 26.86 -8.65
N ASN A 173 -14.91 26.04 -9.17
CA ASN A 173 -14.83 25.82 -10.61
C ASN A 173 -14.23 24.43 -10.86
N ALA A 174 -13.98 24.14 -12.14
CA ALA A 174 -13.52 22.81 -12.56
C ALA A 174 -12.24 22.40 -11.86
N GLN A 175 -11.27 23.31 -11.77
CA GLN A 175 -9.97 22.93 -11.25
C GLN A 175 -10.05 22.47 -9.79
N ALA A 176 -10.96 23.03 -8.99
CA ALA A 176 -11.10 22.57 -7.61
C ALA A 176 -11.62 21.13 -7.57
N ILE A 177 -12.61 20.83 -8.40
CA ILE A 177 -13.11 19.46 -8.48
C ILE A 177 -11.99 18.52 -8.91
N ILE A 178 -11.23 18.94 -9.91
CA ILE A 178 -10.17 18.09 -10.45
C ILE A 178 -9.11 17.87 -9.38
N ALA A 179 -8.78 18.92 -8.64
CA ALA A 179 -7.79 18.81 -7.59
C ALA A 179 -8.24 17.81 -6.53
N MET A 180 -9.47 17.94 -6.05
CA MET A 180 -9.95 17.05 -5.01
C MET A 180 -9.87 15.60 -5.50
N LEU A 181 -10.35 15.35 -6.72
CA LEU A 181 -10.39 13.98 -7.24
C LEU A 181 -9.00 13.43 -7.53
N ALA A 182 -8.05 14.29 -7.92
CA ALA A 182 -6.70 13.83 -8.18
C ALA A 182 -6.01 13.41 -6.88
N ILE A 183 -6.20 14.20 -5.83
CA ILE A 183 -5.63 13.85 -4.53
C ILE A 183 -6.19 12.52 -4.06
N ALA A 184 -7.52 12.36 -4.15
CA ALA A 184 -8.13 11.10 -3.72
C ALA A 184 -7.66 9.94 -4.58
N ARG A 185 -7.30 10.22 -5.83
CA ARG A 185 -6.88 9.15 -6.73
C ARG A 185 -5.60 8.51 -6.23
N LEU A 186 -4.73 9.30 -5.62
CA LEU A 186 -3.46 8.79 -5.10
C LEU A 186 -3.56 8.15 -3.72
N GLY A 187 -4.73 8.17 -3.10
CA GLY A 187 -4.91 7.71 -1.73
C GLY A 187 -4.61 8.75 -0.67
N ALA A 188 -4.36 9.99 -1.06
CA ALA A 188 -4.16 11.08 -0.12
C ALA A 188 -5.49 11.73 0.22
N ALA A 189 -5.47 12.58 1.24
CA ALA A 189 -6.65 13.28 1.71
C ALA A 189 -6.51 14.75 1.35
N HIS A 190 -7.55 15.30 0.73
CA HIS A 190 -7.56 16.71 0.41
C HIS A 190 -8.15 17.49 1.57
N SER A 191 -7.62 18.71 1.77
CA SER A 191 -8.16 19.67 2.73
C SER A 191 -8.47 20.96 1.98
N VAL A 192 -9.77 21.20 1.71
CA VAL A 192 -10.19 22.34 0.91
C VAL A 192 -10.42 23.56 1.79
N ILE A 193 -9.84 24.68 1.37
CA ILE A 193 -9.91 25.95 2.08
C ILE A 193 -10.74 26.92 1.24
N PHE A 194 -11.87 27.35 1.80
CA PHE A 194 -12.75 28.30 1.16
C PHE A 194 -11.99 29.52 0.65
N ALA A 195 -12.30 29.93 -0.58
CA ALA A 195 -11.59 31.05 -1.23
C ALA A 195 -11.80 32.38 -0.53
N GLY A 196 -12.80 32.48 0.33
CA GLY A 196 -12.98 33.69 1.11
C GLY A 196 -12.07 33.85 2.32
N PHE A 197 -11.28 32.83 2.66
CA PHE A 197 -10.41 32.89 3.83
C PHE A 197 -9.21 33.80 3.59
N SER A 198 -8.75 34.41 4.68
CA SER A 198 -7.57 35.26 4.65
C SER A 198 -6.31 34.40 4.76
N ALA A 199 -5.15 35.06 4.75
CA ALA A 199 -3.89 34.32 4.82
C ALA A 199 -3.73 33.59 6.15
N GLY A 200 -4.21 34.20 7.25
CA GLY A 200 -4.09 33.55 8.54
C GLY A 200 -4.87 32.25 8.63
N SER A 201 -6.10 32.25 8.13
CA SER A 201 -6.88 31.04 8.14
C SER A 201 -6.28 29.95 7.25
N ILE A 202 -5.69 30.34 6.13
CA ILE A 202 -4.95 29.37 5.31
C ILE A 202 -3.81 28.77 6.11
N LYS A 203 -3.00 29.62 6.74
CA LYS A 203 -1.86 29.18 7.53
C LYS A 203 -2.31 28.18 8.62
N ASP A 204 -3.37 28.53 9.35
CA ASP A 204 -3.84 27.66 10.42
C ASP A 204 -4.15 26.28 9.88
N ARG A 205 -4.91 26.22 8.78
CA ARG A 205 -5.36 24.93 8.27
C ARG A 205 -4.21 24.14 7.67
N VAL A 206 -3.34 24.80 6.90
CA VAL A 206 -2.22 24.10 6.29
C VAL A 206 -1.28 23.54 7.34
N ASN A 207 -1.05 24.29 8.42
CA ASN A 207 -0.08 23.85 9.42
C ASN A 207 -0.62 22.72 10.28
N ASP A 208 -1.92 22.73 10.59
CA ASP A 208 -2.48 21.66 11.40
C ASP A 208 -2.42 20.33 10.67
N ALA A 209 -2.69 20.35 9.36
CA ALA A 209 -2.68 19.15 8.53
C ALA A 209 -1.29 18.79 8.01
N SER A 210 -0.32 19.69 8.12
CA SER A 210 1.04 19.45 7.64
C SER A 210 1.01 19.02 6.18
N CYS A 211 0.35 19.82 5.35
CA CYS A 211 0.21 19.50 3.94
C CYS A 211 1.56 19.56 3.25
N LYS A 212 1.82 18.58 2.37
CA LYS A 212 3.06 18.59 1.60
C LYS A 212 2.98 19.46 0.36
N ALA A 213 1.77 19.70 -0.15
CA ALA A 213 1.60 20.45 -1.37
C ALA A 213 0.32 21.25 -1.27
N LEU A 214 0.24 22.29 -2.08
CA LEU A 214 -0.91 23.18 -2.17
C LEU A 214 -1.25 23.35 -3.64
N ILE A 215 -2.55 23.36 -3.95
CA ILE A 215 -3.07 23.61 -5.29
C ILE A 215 -3.93 24.86 -5.24
N THR A 216 -3.63 25.82 -6.11
CA THR A 216 -4.31 27.11 -6.08
C THR A 216 -4.30 27.68 -7.49
N CYS A 217 -4.71 28.94 -7.62
CA CYS A 217 -4.68 29.65 -8.89
C CYS A 217 -4.12 31.04 -8.63
N ASP A 218 -3.84 31.76 -9.72
CA ASP A 218 -3.23 33.08 -9.60
C ASP A 218 -4.20 34.10 -9.02
N GLU A 219 -5.39 34.19 -9.60
CA GLU A 219 -6.41 35.14 -9.18
C GLU A 219 -7.76 34.52 -9.39
N GLY A 220 -8.77 35.07 -8.72
CA GLY A 220 -10.14 34.63 -8.87
C GLY A 220 -11.06 35.69 -9.46
N LYS A 221 -12.23 35.27 -9.94
CA LYS A 221 -13.26 36.18 -10.42
C LYS A 221 -14.55 35.88 -9.68
N ARG A 222 -15.09 36.88 -8.99
CA ARG A 222 -16.37 36.77 -8.32
C ARG A 222 -17.12 38.08 -8.45
N GLY A 223 -18.38 37.99 -8.85
CA GLY A 223 -19.18 39.20 -9.06
C GLY A 223 -18.55 40.15 -10.03
N GLY A 224 -17.72 39.66 -10.95
CA GLY A 224 -17.03 40.49 -11.92
C GLY A 224 -15.81 41.19 -11.40
N ARG A 225 -15.50 41.09 -10.11
CA ARG A 225 -14.31 41.72 -9.58
C ARG A 225 -13.24 40.67 -9.34
N THR A 226 -11.99 41.06 -9.58
CA THR A 226 -10.86 40.17 -9.36
C THR A 226 -10.56 40.03 -7.87
N THR A 227 -10.25 38.80 -7.45
CA THR A 227 -9.92 38.47 -6.07
C THR A 227 -8.50 37.93 -6.04
N ASN A 228 -7.75 38.32 -5.02
CA ASN A 228 -6.36 37.88 -4.86
C ASN A 228 -6.31 36.51 -4.23
N ILE A 229 -5.82 35.52 -4.94
CA ILE A 229 -5.74 34.15 -4.44
C ILE A 229 -4.30 33.76 -4.15
N LYS A 230 -3.44 33.73 -5.18
CA LYS A 230 -2.04 33.39 -4.95
C LYS A 230 -1.39 34.36 -3.97
N LYS A 231 -1.84 35.62 -3.96
CA LYS A 231 -1.25 36.61 -3.07
C LYS A 231 -1.45 36.22 -1.61
N LEU A 232 -2.66 35.75 -1.28
CA LEU A 232 -2.93 35.30 0.08
C LEU A 232 -2.17 34.02 0.41
N CYS A 233 -1.98 33.12 -0.57
CA CYS A 233 -1.18 31.92 -0.32
C CYS A 233 0.26 32.28 0.01
N ASP A 234 0.86 33.14 -0.80
CA ASP A 234 2.24 33.52 -0.55
C ASP A 234 2.39 34.08 0.85
N GLU A 235 1.45 34.95 1.26
CA GLU A 235 1.50 35.51 2.61
C GLU A 235 1.45 34.43 3.67
N ALA A 236 0.57 33.44 3.51
CA ALA A 236 0.46 32.39 4.52
C ALA A 236 1.65 31.45 4.47
N LEU A 237 2.13 31.12 3.27
CA LEU A 237 3.10 30.05 3.13
C LEU A 237 4.46 30.38 3.74
N VAL A 238 4.75 31.66 4.03
CA VAL A 238 6.00 31.96 4.72
C VAL A 238 6.08 31.26 6.07
N ASP A 239 4.93 30.87 6.63
CA ASP A 239 4.84 30.18 7.92
C ASP A 239 4.29 28.77 7.77
N CYS A 240 4.36 28.19 6.57
CA CYS A 240 3.89 26.82 6.32
C CYS A 240 5.09 26.02 5.81
N PRO A 241 5.96 25.59 6.72
CA PRO A 241 7.19 24.91 6.29
C PRO A 241 6.98 23.51 5.77
N THR A 242 5.81 22.90 5.98
CA THR A 242 5.58 21.56 5.46
C THR A 242 5.27 21.55 3.96
N VAL A 243 4.91 22.69 3.38
CA VAL A 243 4.51 22.75 1.98
C VAL A 243 5.76 22.78 1.11
N GLU A 244 5.98 21.71 0.35
CA GLU A 244 7.15 21.58 -0.51
C GLU A 244 6.93 22.19 -1.90
N LYS A 245 5.73 22.07 -2.47
CA LYS A 245 5.50 22.52 -3.83
C LYS A 245 4.07 22.98 -4.01
N VAL A 246 3.88 23.95 -4.89
CA VAL A 246 2.58 24.55 -5.14
C VAL A 246 2.24 24.43 -6.63
N LEU A 247 1.00 24.06 -6.92
CA LEU A 247 0.51 24.00 -8.28
C LEU A 247 -0.45 25.16 -8.46
N VAL A 248 -0.17 26.00 -9.45
CA VAL A 248 -0.89 27.25 -9.70
C VAL A 248 -1.58 27.14 -11.05
N TYR A 249 -2.90 27.28 -11.05
CA TYR A 249 -3.68 27.35 -12.29
C TYR A 249 -3.82 28.79 -12.75
N LYS A 250 -3.77 28.99 -14.06
CA LYS A 250 -3.83 30.33 -14.66
C LYS A 250 -5.29 30.68 -14.92
N ARG A 251 -5.97 31.13 -13.86
CA ARG A 251 -7.37 31.54 -14.01
C ARG A 251 -7.49 32.86 -14.76
N THR A 252 -6.64 33.83 -14.45
CA THR A 252 -6.59 35.09 -15.17
C THR A 252 -5.33 35.25 -16.01
N ASN A 253 -4.32 34.43 -15.76
CA ASN A 253 -3.07 34.49 -16.49
C ASN A 253 -2.45 35.89 -16.42
N ASN A 254 -2.65 36.56 -15.29
CA ASN A 254 -2.06 37.87 -15.07
C ASN A 254 -0.54 37.73 -14.96
N PRO A 255 0.25 38.33 -15.86
CA PRO A 255 1.71 38.15 -15.78
C PRO A 255 2.32 38.68 -14.51
N GLU A 256 1.67 39.64 -13.84
CA GLU A 256 2.24 40.26 -12.66
C GLU A 256 2.24 39.36 -11.43
N ILE A 257 1.55 38.22 -11.48
CA ILE A 257 1.50 37.30 -10.35
C ILE A 257 2.79 36.50 -10.29
N HIS A 258 3.49 36.60 -9.17
CA HIS A 258 4.82 36.02 -9.03
C HIS A 258 4.72 34.59 -8.52
N LEU A 259 5.56 33.74 -9.09
CA LEU A 259 5.73 32.36 -8.62
C LEU A 259 7.10 32.24 -7.97
N THR A 260 7.14 31.73 -6.75
CA THR A 260 8.41 31.56 -6.06
C THR A 260 9.20 30.41 -6.67
N GLU A 261 10.45 30.69 -7.03
CA GLU A 261 11.29 29.71 -7.70
C GLU A 261 11.53 28.52 -6.78
N GLY A 262 11.45 27.32 -7.36
CA GLY A 262 11.70 26.09 -6.64
C GLY A 262 10.53 25.57 -5.84
N ARG A 263 9.46 26.32 -5.70
CA ARG A 263 8.28 25.90 -4.96
C ARG A 263 7.01 25.95 -5.80
N ASP A 264 6.85 26.98 -6.62
CA ASP A 264 5.63 27.20 -7.38
C ASP A 264 5.79 26.72 -8.81
N TYR A 265 4.78 25.99 -9.31
CA TYR A 265 4.79 25.50 -10.67
C TYR A 265 3.40 25.67 -11.27
N TYR A 266 3.38 25.91 -12.58
CA TYR A 266 2.12 26.21 -13.27
C TYR A 266 1.39 24.92 -13.63
N TRP A 267 0.07 24.95 -13.42
CA TRP A 267 -0.77 23.78 -13.68
C TRP A 267 -0.56 23.24 -15.10
N ASP A 268 -0.67 24.13 -16.10
CA ASP A 268 -0.60 23.73 -17.51
C ASP A 268 0.75 23.12 -17.88
N VAL A 269 1.84 23.71 -17.39
CA VAL A 269 3.16 23.21 -17.76
C VAL A 269 3.36 21.79 -17.22
N GLU A 270 3.00 21.57 -15.94
CA GLU A 270 3.30 20.30 -15.29
C GLU A 270 2.37 19.20 -15.78
N THR A 271 1.07 19.49 -15.89
CA THR A 271 0.15 18.47 -16.38
C THR A 271 0.50 18.04 -17.81
N ALA A 272 1.12 18.93 -18.59
CA ALA A 272 1.52 18.58 -19.94
C ALA A 272 2.59 17.49 -19.99
N LYS A 273 3.29 17.25 -18.88
CA LYS A 273 4.37 16.27 -18.81
C LYS A 273 3.89 14.83 -18.59
N PHE A 274 2.63 14.63 -18.25
CA PHE A 274 2.14 13.34 -17.80
C PHE A 274 0.91 12.90 -18.58
N PRO A 275 0.67 11.59 -18.65
CA PRO A 275 -0.38 11.07 -19.52
C PRO A 275 -1.77 11.16 -18.92
N GLY A 276 -2.75 11.01 -19.80
CA GLY A 276 -4.16 11.11 -19.52
C GLY A 276 -4.79 9.94 -18.82
N TYR A 277 -4.01 8.94 -18.45
CA TYR A 277 -4.49 7.89 -17.54
C TYR A 277 -3.43 7.62 -16.51
N LEU A 278 -3.86 7.48 -15.26
CA LEU A 278 -2.99 7.08 -14.16
C LEU A 278 -3.84 6.11 -13.35
N PRO A 279 -3.30 4.93 -13.01
CA PRO A 279 -4.08 3.97 -12.22
C PRO A 279 -4.42 4.53 -10.86
N PRO A 280 -5.67 4.40 -10.41
CA PRO A 280 -6.02 4.83 -9.06
C PRO A 280 -5.46 3.89 -8.00
N VAL A 281 -5.36 4.42 -6.80
CA VAL A 281 -4.71 3.75 -5.67
C VAL A 281 -5.79 3.24 -4.70
N SER A 282 -5.79 1.94 -4.44
CA SER A 282 -6.75 1.38 -3.50
C SER A 282 -6.45 1.87 -2.09
N VAL A 283 -7.52 2.22 -1.38
CA VAL A 283 -7.43 2.59 0.03
C VAL A 283 -8.45 1.78 0.80
N ASN A 284 -8.28 1.74 2.11
CA ASN A 284 -9.19 1.02 2.96
C ASN A 284 -10.48 1.81 3.12
N SER A 285 -11.57 1.09 3.39
CA SER A 285 -12.82 1.76 3.66
C SER A 285 -12.65 2.88 4.69
N GLU A 286 -11.82 2.66 5.71
CA GLU A 286 -11.69 3.62 6.79
C GLU A 286 -10.44 4.50 6.70
N ASP A 287 -9.72 4.43 5.59
CA ASP A 287 -8.67 5.43 5.38
C ASP A 287 -9.31 6.80 5.13
N PRO A 288 -8.73 7.88 5.66
CA PRO A 288 -9.38 9.19 5.54
C PRO A 288 -9.41 9.66 4.10
N LEU A 289 -10.62 10.04 3.66
CA LEU A 289 -10.79 10.64 2.34
C LEU A 289 -10.46 12.12 2.34
N PHE A 290 -10.89 12.86 3.36
CA PHE A 290 -10.60 14.29 3.36
C PHE A 290 -10.71 14.88 4.76
N LEU A 291 -10.06 16.03 4.93
CA LEU A 291 -10.19 16.89 6.09
C LEU A 291 -10.94 18.15 5.72
N LEU A 292 -11.90 18.55 6.53
CA LEU A 292 -12.63 19.80 6.30
C LEU A 292 -12.69 20.59 7.61
N TYR A 293 -11.97 21.72 7.65
CA TYR A 293 -11.81 22.45 8.91
C TYR A 293 -13.08 23.26 9.19
N THR A 294 -13.76 22.86 10.25
CA THR A 294 -14.95 23.50 10.78
C THR A 294 -14.65 24.39 11.98
N SER A 295 -15.42 25.47 12.10
CA SER A 295 -15.40 26.29 13.30
C SER A 295 -16.34 25.73 14.37
N GLY A 296 -15.91 25.84 15.62
CA GLY A 296 -16.70 25.36 16.73
C GLY A 296 -16.78 26.36 17.86
N SER A 297 -17.01 25.88 19.08
CA SER A 297 -16.96 26.74 20.25
C SER A 297 -15.58 26.68 20.90
N THR A 298 -14.57 26.99 20.11
CA THR A 298 -13.19 26.75 20.54
C THR A 298 -12.30 27.97 20.39
N GLY A 299 -12.39 28.66 19.26
CA GLY A 299 -11.44 29.69 18.95
C GLY A 299 -10.34 29.25 18.00
N THR A 300 -10.23 27.96 17.71
CA THR A 300 -9.39 27.48 16.63
C THR A 300 -10.15 26.44 15.80
N PRO A 301 -10.05 26.51 14.49
CA PRO A 301 -10.78 25.54 13.64
C PRO A 301 -10.27 24.13 13.84
N LYS A 302 -11.18 23.17 13.76
CA LYS A 302 -10.83 21.78 13.94
C LYS A 302 -11.08 21.04 12.64
N GLY A 303 -10.13 20.22 12.25
CA GLY A 303 -10.25 19.51 10.99
C GLY A 303 -11.08 18.24 11.09
N VAL A 304 -12.36 18.32 10.72
CA VAL A 304 -13.20 17.14 10.71
C VAL A 304 -12.69 16.17 9.64
N VAL A 305 -12.50 14.92 10.03
CA VAL A 305 -11.99 13.87 9.16
C VAL A 305 -13.13 12.96 8.73
N HIS A 306 -13.16 12.63 7.45
CA HIS A 306 -14.16 11.71 6.92
C HIS A 306 -13.47 10.50 6.29
N SER A 307 -14.06 9.34 6.54
CA SER A 307 -13.63 8.09 5.92
C SER A 307 -13.98 8.11 4.43
N THR A 308 -13.63 7.02 3.74
CA THR A 308 -13.85 6.85 2.32
C THR A 308 -15.16 6.12 2.00
N ALA A 309 -15.28 4.86 2.43
CA ALA A 309 -16.44 4.06 2.05
C ALA A 309 -17.72 4.61 2.65
N GLY A 310 -17.74 4.84 3.95
CA GLY A 310 -18.94 5.32 4.61
C GLY A 310 -19.41 6.66 4.08
N TYR A 311 -18.47 7.58 3.90
CA TYR A 311 -18.84 8.90 3.41
C TYR A 311 -19.44 8.83 2.01
N LEU A 312 -18.78 8.08 1.10
CA LEU A 312 -19.25 7.98 -0.28
C LEU A 312 -20.62 7.32 -0.33
N LEU A 313 -20.80 6.23 0.42
CA LEU A 313 -22.11 5.60 0.43
C LEU A 313 -23.18 6.56 0.92
N GLY A 314 -22.87 7.32 1.97
CA GLY A 314 -23.83 8.31 2.43
C GLY A 314 -24.16 9.31 1.35
N ALA A 315 -23.13 9.78 0.64
CA ALA A 315 -23.37 10.75 -0.43
C ALA A 315 -24.25 10.15 -1.50
N ALA A 316 -23.90 8.96 -1.98
CA ALA A 316 -24.68 8.34 -3.02
C ALA A 316 -26.11 8.08 -2.56
N LEU A 317 -26.26 7.52 -1.37
CA LEU A 317 -27.57 7.09 -0.90
C LEU A 317 -28.50 8.29 -0.74
N SER A 318 -28.04 9.33 -0.05
CA SER A 318 -28.87 10.50 0.19
C SER A 318 -29.19 11.22 -1.12
N THR A 319 -28.17 11.46 -1.95
CA THR A 319 -28.44 12.08 -3.24
C THR A 319 -29.51 11.30 -3.99
N LYS A 320 -29.36 9.98 -4.04
CA LYS A 320 -30.27 9.16 -4.84
C LYS A 320 -31.69 9.20 -4.28
N TYR A 321 -31.84 9.02 -2.97
CA TYR A 321 -33.15 8.79 -2.37
C TYR A 321 -33.81 10.05 -1.83
N ILE A 322 -33.05 10.98 -1.28
CA ILE A 322 -33.67 12.21 -0.79
C ILE A 322 -34.01 13.14 -1.95
N PHE A 323 -33.12 13.24 -2.93
CA PHE A 323 -33.38 14.14 -4.05
C PHE A 323 -34.08 13.46 -5.23
N ASP A 324 -34.18 12.13 -5.27
CA ASP A 324 -34.73 11.41 -6.40
C ASP A 324 -33.93 11.67 -7.69
N ILE A 325 -32.67 11.28 -7.66
CA ILE A 325 -31.77 11.45 -8.80
C ILE A 325 -31.71 10.16 -9.60
N HIS A 326 -31.90 10.29 -10.91
CA HIS A 326 -31.79 9.21 -11.85
C HIS A 326 -30.68 9.54 -12.85
N PRO A 327 -30.24 8.59 -13.67
CA PRO A 327 -29.15 8.89 -14.61
C PRO A 327 -29.46 10.04 -15.56
N GLU A 328 -30.72 10.28 -15.87
CA GLU A 328 -31.11 11.31 -16.82
C GLU A 328 -31.06 12.71 -16.24
N ASP A 329 -30.87 12.85 -14.93
CA ASP A 329 -31.07 14.12 -14.25
C ASP A 329 -29.83 15.03 -14.31
N ILE A 330 -30.03 16.29 -13.89
CA ILE A 330 -28.99 17.29 -13.83
C ILE A 330 -29.12 18.04 -12.50
N LEU A 331 -28.04 18.07 -11.74
CA LEU A 331 -28.06 18.60 -10.38
C LEU A 331 -27.29 19.91 -10.35
N PHE A 332 -27.93 20.94 -9.81
CA PHE A 332 -27.32 22.25 -9.61
C PHE A 332 -27.33 22.52 -8.12
N THR A 333 -26.19 22.29 -7.47
CA THR A 333 -26.00 22.63 -6.06
C THR A 333 -25.28 23.97 -6.02
N ALA A 334 -25.98 24.99 -5.55
CA ALA A 334 -25.44 26.34 -5.49
C ALA A 334 -24.64 26.51 -4.19
N GLY A 335 -23.56 25.73 -4.09
CA GLY A 335 -22.68 25.79 -2.95
C GLY A 335 -21.23 25.82 -3.40
N ASP A 336 -20.35 25.97 -2.41
CA ASP A 336 -18.91 26.04 -2.64
C ASP A 336 -18.28 24.83 -2.00
N VAL A 337 -17.33 24.20 -2.70
CA VAL A 337 -16.61 23.07 -2.11
C VAL A 337 -15.79 23.48 -0.90
N GLY A 338 -15.62 24.78 -0.65
CA GLY A 338 -15.01 25.20 0.60
C GLY A 338 -15.78 24.73 1.82
N TRP A 339 -17.04 24.38 1.63
CA TRP A 339 -17.93 23.91 2.69
C TRP A 339 -18.44 22.51 2.39
N ILE A 340 -19.10 21.93 3.38
CA ILE A 340 -19.45 20.51 3.28
C ILE A 340 -20.49 20.29 2.20
N THR A 341 -21.37 21.27 1.97
CA THR A 341 -22.41 21.09 0.95
C THR A 341 -21.82 20.89 -0.43
N GLY A 342 -20.76 21.64 -0.76
CA GLY A 342 -20.08 21.43 -2.02
C GLY A 342 -19.41 20.07 -2.11
N HIS A 343 -18.75 19.65 -1.03
CA HIS A 343 -18.14 18.32 -1.01
C HIS A 343 -19.15 17.25 -1.39
N THR A 344 -20.29 17.22 -0.69
CA THR A 344 -21.16 16.06 -0.74
C THR A 344 -22.15 16.11 -1.90
N TYR A 345 -22.73 17.26 -2.17
CA TYR A 345 -23.81 17.33 -3.14
C TYR A 345 -23.51 18.13 -4.40
N ALA A 346 -22.32 18.74 -4.49
CA ALA A 346 -21.85 19.26 -5.76
C ALA A 346 -20.82 18.36 -6.42
N LEU A 347 -20.06 17.58 -5.64
CA LEU A 347 -19.02 16.73 -6.19
C LEU A 347 -19.37 15.25 -5.98
N TYR A 348 -19.34 14.75 -4.73
CA TYR A 348 -19.30 13.30 -4.51
C TYR A 348 -20.64 12.62 -4.79
N GLY A 349 -21.73 13.15 -4.27
CA GLY A 349 -23.04 12.57 -4.51
C GLY A 349 -23.35 12.38 -6.00
N PRO A 350 -23.38 13.48 -6.76
CA PRO A 350 -23.82 13.35 -8.16
C PRO A 350 -22.82 12.58 -9.02
N LEU A 351 -21.52 12.81 -8.84
CA LEU A 351 -20.57 12.09 -9.67
C LEU A 351 -20.58 10.60 -9.34
N LEU A 352 -20.70 10.24 -8.06
CA LEU A 352 -20.85 8.82 -7.73
C LEU A 352 -21.99 8.22 -8.51
N LEU A 353 -23.11 8.94 -8.62
CA LEU A 353 -24.26 8.44 -9.34
C LEU A 353 -24.15 8.57 -10.85
N GLY A 354 -23.12 9.27 -11.36
CA GLY A 354 -22.85 9.36 -12.78
C GLY A 354 -23.63 10.40 -13.55
N VAL A 355 -24.19 11.40 -12.87
CA VAL A 355 -24.99 12.44 -13.51
C VAL A 355 -24.16 13.71 -13.63
N PRO A 356 -24.55 14.64 -14.50
CA PRO A 356 -23.85 15.93 -14.56
C PRO A 356 -24.16 16.77 -13.34
N THR A 357 -23.19 17.59 -12.95
CA THR A 357 -23.33 18.52 -11.83
C THR A 357 -22.84 19.88 -12.25
N ILE A 358 -23.57 20.93 -11.84
CA ILE A 358 -23.30 22.29 -12.29
C ILE A 358 -22.45 22.98 -11.25
N ILE A 359 -21.30 23.49 -11.69
CA ILE A 359 -20.31 24.13 -10.82
C ILE A 359 -20.32 25.62 -11.15
N PHE A 360 -20.86 26.44 -10.24
CA PHE A 360 -21.07 27.86 -10.47
C PHE A 360 -20.03 28.67 -9.69
N GLU A 361 -19.19 29.40 -10.42
CA GLU A 361 -18.08 30.17 -9.87
C GLU A 361 -18.50 31.51 -9.30
N GLY A 362 -19.57 32.11 -9.80
CA GLY A 362 -19.96 33.45 -9.46
C GLY A 362 -21.02 33.53 -8.39
N THR A 363 -21.74 34.65 -8.37
CA THR A 363 -22.77 34.95 -7.40
C THR A 363 -24.15 34.90 -8.02
N PRO A 364 -25.21 34.82 -7.20
CA PRO A 364 -26.58 34.83 -7.73
C PRO A 364 -26.98 36.14 -8.35
N ALA A 365 -26.21 37.21 -8.12
CA ALA A 365 -26.57 38.56 -8.54
C ALA A 365 -25.82 39.05 -9.78
N TYR A 366 -24.70 38.42 -10.13
CA TYR A 366 -23.91 38.88 -11.26
C TYR A 366 -24.14 37.96 -12.45
N PRO A 367 -24.44 38.50 -13.62
CA PRO A 367 -24.59 39.92 -13.95
C PRO A 367 -25.92 40.51 -13.49
N ASP A 368 -26.94 39.68 -13.22
CA ASP A 368 -28.18 40.15 -12.61
C ASP A 368 -28.76 39.03 -11.75
N TYR A 369 -29.85 39.33 -11.04
CA TYR A 369 -30.46 38.43 -10.08
C TYR A 369 -31.29 37.29 -10.71
N GLY A 370 -31.13 37.07 -12.01
CA GLY A 370 -31.68 35.92 -12.68
C GLY A 370 -30.66 34.88 -13.06
N ARG A 371 -29.43 34.97 -12.56
CA ARG A 371 -28.38 34.08 -13.02
C ARG A 371 -28.70 32.63 -12.68
N PHE A 372 -29.13 32.36 -11.43
CA PHE A 372 -29.51 30.99 -11.10
C PHE A 372 -30.48 30.44 -12.14
N TRP A 373 -31.47 31.23 -12.52
CA TRP A 373 -32.50 30.75 -13.41
C TRP A 373 -32.01 30.66 -14.85
N GLN A 374 -31.13 31.57 -15.26
CA GLN A 374 -30.51 31.42 -16.57
C GLN A 374 -29.81 30.08 -16.68
N ILE A 375 -29.04 29.72 -15.65
CA ILE A 375 -28.31 28.45 -15.64
C ILE A 375 -29.27 27.28 -15.72
N VAL A 376 -30.31 27.29 -14.89
CA VAL A 376 -31.24 26.16 -14.86
C VAL A 376 -31.86 25.96 -16.23
N GLU A 377 -32.35 27.05 -16.85
CA GLU A 377 -32.96 26.98 -18.17
C GLU A 377 -31.95 26.57 -19.23
N LYS A 378 -30.73 27.08 -19.15
CA LYS A 378 -29.72 26.78 -20.16
C LYS A 378 -29.44 25.29 -20.21
N HIS A 379 -29.26 24.64 -19.05
CA HIS A 379 -28.87 23.24 -18.99
C HIS A 379 -30.02 22.32 -18.61
N LYS A 380 -31.25 22.83 -18.56
CA LYS A 380 -32.40 22.03 -18.24
C LYS A 380 -32.15 21.21 -16.97
N ALA A 381 -31.70 21.90 -15.93
CA ALA A 381 -31.45 21.24 -14.66
C ALA A 381 -32.75 20.72 -14.06
N THR A 382 -32.68 19.52 -13.47
CA THR A 382 -33.84 18.91 -12.85
C THR A 382 -33.86 19.08 -11.32
N HIS A 383 -32.73 19.38 -10.69
CA HIS A 383 -32.64 19.50 -9.24
C HIS A 383 -31.85 20.75 -8.90
N PHE A 384 -32.34 21.49 -7.92
CA PHE A 384 -31.72 22.75 -7.49
C PHE A 384 -31.60 22.74 -5.97
N TYR A 385 -30.43 23.10 -5.45
CA TYR A 385 -30.09 22.96 -4.03
C TYR A 385 -29.41 24.23 -3.54
N VAL A 386 -30.03 24.96 -2.62
CA VAL A 386 -29.56 26.30 -2.27
C VAL A 386 -29.82 26.60 -0.79
N ALA A 387 -29.16 27.65 -0.28
CA ALA A 387 -29.30 28.11 1.09
C ALA A 387 -30.40 29.16 1.21
N PRO A 388 -31.21 29.11 2.27
CA PRO A 388 -32.27 30.12 2.42
C PRO A 388 -31.77 31.55 2.39
N THR A 389 -30.52 31.82 2.76
CA THR A 389 -30.05 33.20 2.70
C THR A 389 -30.19 33.74 1.28
N ALA A 390 -29.83 32.93 0.28
CA ALA A 390 -29.96 33.34 -1.11
C ALA A 390 -31.41 33.56 -1.49
N LEU A 391 -32.30 32.69 -1.03
CA LEU A 391 -33.71 32.87 -1.31
C LEU A 391 -34.20 34.21 -0.79
N ARG A 392 -33.74 34.59 0.40
CA ARG A 392 -34.14 35.89 0.95
C ARG A 392 -33.64 37.02 0.07
N LEU A 393 -32.43 36.89 -0.46
CA LEU A 393 -31.88 37.91 -1.35
C LEU A 393 -32.70 38.04 -2.63
N LEU A 394 -32.93 36.91 -3.30
CA LEU A 394 -33.68 36.95 -4.55
C LEU A 394 -35.11 37.38 -4.32
N ARG A 395 -35.72 37.00 -3.19
CA ARG A 395 -37.04 37.52 -2.87
C ARG A 395 -37.03 39.04 -2.71
N LYS A 396 -35.97 39.59 -2.12
CA LYS A 396 -35.93 41.03 -1.86
C LYS A 396 -35.61 41.83 -3.12
N ALA A 397 -34.75 41.29 -4.00
CA ALA A 397 -34.18 42.07 -5.10
C ALA A 397 -34.43 41.51 -6.49
N GLY A 398 -34.68 40.21 -6.65
CA GLY A 398 -34.65 39.63 -7.98
C GLY A 398 -35.90 38.87 -8.37
N GLU A 399 -37.01 39.18 -7.69
CA GLU A 399 -38.25 38.45 -7.96
C GLU A 399 -38.71 38.68 -9.39
N GLN A 400 -38.54 39.90 -9.90
CA GLN A 400 -38.97 40.20 -11.27
C GLN A 400 -38.21 39.36 -12.30
N GLU A 401 -37.00 38.90 -11.96
CA GLU A 401 -36.19 38.19 -12.95
C GLU A 401 -36.73 36.80 -13.25
N ILE A 402 -37.44 36.19 -12.31
CA ILE A 402 -37.86 34.80 -12.46
C ILE A 402 -38.68 34.61 -13.72
N ALA A 403 -39.60 35.54 -14.00
CA ALA A 403 -40.55 35.36 -15.10
C ALA A 403 -39.86 35.29 -16.45
N LYS A 404 -38.60 35.69 -16.53
CA LYS A 404 -37.84 35.69 -17.76
C LYS A 404 -37.35 34.32 -18.18
N TYR A 405 -37.46 33.32 -17.32
CA TYR A 405 -36.80 32.05 -17.58
C TYR A 405 -37.78 30.90 -17.54
N ASP A 406 -37.50 29.87 -18.33
CA ASP A 406 -38.26 28.62 -18.30
C ASP A 406 -37.67 27.73 -17.21
N LEU A 407 -38.45 27.46 -16.17
CA LEU A 407 -37.98 26.61 -15.07
C LEU A 407 -38.73 25.28 -14.99
N SER A 408 -39.40 24.91 -16.09
CA SER A 408 -40.21 23.71 -16.13
C SER A 408 -39.39 22.43 -16.06
N SER A 409 -38.07 22.49 -16.18
CA SER A 409 -37.26 21.27 -16.07
C SER A 409 -37.04 20.84 -14.63
N LEU A 410 -37.25 21.72 -13.66
CA LEU A 410 -37.03 21.39 -12.26
C LEU A 410 -38.18 20.54 -11.73
N ARG A 411 -37.85 19.62 -10.81
CA ARG A 411 -38.86 18.91 -10.04
C ARG A 411 -38.54 18.78 -8.56
N THR A 412 -37.27 18.90 -8.16
CA THR A 412 -36.86 18.82 -6.77
C THR A 412 -36.12 20.09 -6.41
N LEU A 413 -36.56 20.76 -5.34
CA LEU A 413 -35.98 21.98 -4.83
C LEU A 413 -35.54 21.76 -3.39
N GLY A 414 -34.25 21.98 -3.12
CA GLY A 414 -33.66 21.67 -1.85
C GLY A 414 -33.25 22.92 -1.09
N SER A 415 -33.31 22.85 0.23
CA SER A 415 -32.88 23.92 1.13
C SER A 415 -31.86 23.32 2.09
N VAL A 416 -30.79 24.06 2.39
CA VAL A 416 -29.66 23.50 3.11
C VAL A 416 -29.02 24.58 3.97
N GLY A 417 -28.51 24.15 5.13
CA GLY A 417 -27.54 24.92 5.87
C GLY A 417 -28.11 25.81 6.95
N GLU A 418 -29.42 25.97 7.03
CA GLU A 418 -30.03 26.88 7.99
C GLU A 418 -31.54 26.69 7.93
N PRO A 419 -32.26 27.18 8.93
CA PRO A 419 -33.72 27.02 8.91
C PRO A 419 -34.31 27.80 7.75
N ILE A 420 -35.38 27.24 7.19
CA ILE A 420 -36.18 27.86 6.14
C ILE A 420 -37.53 28.24 6.74
N SER A 421 -37.81 29.53 6.81
CA SER A 421 -39.07 29.97 7.39
C SER A 421 -40.23 29.51 6.53
N PRO A 422 -41.40 29.31 7.13
CA PRO A 422 -42.56 28.92 6.31
C PRO A 422 -42.86 29.89 5.20
N ASP A 423 -42.60 31.19 5.40
CA ASP A 423 -42.82 32.16 4.33
C ASP A 423 -41.87 31.93 3.17
N ILE A 424 -40.57 31.77 3.46
CA ILE A 424 -39.62 31.50 2.39
C ILE A 424 -39.91 30.15 1.76
N TRP A 425 -40.32 29.18 2.56
CA TRP A 425 -40.72 27.90 1.99
C TRP A 425 -41.82 28.11 0.95
N GLU A 426 -42.81 28.94 1.27
CA GLU A 426 -43.87 29.23 0.29
C GLU A 426 -43.32 29.99 -0.90
N TRP A 427 -42.44 30.96 -0.67
CA TRP A 427 -41.86 31.71 -1.80
C TRP A 427 -41.08 30.78 -2.71
N TYR A 428 -40.23 29.95 -2.14
CA TYR A 428 -39.50 28.96 -2.92
C TYR A 428 -40.48 28.09 -3.71
N ASN A 429 -41.55 27.65 -3.06
CA ASN A 429 -42.50 26.75 -3.67
C ASN A 429 -43.23 27.39 -4.85
N GLU A 430 -43.58 28.67 -4.73
CA GLU A 430 -44.42 29.33 -5.73
C GLU A 430 -43.60 29.93 -6.87
N PHE A 431 -42.65 30.80 -6.56
CA PHE A 431 -41.97 31.55 -7.61
C PHE A 431 -40.92 30.74 -8.33
N VAL A 432 -40.25 29.79 -7.66
CA VAL A 432 -39.29 28.95 -8.33
C VAL A 432 -39.90 27.63 -8.76
N GLY A 433 -40.60 26.95 -7.85
CA GLY A 433 -41.17 25.67 -8.16
C GLY A 433 -42.45 25.73 -8.94
N LYS A 434 -43.11 26.88 -8.95
CA LYS A 434 -44.40 27.05 -9.63
C LYS A 434 -45.48 26.16 -9.02
N ASN A 435 -45.32 25.86 -7.72
CA ASN A 435 -46.22 24.95 -7.00
C ASN A 435 -46.31 23.59 -7.70
N GLN A 436 -45.24 23.20 -8.39
CA GLN A 436 -45.20 21.94 -9.13
C GLN A 436 -44.01 21.08 -8.76
N CYS A 437 -43.18 21.50 -7.82
CA CYS A 437 -41.99 20.76 -7.44
C CYS A 437 -42.13 20.22 -6.03
N HIS A 438 -41.27 19.27 -5.72
CA HIS A 438 -41.11 18.81 -4.35
C HIS A 438 -40.00 19.61 -3.69
N ILE A 439 -40.22 19.99 -2.44
CA ILE A 439 -39.25 20.76 -1.67
C ILE A 439 -38.66 19.85 -0.62
N SER A 440 -37.33 19.78 -0.57
CA SER A 440 -36.60 18.96 0.39
C SER A 440 -35.79 19.88 1.29
N ASP A 441 -36.34 20.17 2.47
CA ASP A 441 -35.60 20.88 3.51
C ASP A 441 -34.68 19.87 4.20
N THR A 442 -33.38 19.92 3.91
CA THR A 442 -32.43 18.94 4.40
C THR A 442 -31.68 19.47 5.62
N TYR A 443 -31.84 18.78 6.75
CA TYR A 443 -31.08 19.08 7.95
C TYR A 443 -29.90 18.12 8.04
N TRP A 444 -28.73 18.69 8.28
CA TRP A 444 -27.50 17.93 8.48
C TRP A 444 -26.38 18.91 8.85
N GLN A 445 -25.15 18.41 8.95
CA GLN A 445 -24.04 19.24 9.38
C GLN A 445 -22.74 18.66 8.81
N THR A 446 -21.66 19.44 8.94
CA THR A 446 -20.37 18.99 8.43
C THR A 446 -20.00 17.61 8.94
N GLU A 447 -20.20 17.37 10.24
CA GLU A 447 -19.78 16.12 10.87
C GLU A 447 -20.66 14.95 10.47
N SER A 448 -21.87 15.18 9.95
CA SER A 448 -22.71 14.06 9.55
C SER A 448 -22.34 13.51 8.18
N GLY A 449 -21.59 14.27 7.39
CA GLY A 449 -21.18 13.79 6.09
C GLY A 449 -22.28 13.89 5.04
N SER A 450 -23.53 13.64 5.43
CA SER A 450 -24.64 13.64 4.49
C SER A 450 -25.92 13.90 5.27
N HIS A 451 -27.05 13.86 4.55
CA HIS A 451 -28.35 14.25 5.10
C HIS A 451 -28.72 13.39 6.29
N LEU A 452 -29.29 14.05 7.32
CA LEU A 452 -29.77 13.40 8.53
C LEU A 452 -31.29 13.36 8.65
N ILE A 453 -31.95 14.50 8.46
CA ILE A 453 -33.40 14.59 8.48
C ILE A 453 -33.81 15.40 7.26
N ALA A 454 -34.63 14.81 6.40
CA ALA A 454 -35.03 15.46 5.17
C ALA A 454 -36.23 14.76 4.56
N PRO A 455 -37.15 15.47 3.92
CA PRO A 455 -38.28 14.80 3.28
C PRO A 455 -37.88 14.28 1.90
N LEU A 456 -38.02 12.99 1.69
CA LEU A 456 -37.62 12.37 0.43
C LEU A 456 -38.53 12.83 -0.69
N ALA A 457 -37.92 13.21 -1.81
CA ALA A 457 -38.62 13.75 -2.96
C ALA A 457 -39.58 12.72 -3.55
N GLY A 458 -40.85 13.07 -3.60
CA GLY A 458 -41.86 12.18 -4.15
C GLY A 458 -42.41 11.17 -3.17
N VAL A 459 -42.02 11.23 -1.89
CA VAL A 459 -42.42 10.22 -0.91
C VAL A 459 -43.04 10.86 0.31
N VAL A 460 -42.37 11.84 0.90
CA VAL A 460 -42.73 12.38 2.20
C VAL A 460 -43.50 13.68 2.02
N PRO A 461 -44.74 13.79 2.51
CA PRO A 461 -45.41 15.09 2.53
C PRO A 461 -44.67 16.08 3.40
N ASN A 462 -44.78 17.36 3.05
CA ASN A 462 -44.03 18.41 3.71
C ASN A 462 -44.90 19.18 4.69
N LYS A 463 -44.28 19.61 5.79
CA LYS A 463 -44.80 20.69 6.61
C LYS A 463 -43.81 21.84 6.48
N PRO A 464 -44.17 22.97 5.89
CA PRO A 464 -43.16 24.02 5.64
C PRO A 464 -42.43 24.42 6.91
N GLY A 465 -41.10 24.33 6.86
CA GLY A 465 -40.28 24.62 8.02
C GLY A 465 -39.86 23.41 8.83
N SER A 466 -40.27 22.22 8.41
CA SER A 466 -39.94 20.97 9.08
C SER A 466 -39.04 20.10 8.19
N ALA A 467 -37.96 19.60 8.76
CA ALA A 467 -37.12 18.66 8.03
C ALA A 467 -37.77 17.28 7.90
N SER A 468 -38.88 17.04 8.59
CA SER A 468 -39.66 15.80 8.53
C SER A 468 -38.92 14.61 9.18
N TYR A 469 -38.86 13.47 8.49
CA TYR A 469 -38.42 12.21 9.09
C TYR A 469 -36.90 12.04 9.02
N PRO A 470 -36.31 11.28 9.94
CA PRO A 470 -34.88 10.97 9.84
C PRO A 470 -34.62 9.97 8.73
N PHE A 471 -33.41 10.04 8.18
CA PHE A 471 -33.03 9.26 7.00
C PHE A 471 -32.47 7.88 7.38
N PHE A 472 -32.35 7.02 6.37
CA PHE A 472 -31.78 5.69 6.58
C PHE A 472 -30.55 5.74 7.48
N GLY A 473 -30.53 4.85 8.47
CA GLY A 473 -29.43 4.73 9.41
C GLY A 473 -29.34 5.80 10.48
N ILE A 474 -30.30 6.70 10.56
CA ILE A 474 -30.29 7.81 11.51
C ILE A 474 -31.38 7.58 12.54
N ASP A 475 -31.00 7.18 13.74
CA ASP A 475 -31.95 6.96 14.82
C ASP A 475 -31.94 8.22 15.68
N ALA A 476 -32.86 9.13 15.37
CA ALA A 476 -32.90 10.43 16.02
C ALA A 476 -33.62 10.35 17.35
N ALA A 477 -33.23 11.23 18.27
CA ALA A 477 -33.82 11.26 19.60
C ALA A 477 -33.74 12.66 20.16
N LEU A 478 -34.61 12.94 21.11
CA LEU A 478 -34.59 14.19 21.85
C LEU A 478 -34.21 13.88 23.28
N ILE A 479 -33.29 14.67 23.84
CA ILE A 479 -32.83 14.47 25.21
C ILE A 479 -33.25 15.67 26.05
N ASP A 480 -33.66 15.39 27.29
CA ASP A 480 -34.07 16.44 28.20
C ASP A 480 -32.85 17.23 28.66
N PRO A 481 -32.81 18.54 28.46
CA PRO A 481 -31.61 19.31 28.83
C PRO A 481 -31.30 19.23 30.32
N VAL A 482 -32.30 18.96 31.15
CA VAL A 482 -32.13 18.93 32.59
C VAL A 482 -31.71 17.55 33.09
N THR A 483 -32.43 16.51 32.67
CA THR A 483 -32.17 15.16 33.16
C THR A 483 -31.13 14.42 32.36
N GLY A 484 -30.87 14.84 31.12
CA GLY A 484 -29.96 14.10 30.27
C GLY A 484 -30.53 12.78 29.83
N VAL A 485 -31.84 12.64 29.91
CA VAL A 485 -32.56 11.41 29.58
C VAL A 485 -33.32 11.56 28.28
N GLU A 486 -33.29 10.52 27.46
CA GLU A 486 -34.05 10.52 26.20
C GLU A 486 -35.54 10.66 26.50
N ILE A 487 -36.22 11.41 25.64
CA ILE A 487 -37.62 11.75 25.80
C ILE A 487 -38.45 10.79 24.96
N GLU A 488 -39.19 9.91 25.62
CA GLU A 488 -40.13 9.05 24.94
C GLU A 488 -41.36 9.86 24.55
N GLY A 489 -41.99 9.49 23.45
CA GLY A 489 -43.23 10.12 23.08
C GLY A 489 -43.06 11.41 22.29
N ASN A 490 -44.15 11.82 21.65
CA ASN A 490 -44.12 12.93 20.73
C ASN A 490 -44.69 14.19 21.38
N ASP A 491 -44.68 15.29 20.62
CA ASP A 491 -44.99 16.65 21.12
C ASP A 491 -43.97 17.05 22.20
N ALA A 492 -42.69 16.93 21.84
CA ALA A 492 -41.58 17.11 22.75
C ALA A 492 -40.54 18.06 22.16
N GLU A 493 -39.69 18.58 23.05
CA GLU A 493 -38.57 19.42 22.67
C GLU A 493 -37.36 19.02 23.51
N GLY A 494 -36.17 19.15 22.95
CA GLY A 494 -34.97 18.83 23.69
C GLY A 494 -33.74 18.89 22.80
N VAL A 495 -32.64 18.40 23.36
CA VAL A 495 -31.39 18.33 22.61
C VAL A 495 -31.49 17.23 21.56
N LEU A 496 -31.08 17.53 20.34
CA LEU A 496 -31.17 16.60 19.23
C LEU A 496 -29.94 15.70 19.25
N ALA A 497 -30.17 14.39 19.34
CA ALA A 497 -29.10 13.42 19.46
C ALA A 497 -29.39 12.22 18.58
N ILE A 498 -28.34 11.49 18.24
CA ILE A 498 -28.47 10.28 17.44
C ILE A 498 -27.95 9.09 18.24
N LYS A 499 -28.66 7.97 18.15
CA LYS A 499 -28.49 6.86 19.06
C LYS A 499 -27.49 5.82 18.58
N ASP A 500 -26.98 5.94 17.36
CA ASP A 500 -25.96 5.01 16.87
C ASP A 500 -25.26 5.71 15.71
N HIS A 501 -24.05 5.26 15.41
CA HIS A 501 -23.35 5.92 14.31
C HIS A 501 -23.90 5.43 12.97
N TRP A 502 -23.56 6.17 11.93
CA TRP A 502 -24.05 5.93 10.58
C TRP A 502 -22.86 6.00 9.63
N PRO A 503 -23.01 5.48 8.41
CA PRO A 503 -21.82 5.28 7.55
C PRO A 503 -20.97 6.51 7.35
N SER A 504 -21.59 7.66 7.09
CA SER A 504 -20.84 8.84 6.70
C SER A 504 -20.48 9.73 7.88
N MET A 505 -20.67 9.26 9.09
CA MET A 505 -20.32 10.06 10.26
C MET A 505 -18.83 10.32 10.30
N ALA A 506 -18.45 11.54 10.65
CA ALA A 506 -17.03 11.87 10.77
C ALA A 506 -16.38 10.99 11.83
N ARG A 507 -15.15 10.60 11.57
CA ARG A 507 -14.48 9.61 12.41
C ARG A 507 -13.56 10.22 13.46
N THR A 508 -13.06 11.44 13.28
CA THR A 508 -12.18 12.03 14.27
C THR A 508 -11.99 13.51 13.92
N VAL A 509 -11.26 14.19 14.79
CA VAL A 509 -10.70 15.51 14.49
C VAL A 509 -9.20 15.31 14.36
N TYR A 510 -8.63 15.79 13.25
CA TYR A 510 -7.29 15.40 12.85
C TYR A 510 -6.29 15.59 13.97
N LYS A 511 -5.68 14.49 14.40
CA LYS A 511 -4.66 14.47 15.46
C LYS A 511 -5.19 15.04 16.78
N ASN A 512 -6.52 15.13 16.94
CA ASN A 512 -7.09 15.55 18.20
C ASN A 512 -8.39 14.77 18.46
N HIS A 513 -8.25 13.47 18.68
CA HIS A 513 -9.43 12.64 18.93
C HIS A 513 -10.10 12.98 20.25
N THR A 514 -9.38 13.60 21.19
CA THR A 514 -10.00 13.98 22.44
C THR A 514 -11.02 15.09 22.25
N LYS A 515 -10.67 16.11 21.45
CA LYS A 515 -11.64 17.16 21.13
C LYS A 515 -12.86 16.56 20.45
N TYR A 516 -12.64 15.58 19.58
CA TYR A 516 -13.76 14.89 18.97
C TYR A 516 -14.67 14.29 20.03
N MET A 517 -14.09 13.52 20.94
CA MET A 517 -14.90 12.85 21.95
C MET A 517 -15.59 13.86 22.85
N ASP A 518 -14.86 14.89 23.31
CA ASP A 518 -15.47 15.86 24.21
C ASP A 518 -16.58 16.65 23.55
N THR A 519 -16.51 16.83 22.22
CA THR A 519 -17.49 17.64 21.51
C THR A 519 -18.72 16.83 21.16
N TYR A 520 -18.55 15.62 20.62
CA TYR A 520 -19.67 14.89 20.03
C TYR A 520 -20.16 13.72 20.85
N MET A 521 -19.29 12.98 21.52
CA MET A 521 -19.66 11.69 22.11
C MET A 521 -19.83 11.70 23.62
N ASN A 522 -19.09 12.56 24.34
CA ASN A 522 -19.09 12.55 25.81
C ASN A 522 -20.24 13.34 26.45
N PRO A 523 -20.67 14.46 25.88
CA PRO A 523 -21.73 15.25 26.53
C PRO A 523 -23.00 14.48 26.85
N TYR A 524 -23.43 13.57 25.99
CA TYR A 524 -24.61 12.74 26.22
C TYR A 524 -24.15 11.32 25.93
N PRO A 525 -23.64 10.61 26.94
CA PRO A 525 -23.02 9.30 26.69
C PRO A 525 -23.98 8.34 26.03
N GLY A 526 -23.45 7.60 25.05
CA GLY A 526 -24.26 6.72 24.26
C GLY A 526 -24.93 7.38 23.07
N TYR A 527 -24.78 8.69 22.92
CA TYR A 527 -25.45 9.46 21.87
C TYR A 527 -24.44 10.29 21.11
N TYR A 528 -24.84 10.72 19.92
CA TYR A 528 -24.14 11.74 19.16
C TYR A 528 -24.82 13.08 19.38
N PHE A 529 -24.04 14.09 19.74
CA PHE A 529 -24.55 15.41 20.09
C PHE A 529 -24.42 16.33 18.87
N THR A 530 -25.55 16.60 18.21
CA THR A 530 -25.55 17.44 17.01
C THR A 530 -25.24 18.89 17.31
N GLY A 531 -25.34 19.31 18.57
CA GLY A 531 -25.23 20.72 18.91
C GLY A 531 -26.49 21.51 18.64
N ASP A 532 -27.55 20.85 18.21
CA ASP A 532 -28.80 21.52 17.89
C ASP A 532 -29.87 21.08 18.88
N GLY A 533 -30.84 21.93 19.06
CA GLY A 533 -32.09 21.58 19.71
C GLY A 533 -33.15 21.42 18.65
N ALA A 534 -34.11 20.54 18.92
CA ALA A 534 -35.17 20.27 17.96
C ALA A 534 -36.44 19.93 18.73
N ALA A 535 -37.52 19.74 17.97
CA ALA A 535 -38.81 19.36 18.50
C ALA A 535 -39.42 18.32 17.59
N ARG A 536 -40.26 17.45 18.17
CA ARG A 536 -40.90 16.35 17.45
C ARG A 536 -42.41 16.46 17.69
N ASP A 537 -43.19 16.47 16.60
CA ASP A 537 -44.63 16.66 16.71
C ASP A 537 -45.34 15.31 16.70
N HIS A 538 -46.66 15.37 16.81
CA HIS A 538 -47.43 14.13 16.95
C HIS A 538 -47.25 13.20 15.77
N ASP A 539 -46.93 13.74 14.60
CA ASP A 539 -46.72 12.91 13.41
C ASP A 539 -45.30 12.39 13.31
N GLY A 540 -44.41 12.77 14.22
CA GLY A 540 -43.03 12.36 14.15
C GLY A 540 -42.14 13.29 13.35
N TYR A 541 -42.68 14.34 12.78
CA TYR A 541 -41.86 15.28 12.04
C TYR A 541 -40.98 16.04 13.00
N TYR A 542 -39.72 16.20 12.64
CA TYR A 542 -38.78 16.94 13.47
C TYR A 542 -38.74 18.39 13.02
N TRP A 543 -38.66 19.29 14.01
CA TRP A 543 -38.60 20.73 13.77
C TRP A 543 -37.32 21.28 14.40
N ILE A 544 -36.37 21.68 13.56
CA ILE A 544 -35.08 22.15 14.07
C ILE A 544 -35.25 23.51 14.70
N ARG A 545 -34.77 23.66 15.92
CA ARG A 545 -34.86 24.91 16.66
C ARG A 545 -33.51 25.60 16.83
N GLY A 546 -32.44 25.03 16.29
CA GLY A 546 -31.18 25.74 16.17
C GLY A 546 -30.17 25.34 17.21
N ARG A 547 -28.96 25.89 17.03
CA ARG A 547 -27.85 25.48 17.86
C ARG A 547 -28.14 25.76 19.32
N VAL A 548 -27.71 24.83 20.17
CA VAL A 548 -27.71 25.02 21.62
C VAL A 548 -26.32 25.35 22.16
N ASP A 549 -25.27 25.20 21.36
CA ASP A 549 -23.90 25.44 21.79
C ASP A 549 -23.38 26.82 21.41
N ASP A 550 -24.24 27.76 21.10
CA ASP A 550 -23.83 29.13 20.78
C ASP A 550 -22.88 29.21 19.57
N VAL A 551 -23.15 28.41 18.54
CA VAL A 551 -22.40 28.45 17.29
C VAL A 551 -23.24 29.27 16.32
N VAL A 552 -22.66 30.34 15.77
CA VAL A 552 -23.36 31.21 14.83
C VAL A 552 -23.24 30.73 13.39
N ASN A 553 -24.31 30.95 12.62
CA ASN A 553 -24.34 30.65 11.18
C ASN A 553 -24.73 31.93 10.47
N VAL A 554 -23.79 32.58 9.80
CA VAL A 554 -24.04 33.82 9.09
C VAL A 554 -24.07 33.51 7.60
N SER A 555 -25.25 33.66 6.99
CA SER A 555 -25.43 33.47 5.55
C SER A 555 -24.95 32.07 5.12
N GLY A 556 -25.21 31.08 5.97
CA GLY A 556 -24.82 29.71 5.75
C GLY A 556 -23.39 29.39 6.15
N HIS A 557 -22.62 30.37 6.59
CA HIS A 557 -21.23 30.17 6.98
C HIS A 557 -21.16 29.93 8.49
N ARG A 558 -20.53 28.82 8.89
CA ARG A 558 -20.43 28.44 10.29
C ARG A 558 -19.24 29.16 10.88
N LEU A 559 -19.47 29.95 11.92
CA LEU A 559 -18.45 30.83 12.48
C LEU A 559 -18.25 30.55 13.96
N SER A 560 -17.04 30.87 14.41
CA SER A 560 -16.68 30.78 15.82
C SER A 560 -16.60 32.19 16.38
N THR A 561 -17.51 32.50 17.31
CA THR A 561 -17.42 33.77 18.02
C THR A 561 -16.11 33.87 18.79
N ALA A 562 -15.61 32.75 19.31
CA ALA A 562 -14.32 32.80 19.99
C ALA A 562 -13.22 33.21 19.04
N GLU A 563 -13.23 32.67 17.81
CA GLU A 563 -12.18 33.03 16.86
C GLU A 563 -12.26 34.50 16.47
N ILE A 564 -13.47 35.07 16.44
CA ILE A 564 -13.60 36.49 16.13
C ILE A 564 -13.11 37.35 17.30
N GLU A 565 -13.42 36.95 18.53
CA GLU A 565 -12.88 37.65 19.69
C GLU A 565 -11.36 37.65 19.65
N ALA A 566 -10.75 36.53 19.27
CA ALA A 566 -9.30 36.46 19.22
C ALA A 566 -8.74 37.43 18.21
N ALA A 567 -9.38 37.52 17.03
CA ALA A 567 -8.91 38.45 16.02
C ALA A 567 -9.00 39.90 16.51
N LEU A 568 -10.08 40.23 17.22
CA LEU A 568 -10.24 41.59 17.71
C LEU A 568 -9.19 41.90 18.77
N ILE A 569 -8.90 40.93 19.64
CA ILE A 569 -7.92 41.15 20.69
C ILE A 569 -6.52 41.30 20.11
N GLU A 570 -6.24 40.70 18.95
CA GLU A 570 -4.93 40.86 18.35
C GLU A 570 -4.59 42.33 18.13
N ASP A 571 -5.60 43.14 17.85
CA ASP A 571 -5.40 44.58 17.78
C ASP A 571 -4.98 45.11 19.14
N LYS A 572 -3.87 45.85 19.17
CA LYS A 572 -3.29 46.25 20.43
C LYS A 572 -4.16 47.24 21.17
N LYS A 573 -4.98 48.00 20.45
CA LYS A 573 -5.85 48.97 21.11
C LYS A 573 -6.93 48.29 21.95
N VAL A 574 -7.24 47.03 21.68
CA VAL A 574 -8.36 46.32 22.30
C VAL A 574 -7.90 45.70 23.62
N SER A 575 -8.60 46.03 24.68
CA SER A 575 -8.40 45.38 25.98
C SER A 575 -9.12 44.04 26.08
N GLU A 576 -10.44 44.04 25.87
CA GLU A 576 -11.23 42.83 25.89
C GLU A 576 -12.27 42.86 24.78
N ALA A 577 -12.75 41.68 24.42
CA ALA A 577 -13.74 41.53 23.37
C ALA A 577 -14.68 40.38 23.72
N ALA A 578 -15.95 40.57 23.41
CA ALA A 578 -16.96 39.53 23.59
C ALA A 578 -17.88 39.57 22.39
N VAL A 579 -18.04 38.44 21.71
CA VAL A 579 -18.78 38.38 20.46
C VAL A 579 -19.98 37.45 20.65
N VAL A 580 -21.13 37.89 20.13
CA VAL A 580 -22.38 37.13 20.25
C VAL A 580 -23.12 37.21 18.92
N GLY A 581 -24.15 36.38 18.80
CA GLY A 581 -24.94 36.26 17.59
C GLY A 581 -26.36 36.74 17.84
N ILE A 582 -26.94 37.38 16.82
CA ILE A 582 -28.32 37.83 16.88
C ILE A 582 -28.97 37.57 15.52
N HIS A 583 -30.29 37.66 15.51
CA HIS A 583 -31.07 37.37 14.32
C HIS A 583 -30.94 38.48 13.28
N ASP A 584 -30.86 38.09 12.01
CA ASP A 584 -30.70 39.01 10.90
C ASP A 584 -31.65 38.67 9.76
N ASP A 585 -32.33 39.69 9.24
CA ASP A 585 -33.34 39.47 8.21
C ASP A 585 -32.74 39.06 6.89
N ILE A 586 -31.47 39.35 6.65
CA ILE A 586 -30.82 38.93 5.42
C ILE A 586 -29.99 37.68 5.63
N THR A 587 -29.12 37.67 6.63
CA THR A 587 -28.15 36.58 6.78
C THR A 587 -28.55 35.51 7.80
N GLY A 588 -29.77 35.58 8.33
CA GLY A 588 -30.23 34.61 9.32
C GLY A 588 -29.71 35.00 10.68
N GLN A 589 -28.39 34.91 10.87
CA GLN A 589 -27.74 35.40 12.06
C GLN A 589 -26.63 36.37 11.69
N ALA A 590 -26.43 37.35 12.57
CA ALA A 590 -25.36 38.33 12.45
C ALA A 590 -24.51 38.32 13.71
N VAL A 591 -23.28 38.79 13.56
CA VAL A 591 -22.29 38.78 14.64
C VAL A 591 -22.20 40.18 15.22
N ILE A 592 -22.38 40.30 16.52
CA ILE A 592 -22.23 41.57 17.22
C ILE A 592 -20.99 41.48 18.10
N ALA A 593 -20.09 42.44 17.96
CA ALA A 593 -18.84 42.47 18.71
C ALA A 593 -18.87 43.64 19.70
N TYR A 594 -18.69 43.32 20.97
CA TYR A 594 -18.49 44.32 22.01
C TYR A 594 -17.01 44.39 22.37
N VAL A 595 -16.48 45.59 22.39
CA VAL A 595 -15.04 45.83 22.53
C VAL A 595 -14.83 46.90 23.57
N ALA A 596 -13.85 46.68 24.44
CA ALA A 596 -13.42 47.66 25.43
C ALA A 596 -11.96 48.00 25.16
N LEU A 597 -11.65 49.29 25.14
CA LEU A 597 -10.35 49.74 24.68
C LEU A 597 -9.46 50.09 25.87
N LYS A 598 -8.18 49.75 25.74
CA LYS A 598 -7.22 49.96 26.82
C LYS A 598 -7.23 51.40 27.29
N GLU A 599 -6.76 52.30 26.43
CA GLU A 599 -6.46 53.67 26.83
C GLU A 599 -7.28 54.69 26.06
N GLY A 600 -8.41 54.28 25.49
CA GLY A 600 -9.17 55.17 24.64
C GLY A 600 -10.62 55.38 25.06
N ASN A 601 -10.92 56.57 25.57
CA ASN A 601 -12.28 57.03 25.74
C ASN A 601 -12.62 58.13 24.75
N SER A 602 -11.76 58.36 23.75
CA SER A 602 -12.01 59.42 22.78
C SER A 602 -13.21 59.06 21.91
N ASP A 603 -14.18 59.98 21.85
CA ASP A 603 -15.37 59.78 21.04
C ASP A 603 -15.15 60.15 19.57
N GLU A 604 -14.09 60.90 19.26
CA GLU A 604 -13.79 61.21 17.87
C GLU A 604 -13.39 59.96 17.09
N ASP A 605 -12.61 59.07 17.72
CA ASP A 605 -12.19 57.86 17.04
C ASP A 605 -13.36 56.96 16.66
N SER A 606 -14.44 56.99 17.46
CA SER A 606 -15.65 56.18 17.28
C SER A 606 -15.63 55.32 16.02
N GLU A 607 -16.16 55.84 14.91
CA GLU A 607 -16.27 55.00 13.71
C GLU A 607 -14.90 54.74 13.07
N GLY A 608 -13.90 55.55 13.36
CA GLY A 608 -12.57 55.31 12.80
C GLY A 608 -12.01 53.97 13.24
N LEU A 609 -12.07 53.68 14.54
CA LEU A 609 -11.58 52.41 15.06
C LEU A 609 -12.58 51.27 14.86
N ARG A 610 -13.87 51.57 14.73
CA ARG A 610 -14.83 50.51 14.41
C ARG A 610 -14.54 49.90 13.06
N LYS A 611 -14.27 50.73 12.06
CA LYS A 611 -13.85 50.19 10.78
C LYS A 611 -12.54 49.45 10.91
N GLU A 612 -11.61 49.98 11.70
CA GLU A 612 -10.32 49.32 11.87
C GLU A 612 -10.52 47.92 12.42
N LEU A 613 -11.38 47.77 13.42
CA LEU A 613 -11.62 46.48 14.03
C LEU A 613 -12.28 45.52 13.04
N VAL A 614 -13.25 46.01 12.27
CA VAL A 614 -13.87 45.16 11.26
C VAL A 614 -12.81 44.67 10.29
N LEU A 615 -11.92 45.57 9.86
CA LEU A 615 -10.85 45.16 8.94
C LEU A 615 -9.91 44.16 9.59
N GLN A 616 -9.71 44.28 10.91
CA GLN A 616 -8.88 43.31 11.62
C GLN A 616 -9.46 41.91 11.49
N VAL A 617 -10.78 41.78 11.63
CA VAL A 617 -11.40 40.47 11.49
C VAL A 617 -11.30 39.98 10.06
N ARG A 618 -11.42 40.92 9.11
CA ARG A 618 -11.37 40.59 7.70
C ARG A 618 -9.99 40.06 7.30
N LYS A 619 -8.93 40.63 7.90
CA LYS A 619 -7.58 40.22 7.55
C LYS A 619 -7.12 39.00 8.32
N THR A 620 -7.67 38.77 9.51
CA THR A 620 -7.32 37.58 10.26
C THR A 620 -8.05 36.35 9.75
N ILE A 621 -9.37 36.45 9.58
CA ILE A 621 -10.21 35.30 9.28
C ILE A 621 -10.68 35.34 7.84
N GLY A 622 -11.44 36.36 7.48
CA GLY A 622 -11.93 36.51 6.15
C GLY A 622 -13.05 37.53 6.13
N PRO A 623 -13.31 38.12 4.96
CA PRO A 623 -14.37 39.12 4.86
C PRO A 623 -15.72 38.63 5.32
N PHE A 624 -16.05 37.35 5.09
CA PHE A 624 -17.38 36.88 5.45
C PHE A 624 -17.56 36.75 6.96
N ALA A 625 -16.48 36.65 7.72
CA ALA A 625 -16.57 36.56 9.17
C ALA A 625 -16.66 37.93 9.83
N ALA A 626 -16.65 38.99 9.04
CA ALA A 626 -16.64 40.33 9.60
C ALA A 626 -17.90 40.55 10.45
N PRO A 627 -17.77 41.19 11.61
CA PRO A 627 -18.97 41.43 12.44
C PRO A 627 -19.91 42.40 11.75
N LYS A 628 -21.21 42.14 11.91
CA LYS A 628 -22.22 43.09 11.45
C LYS A 628 -22.04 44.44 12.12
N SER A 629 -21.73 44.44 13.41
CA SER A 629 -21.59 45.70 14.12
C SER A 629 -20.54 45.54 15.22
N VAL A 630 -19.89 46.65 15.53
CA VAL A 630 -18.92 46.74 16.62
C VAL A 630 -19.46 47.76 17.61
N ILE A 631 -19.54 47.37 18.88
CA ILE A 631 -20.03 48.25 19.94
C ILE A 631 -18.87 48.53 20.90
N ILE A 632 -18.52 49.80 21.06
CA ILE A 632 -17.45 50.21 21.95
C ILE A 632 -18.06 50.49 23.33
N VAL A 633 -17.55 49.79 24.34
CA VAL A 633 -18.04 49.90 25.71
C VAL A 633 -16.88 50.21 26.64
N GLN A 634 -17.22 50.75 27.81
CA GLN A 634 -16.19 51.02 28.81
C GLN A 634 -15.77 49.76 29.57
N ASP A 635 -16.68 48.81 29.76
CA ASP A 635 -16.41 47.61 30.55
C ASP A 635 -17.37 46.50 30.14
N LEU A 636 -16.85 45.28 30.10
CA LEU A 636 -17.68 44.10 29.86
C LEU A 636 -18.16 43.47 31.16
N PRO A 637 -19.39 42.95 31.21
CA PRO A 637 -19.93 42.41 32.46
C PRO A 637 -19.28 41.08 32.83
N LYS A 638 -18.92 40.92 34.11
CA LYS A 638 -18.08 39.80 34.50
C LYS A 638 -18.54 39.21 35.83
N THR A 639 -18.13 37.97 36.06
CA THR A 639 -18.48 37.24 37.26
C THR A 639 -17.49 37.55 38.40
N ARG A 640 -17.81 37.03 39.59
CA ARG A 640 -16.90 37.18 40.72
C ARG A 640 -15.51 36.67 40.37
N SER A 641 -15.45 35.61 39.57
CA SER A 641 -14.17 35.05 39.16
C SER A 641 -13.47 35.90 38.08
N GLY A 642 -14.23 36.67 37.30
CA GLY A 642 -13.67 37.49 36.25
C GLY A 642 -14.06 37.07 34.84
N LYS A 643 -14.78 35.95 34.69
CA LYS A 643 -15.20 35.52 33.36
C LYS A 643 -16.27 36.46 32.83
N ILE A 644 -16.28 36.67 31.51
CA ILE A 644 -17.28 37.50 30.86
C ILE A 644 -18.61 36.76 30.82
N MET A 645 -19.70 37.47 31.09
CA MET A 645 -21.05 36.90 31.01
C MET A 645 -21.66 37.25 29.64
N ARG A 646 -21.48 36.37 28.67
CA ARG A 646 -22.00 36.64 27.34
C ARG A 646 -23.52 36.59 27.27
N ARG A 647 -24.18 35.99 28.25
CA ARG A 647 -25.64 35.99 28.20
C ARG A 647 -26.18 37.41 28.30
N ILE A 648 -25.53 38.26 29.10
CA ILE A 648 -25.98 39.64 29.20
C ILE A 648 -25.93 40.29 27.81
N LEU A 649 -24.81 40.09 27.11
CA LEU A 649 -24.66 40.69 25.78
C LEU A 649 -25.65 40.09 24.78
N ARG A 650 -25.92 38.80 24.86
CA ARG A 650 -26.92 38.22 23.98
C ARG A 650 -28.28 38.88 24.20
N LYS A 651 -28.73 38.96 25.46
CA LYS A 651 -30.07 39.49 25.73
C LYS A 651 -30.17 40.96 25.31
N VAL A 652 -29.13 41.75 25.57
CA VAL A 652 -29.18 43.16 25.18
C VAL A 652 -29.26 43.28 23.67
N SER A 653 -28.46 42.49 22.97
CA SER A 653 -28.46 42.59 21.51
C SER A 653 -29.76 42.09 20.92
N SER A 654 -30.46 41.19 21.61
CA SER A 654 -31.77 40.72 21.19
C SER A 654 -32.89 41.63 21.64
N ASN A 655 -32.57 42.83 22.13
CA ASN A 655 -33.54 43.77 22.65
C ASN A 655 -34.36 43.19 23.78
N GLU A 656 -33.85 42.16 24.41
CA GLU A 656 -34.45 41.62 25.64
C GLU A 656 -33.69 42.14 26.86
N ALA A 657 -33.68 43.47 26.99
CA ALA A 657 -32.99 44.12 28.10
C ALA A 657 -33.60 43.70 29.43
N ASP A 658 -34.92 43.83 29.56
CA ASP A 658 -35.61 43.03 30.55
C ASP A 658 -35.37 41.56 30.23
N GLN A 659 -35.43 40.72 31.26
CA GLN A 659 -35.05 39.31 31.19
C GLN A 659 -33.55 39.13 31.43
N LEU A 660 -32.88 40.17 31.94
CA LEU A 660 -31.55 39.95 32.47
C LEU A 660 -31.60 39.39 33.88
N GLY A 661 -32.64 39.73 34.64
CA GLY A 661 -32.79 39.23 35.98
C GLY A 661 -31.80 39.88 36.95
N ASP A 662 -31.63 39.21 38.10
CA ASP A 662 -30.71 39.67 39.13
C ASP A 662 -29.29 39.65 38.58
N ILE A 663 -28.59 40.78 38.70
CA ILE A 663 -27.20 40.90 38.28
C ILE A 663 -26.28 41.19 39.47
N SER A 664 -26.76 40.95 40.70
CA SER A 664 -25.94 41.02 41.90
C SER A 664 -24.76 40.05 41.86
N THR A 665 -24.84 38.99 41.06
CA THR A 665 -23.77 38.02 41.01
C THR A 665 -22.57 38.51 40.19
N LEU A 666 -22.72 39.60 39.45
CA LEU A 666 -21.62 40.20 38.70
C LEU A 666 -20.75 41.01 39.64
N SER A 667 -19.45 41.05 39.36
CA SER A 667 -18.57 41.95 40.08
C SER A 667 -18.78 43.41 39.67
N ASN A 668 -19.37 43.63 38.49
CA ASN A 668 -19.55 44.97 37.92
C ASN A 668 -20.96 45.11 37.38
N PRO A 669 -21.97 45.01 38.23
CA PRO A 669 -23.35 45.13 37.72
C PRO A 669 -23.58 46.45 37.03
N GLN A 670 -22.87 47.49 37.46
CA GLN A 670 -23.07 48.82 36.91
C GLN A 670 -22.69 48.91 35.43
N SER A 671 -21.78 48.04 34.99
CA SER A 671 -21.41 47.95 33.58
C SER A 671 -22.59 47.63 32.67
N VAL A 672 -23.63 46.97 33.21
CA VAL A 672 -24.76 46.53 32.37
C VAL A 672 -25.46 47.73 31.75
N GLU A 673 -25.70 48.78 32.54
CA GLU A 673 -26.38 49.93 31.99
C GLU A 673 -25.62 50.51 30.80
N GLY A 674 -24.30 50.60 30.91
CA GLY A 674 -23.51 51.13 29.81
C GLY A 674 -23.59 50.27 28.55
N ILE A 675 -23.60 48.95 28.71
CA ILE A 675 -23.80 48.04 27.59
C ILE A 675 -25.12 48.37 26.88
N ILE A 676 -26.21 48.40 27.64
CA ILE A 676 -27.51 48.68 27.05
C ILE A 676 -27.47 49.96 26.23
N SER A 677 -27.02 51.05 26.85
CA SER A 677 -27.03 52.34 26.16
C SER A 677 -26.05 52.36 24.99
N ALA A 678 -24.91 51.66 25.13
CA ALA A 678 -23.96 51.60 24.03
C ALA A 678 -24.57 50.93 22.81
N PHE A 679 -25.28 49.82 23.01
CA PHE A 679 -25.97 49.16 21.92
C PHE A 679 -27.00 50.10 21.28
N GLY A 680 -27.80 50.77 22.10
CA GLY A 680 -28.80 51.66 21.56
C GLY A 680 -28.21 52.75 20.69
N ALA A 681 -27.04 53.26 21.07
CA ALA A 681 -26.46 54.40 20.39
C ALA A 681 -25.62 54.02 19.18
N GLN A 682 -25.19 52.77 19.08
CA GLN A 682 -24.20 52.40 18.07
C GLN A 682 -24.66 51.34 17.08
N PHE A 683 -25.64 50.51 17.41
CA PHE A 683 -25.92 49.35 16.56
C PHE A 683 -26.30 49.79 15.15
N GLY A 684 -27.31 50.66 15.03
CA GLY A 684 -27.76 51.07 13.71
C GLY A 684 -26.89 52.09 13.02
N LYS A 685 -25.96 52.71 13.73
CA LYS A 685 -25.08 53.74 13.18
C LYS A 685 -23.64 53.25 13.28
N GLN B 20 11.45 -54.96 25.21
CA GLN B 20 10.89 -54.18 26.32
C GLN B 20 12.01 -53.47 27.05
N THR B 21 13.12 -54.17 27.28
CA THR B 21 14.26 -53.59 27.94
C THR B 21 15.04 -52.73 26.95
N HIS B 22 15.45 -51.55 27.38
CA HIS B 22 16.23 -50.64 26.54
C HIS B 22 17.70 -50.76 26.89
N ASN B 23 18.53 -50.94 25.86
CA ASN B 23 19.97 -50.98 26.02
C ASN B 23 20.64 -49.63 25.82
N VAL B 24 19.98 -48.70 25.15
CA VAL B 24 20.50 -47.35 24.94
C VAL B 24 19.72 -46.33 25.76
N VAL B 25 18.39 -46.37 25.65
CA VAL B 25 17.54 -45.36 26.30
C VAL B 25 17.26 -45.87 27.70
N HIS B 26 18.22 -45.61 28.59
CA HIS B 26 18.09 -46.09 29.95
C HIS B 26 16.91 -45.43 30.66
N GLU B 27 16.62 -44.17 30.30
CA GLU B 27 15.53 -43.44 30.92
C GLU B 27 14.20 -44.17 30.78
N ALA B 28 14.03 -44.97 29.75
CA ALA B 28 12.74 -45.58 29.47
C ALA B 28 12.51 -46.86 30.25
N ASN B 29 13.54 -47.45 30.83
CA ASN B 29 13.40 -48.75 31.48
C ASN B 29 12.56 -48.66 32.74
N GLY B 30 11.55 -49.53 32.82
CA GLY B 30 10.70 -49.62 33.99
C GLY B 30 9.86 -48.38 34.25
N VAL B 31 9.35 -47.76 33.19
CA VAL B 31 8.52 -46.55 33.27
C VAL B 31 7.15 -46.91 32.73
N LYS B 32 6.14 -46.91 33.60
CA LYS B 32 4.78 -47.21 33.17
C LYS B 32 4.17 -45.99 32.50
N LEU B 33 3.48 -46.20 31.39
CA LEU B 33 2.73 -45.11 30.79
C LEU B 33 1.70 -44.58 31.77
N ARG B 34 1.51 -43.28 31.76
CA ARG B 34 0.61 -42.59 32.67
C ARG B 34 -0.56 -42.03 31.87
N GLU B 35 -1.72 -42.68 32.00
CA GLU B 35 -2.91 -42.29 31.25
C GLU B 35 -3.46 -40.98 31.77
N THR B 36 -4.14 -40.27 30.87
CA THR B 36 -4.75 -39.00 31.24
C THR B 36 -5.84 -39.25 32.29
N PRO B 37 -5.84 -38.54 33.42
CA PRO B 37 -6.87 -38.76 34.44
C PRO B 37 -8.27 -38.47 33.93
N LYS B 38 -9.26 -39.13 34.55
CA LYS B 38 -10.65 -38.95 34.15
C LYS B 38 -11.13 -37.54 34.40
N GLU B 39 -10.59 -36.86 35.43
CA GLU B 39 -11.04 -35.50 35.72
C GLU B 39 -10.71 -34.57 34.58
N PHE B 40 -9.65 -34.87 33.81
CA PHE B 40 -9.34 -34.05 32.65
C PHE B 40 -10.53 -33.99 31.70
N PHE B 41 -11.08 -35.15 31.34
CA PHE B 41 -12.16 -35.19 30.37
C PHE B 41 -13.46 -34.69 30.99
N GLU B 42 -13.60 -34.84 32.30
CA GLU B 42 -14.76 -34.28 32.98
C GLU B 42 -14.76 -32.76 32.92
N ARG B 43 -13.58 -32.15 33.01
CA ARG B 43 -13.47 -30.71 33.06
C ARG B 43 -13.40 -30.05 31.68
N GLN B 44 -13.06 -30.77 30.63
CA GLN B 44 -12.92 -30.11 29.32
C GLN B 44 -14.30 -29.72 28.82
N PRO B 45 -14.46 -28.49 28.32
CA PRO B 45 -15.83 -27.99 28.06
C PRO B 45 -16.52 -28.66 26.90
N ASN B 46 -15.77 -29.20 25.94
CA ASN B 46 -16.37 -29.78 24.75
C ASN B 46 -15.67 -31.09 24.46
N LYS B 47 -16.18 -31.80 23.46
CA LYS B 47 -15.50 -33.02 23.01
C LYS B 47 -14.09 -32.68 22.55
N GLY B 48 -13.14 -33.54 22.89
CA GLY B 48 -11.76 -33.28 22.54
C GLY B 48 -11.56 -33.17 21.04
N HIS B 49 -10.51 -32.44 20.64
CA HIS B 49 -10.26 -32.21 19.22
C HIS B 49 -9.79 -33.47 18.51
N ILE B 50 -9.16 -34.40 19.24
CA ILE B 50 -8.74 -35.69 18.69
C ILE B 50 -9.27 -36.79 19.61
N HIS B 51 -9.84 -37.84 19.03
CA HIS B 51 -10.49 -38.87 19.83
C HIS B 51 -9.47 -39.72 20.61
N ASP B 52 -8.46 -40.26 19.92
CA ASP B 52 -7.54 -41.19 20.53
C ASP B 52 -6.19 -41.10 19.85
N VAL B 53 -5.25 -41.95 20.30
CA VAL B 53 -3.91 -41.92 19.76
C VAL B 53 -3.87 -42.41 18.32
N ASN B 54 -4.82 -43.26 17.92
CA ASN B 54 -4.83 -43.73 16.54
C ASN B 54 -5.26 -42.63 15.57
N GLN B 55 -6.28 -41.84 15.93
CA GLN B 55 -6.65 -40.73 15.06
C GLN B 55 -5.51 -39.73 14.94
N TYR B 56 -4.78 -39.52 16.04
CA TYR B 56 -3.63 -38.63 16.00
C TYR B 56 -2.58 -39.17 15.02
N LYS B 57 -2.37 -40.49 15.02
CA LYS B 57 -1.37 -41.07 14.15
C LYS B 57 -1.75 -40.88 12.68
N GLN B 58 -3.03 -41.05 12.36
CA GLN B 58 -3.50 -40.82 11.00
C GLN B 58 -3.26 -39.38 10.58
N MET B 59 -3.62 -38.43 11.44
CA MET B 59 -3.42 -37.02 11.12
C MET B 59 -1.94 -36.71 10.97
N TYR B 60 -1.10 -37.27 11.85
CA TYR B 60 0.33 -37.01 11.79
C TYR B 60 0.93 -37.53 10.48
N GLU B 61 0.59 -38.76 10.11
CA GLU B 61 1.16 -39.33 8.88
C GLU B 61 0.77 -38.49 7.68
N GLN B 62 -0.44 -37.93 7.66
CA GLN B 62 -0.82 -37.07 6.55
C GLN B 62 0.00 -35.79 6.56
N SER B 63 0.22 -35.21 7.74
CA SER B 63 0.97 -33.96 7.83
C SER B 63 2.41 -34.13 7.38
N ILE B 64 2.92 -35.35 7.38
CA ILE B 64 4.26 -35.62 6.89
C ILE B 64 4.25 -36.00 5.41
N LYS B 65 3.35 -36.91 5.01
CA LYS B 65 3.32 -37.38 3.63
C LYS B 65 2.62 -36.38 2.70
N ASP B 66 1.62 -35.66 3.20
CA ASP B 66 0.77 -34.80 2.37
C ASP B 66 0.58 -33.43 3.02
N PRO B 67 1.68 -32.71 3.26
CA PRO B 67 1.54 -31.41 3.95
C PRO B 67 0.56 -30.48 3.29
N GLN B 68 0.42 -30.53 1.97
CA GLN B 68 -0.47 -29.62 1.27
C GLN B 68 -1.92 -29.90 1.63
N GLY B 69 -2.34 -31.15 1.53
CA GLY B 69 -3.70 -31.55 1.82
C GLY B 69 -4.04 -31.53 3.29
N PHE B 70 -3.03 -31.46 4.16
CA PHE B 70 -3.22 -31.37 5.59
C PHE B 70 -3.26 -29.92 6.07
N PHE B 71 -2.26 -29.12 5.69
CA PHE B 71 -2.11 -27.78 6.25
C PHE B 71 -2.93 -26.74 5.49
N GLY B 72 -3.26 -26.97 4.23
CA GLY B 72 -4.09 -26.07 3.48
C GLY B 72 -5.42 -25.83 4.17
N PRO B 73 -6.17 -26.92 4.43
CA PRO B 73 -7.46 -26.75 5.12
C PRO B 73 -7.33 -26.15 6.51
N LEU B 74 -6.32 -26.57 7.29
CA LEU B 74 -6.16 -25.99 8.63
C LEU B 74 -5.83 -24.51 8.56
N ALA B 75 -5.03 -24.10 7.57
CA ALA B 75 -4.72 -22.69 7.41
C ALA B 75 -5.99 -21.90 7.11
N LYS B 76 -6.88 -22.47 6.29
CA LYS B 76 -8.14 -21.77 5.98
C LYS B 76 -9.05 -21.77 7.19
N GLU B 77 -9.07 -22.85 7.97
CA GLU B 77 -9.96 -22.92 9.12
C GLU B 77 -9.53 -21.96 10.23
N LEU B 78 -8.24 -21.93 10.55
CA LEU B 78 -7.75 -21.24 11.73
C LEU B 78 -7.36 -19.78 11.51
N LEU B 79 -7.14 -19.36 10.27
CA LEU B 79 -6.68 -18.00 9.99
C LEU B 79 -7.62 -17.30 9.03
N SER B 80 -7.70 -15.98 9.18
CA SER B 80 -8.48 -15.13 8.30
C SER B 80 -7.56 -14.45 7.29
N TRP B 81 -7.85 -14.63 6.01
CA TRP B 81 -6.97 -14.25 4.92
C TRP B 81 -7.50 -13.03 4.21
N ASP B 82 -6.61 -12.07 3.95
CA ASP B 82 -6.96 -10.94 3.09
C ASP B 82 -6.81 -11.30 1.61
N HIS B 83 -5.87 -12.18 1.29
CA HIS B 83 -5.70 -12.72 -0.04
C HIS B 83 -5.37 -14.20 0.06
N ASP B 84 -6.00 -15.00 -0.81
CA ASP B 84 -5.77 -16.44 -0.80
C ASP B 84 -4.35 -16.78 -1.19
N PHE B 85 -3.88 -17.93 -0.72
CA PHE B 85 -2.59 -18.47 -1.13
C PHE B 85 -2.78 -19.48 -2.26
N HIS B 86 -1.76 -19.58 -3.13
CA HIS B 86 -1.80 -20.46 -4.29
C HIS B 86 -0.92 -21.68 -4.14
N THR B 87 0.00 -21.68 -3.19
CA THR B 87 0.89 -22.82 -2.97
C THR B 87 1.08 -22.95 -1.46
N VAL B 88 0.76 -24.14 -0.93
CA VAL B 88 0.84 -24.36 0.51
C VAL B 88 2.28 -24.37 0.98
N LYS B 89 3.17 -24.96 0.21
CA LYS B 89 4.49 -25.30 0.70
C LYS B 89 5.50 -25.15 -0.43
N SER B 90 6.63 -24.52 -0.11
CA SER B 90 7.70 -24.32 -1.08
C SER B 90 9.03 -24.40 -0.37
N GLY B 91 10.06 -24.77 -1.12
CA GLY B 91 11.42 -24.69 -0.66
C GLY B 91 11.91 -25.98 -0.03
N THR B 92 13.19 -25.99 0.28
CA THR B 92 13.86 -27.11 0.89
C THR B 92 14.78 -26.61 1.99
N LEU B 93 15.05 -27.47 2.98
CA LEU B 93 15.97 -27.10 4.03
C LEU B 93 17.34 -26.77 3.46
N LYS B 94 17.82 -27.59 2.53
CA LYS B 94 19.19 -27.44 2.02
C LYS B 94 19.39 -26.10 1.34
N ASN B 95 18.37 -25.57 0.68
CA ASN B 95 18.48 -24.28 0.02
C ASN B 95 18.05 -23.13 0.92
N GLY B 96 17.53 -23.43 2.10
CA GLY B 96 17.14 -22.37 3.02
C GLY B 96 16.20 -21.38 2.38
N ASP B 97 15.23 -21.87 1.61
CA ASP B 97 14.26 -21.04 0.92
C ASP B 97 12.84 -21.50 1.24
N ALA B 98 12.63 -22.01 2.46
CA ALA B 98 11.32 -22.48 2.85
C ALA B 98 10.33 -21.33 2.85
N ALA B 99 9.08 -21.67 2.52
CA ALA B 99 7.97 -20.73 2.44
C ALA B 99 6.67 -21.50 2.47
N TRP B 100 5.64 -20.89 3.06
CA TRP B 100 4.33 -21.52 3.21
C TRP B 100 3.24 -20.54 2.84
N PHE B 101 2.19 -21.06 2.19
CA PHE B 101 1.02 -20.26 1.84
C PHE B 101 1.42 -19.07 0.97
N LEU B 102 2.13 -19.37 -0.11
CA LEU B 102 2.68 -18.34 -0.99
C LEU B 102 1.55 -17.61 -1.73
N GLY B 103 1.71 -16.30 -1.86
CA GLY B 103 0.71 -15.48 -2.51
C GLY B 103 -0.40 -15.00 -1.60
N GLY B 104 -0.48 -15.52 -0.37
CA GLY B 104 -1.53 -15.11 0.54
C GLY B 104 -1.15 -13.87 1.34
N GLU B 105 -2.17 -13.13 1.75
CA GLU B 105 -1.99 -11.92 2.55
C GLU B 105 -2.97 -11.94 3.71
N LEU B 106 -2.51 -11.42 4.85
CA LEU B 106 -3.27 -11.41 6.09
C LEU B 106 -2.62 -10.41 7.03
N ASN B 107 -3.19 -10.27 8.23
CA ASN B 107 -2.63 -9.40 9.26
C ASN B 107 -2.66 -10.09 10.62
N ALA B 108 -1.56 -10.02 11.37
CA ALA B 108 -1.51 -10.73 12.63
C ALA B 108 -2.50 -10.15 13.63
N SER B 109 -2.60 -8.83 13.71
CA SER B 109 -3.44 -8.24 14.73
C SER B 109 -4.91 -8.44 14.40
N TYR B 110 -5.26 -8.53 13.11
CA TYR B 110 -6.64 -8.84 12.75
C TYR B 110 -7.01 -10.24 13.20
N ASN B 111 -6.10 -11.20 13.00
CA ASN B 111 -6.42 -12.56 13.43
C ASN B 111 -6.38 -12.72 14.95
N CYS B 112 -5.63 -11.87 15.67
CA CYS B 112 -5.56 -11.95 17.13
C CYS B 112 -6.55 -11.04 17.86
N VAL B 113 -7.05 -9.99 17.20
CA VAL B 113 -7.87 -8.99 17.89
C VAL B 113 -9.17 -8.73 17.13
N ASP B 114 -9.06 -8.13 15.94
CA ASP B 114 -10.22 -7.58 15.24
C ASP B 114 -11.35 -8.60 15.13
N ARG B 115 -11.04 -9.79 14.62
CA ARG B 115 -12.11 -10.73 14.32
C ARG B 115 -12.83 -11.18 15.57
N HIS B 116 -12.10 -11.33 16.68
CA HIS B 116 -12.77 -11.70 17.94
C HIS B 116 -13.55 -10.53 18.51
N ALA B 117 -13.01 -9.31 18.38
CA ALA B 117 -13.71 -8.14 18.89
C ALA B 117 -15.05 -7.97 18.20
N PHE B 118 -15.11 -8.20 16.87
CA PHE B 118 -16.39 -8.09 16.17
C PHE B 118 -17.37 -9.15 16.68
N ALA B 119 -16.89 -10.36 16.89
CA ALA B 119 -17.74 -11.47 17.32
C ALA B 119 -18.31 -11.24 18.71
N ASN B 120 -17.43 -10.96 19.67
CA ASN B 120 -17.83 -10.74 21.06
C ASN B 120 -16.89 -9.71 21.66
N PRO B 121 -17.22 -8.42 21.53
CA PRO B 121 -16.29 -7.40 22.02
C PRO B 121 -16.07 -7.44 23.52
N ASP B 122 -17.02 -7.99 24.28
CA ASP B 122 -16.88 -7.99 25.73
C ASP B 122 -16.17 -9.20 26.29
N LYS B 123 -15.81 -10.16 25.46
CA LYS B 123 -15.08 -11.30 25.94
C LYS B 123 -13.71 -10.84 26.44
N PRO B 124 -13.25 -11.34 27.58
CA PRO B 124 -11.93 -10.97 28.07
C PRO B 124 -10.84 -11.41 27.12
N ALA B 125 -9.83 -10.54 26.96
CA ALA B 125 -8.69 -10.86 26.13
C ALA B 125 -7.39 -10.91 26.92
N LEU B 126 -6.99 -9.83 27.56
CA LEU B 126 -5.78 -9.78 28.36
C LEU B 126 -6.19 -9.65 29.82
N ILE B 127 -6.00 -10.73 30.58
CA ILE B 127 -6.18 -10.73 32.03
C ILE B 127 -4.82 -10.36 32.62
N CYS B 128 -4.68 -9.10 33.01
CA CYS B 128 -3.40 -8.57 33.46
C CYS B 128 -3.33 -8.57 34.97
N GLU B 129 -2.34 -9.29 35.49
CA GLU B 129 -2.04 -9.31 36.91
C GLU B 129 -0.71 -8.58 37.11
N ALA B 130 -0.77 -7.46 37.83
CA ALA B 130 0.36 -6.58 38.03
C ALA B 130 1.31 -7.12 39.11
N ASP B 131 2.48 -6.49 39.18
CA ASP B 131 3.42 -6.83 40.24
C ASP B 131 2.74 -6.77 41.59
N ASP B 132 1.92 -5.74 41.79
CA ASP B 132 1.08 -5.61 42.97
C ASP B 132 -0.37 -5.69 42.52
N GLU B 133 -1.12 -6.63 43.08
CA GLU B 133 -2.44 -6.96 42.54
C GLU B 133 -3.36 -5.75 42.48
N LYS B 134 -3.14 -4.74 43.33
CA LYS B 134 -3.99 -3.56 43.30
C LYS B 134 -4.12 -2.98 41.91
N ASP B 135 -3.05 -3.08 41.11
CA ASP B 135 -2.99 -2.53 39.78
C ASP B 135 -3.42 -3.51 38.69
N SER B 136 -3.99 -4.65 39.06
CA SER B 136 -4.45 -5.59 38.04
C SER B 136 -5.70 -5.09 37.35
N HIS B 137 -5.92 -5.56 36.12
CA HIS B 137 -7.04 -5.10 35.31
C HIS B 137 -7.24 -6.07 34.17
N ILE B 138 -8.43 -6.03 33.57
CA ILE B 138 -8.76 -6.92 32.46
C ILE B 138 -9.16 -6.08 31.25
N LEU B 139 -8.61 -6.45 30.09
CA LEU B 139 -8.96 -5.83 28.81
C LEU B 139 -9.78 -6.80 27.97
N THR B 140 -10.96 -6.34 27.53
CA THR B 140 -11.73 -7.15 26.59
C THR B 140 -11.11 -7.07 25.20
N TYR B 141 -11.57 -7.94 24.33
CA TYR B 141 -11.12 -7.88 22.94
C TYR B 141 -11.47 -6.55 22.30
N GLY B 142 -12.64 -6.00 22.61
CA GLY B 142 -12.94 -4.66 22.16
C GLY B 142 -11.96 -3.64 22.72
N ASP B 143 -11.69 -3.70 24.03
CA ASP B 143 -10.68 -2.82 24.61
C ASP B 143 -9.34 -2.98 23.91
N LEU B 144 -8.95 -4.23 23.64
CA LEU B 144 -7.66 -4.46 23.02
C LEU B 144 -7.60 -3.81 21.64
N LEU B 145 -8.70 -3.93 20.88
CA LEU B 145 -8.72 -3.35 19.55
C LEU B 145 -8.51 -1.85 19.59
N ARG B 146 -9.14 -1.17 20.55
CA ARG B 146 -9.01 0.27 20.67
C ARG B 146 -7.60 0.68 21.07
N GLU B 147 -7.00 -0.03 22.03
CA GLU B 147 -5.66 0.36 22.48
C GLU B 147 -4.63 0.06 21.41
N VAL B 148 -4.77 -1.08 20.73
CA VAL B 148 -3.86 -1.39 19.63
C VAL B 148 -4.01 -0.38 18.51
N SER B 149 -5.26 -0.03 18.16
CA SER B 149 -5.50 0.95 17.10
C SER B 149 -4.85 2.28 17.40
N LYS B 150 -4.91 2.69 18.67
CA LYS B 150 -4.40 4.01 19.03
C LYS B 150 -2.88 4.03 18.96
N VAL B 151 -2.22 2.98 19.46
CA VAL B 151 -0.76 2.95 19.36
C VAL B 151 -0.33 2.88 17.90
N ALA B 152 -1.04 2.09 17.10
CA ALA B 152 -0.72 2.04 15.67
C ALA B 152 -0.92 3.39 15.02
N GLY B 153 -1.95 4.13 15.45
CA GLY B 153 -2.13 5.47 14.95
C GLY B 153 -0.96 6.38 15.29
N VAL B 154 -0.44 6.27 16.51
CA VAL B 154 0.72 7.07 16.90
C VAL B 154 1.91 6.74 16.01
N LEU B 155 2.17 5.44 15.84
CA LEU B 155 3.29 5.02 15.02
C LEU B 155 3.12 5.43 13.56
N GLN B 156 1.89 5.33 13.05
CA GLN B 156 1.65 5.71 11.66
C GLN B 156 1.92 7.20 11.44
N SER B 157 1.41 8.05 12.34
CA SER B 157 1.66 9.48 12.26
C SER B 157 3.14 9.77 12.38
N TRP B 158 3.90 8.87 13.00
CA TRP B 158 5.33 9.02 13.12
C TRP B 158 6.07 8.48 11.90
N GLY B 159 5.36 7.91 10.93
CA GLY B 159 5.96 7.40 9.71
C GLY B 159 6.33 5.93 9.71
N ILE B 160 6.04 5.19 10.78
CA ILE B 160 6.28 3.75 10.76
C ILE B 160 5.37 3.11 9.72
N LYS B 161 5.94 2.20 8.93
CA LYS B 161 5.18 1.57 7.87
C LYS B 161 5.75 0.19 7.64
N LYS B 162 5.04 -0.58 6.80
CA LYS B 162 5.51 -1.89 6.40
C LYS B 162 6.98 -1.83 6.03
N GLY B 163 7.73 -2.79 6.56
CA GLY B 163 9.16 -2.88 6.33
C GLY B 163 10.01 -2.33 7.45
N ASP B 164 9.43 -1.49 8.30
CA ASP B 164 10.16 -0.96 9.44
C ASP B 164 10.24 -1.99 10.57
N THR B 165 11.21 -1.79 11.46
CA THR B 165 11.30 -2.54 12.68
C THR B 165 11.16 -1.57 13.84
N VAL B 166 10.44 -1.99 14.87
CA VAL B 166 10.19 -1.19 16.06
C VAL B 166 10.58 -2.03 17.26
N ALA B 167 11.42 -1.48 18.13
CA ALA B 167 11.88 -2.18 19.32
C ALA B 167 10.92 -1.95 20.47
N VAL B 168 10.75 -2.98 21.28
CA VAL B 168 9.97 -2.91 22.51
C VAL B 168 10.86 -3.30 23.68
N TYR B 169 10.89 -2.44 24.70
CA TYR B 169 11.62 -2.66 25.95
C TYR B 169 10.60 -2.43 27.05
N LEU B 170 9.84 -3.46 27.40
CA LEU B 170 8.75 -3.34 28.34
C LEU B 170 8.68 -4.60 29.19
N PRO B 171 8.23 -4.50 30.42
CA PRO B 171 7.97 -5.72 31.20
C PRO B 171 6.75 -6.47 30.68
N MET B 172 6.41 -7.58 31.33
CA MET B 172 5.32 -8.44 30.91
C MET B 172 4.01 -7.86 31.42
N ASN B 173 3.40 -6.97 30.64
CA ASN B 173 2.13 -6.36 31.01
C ASN B 173 1.36 -6.02 29.73
N ALA B 174 0.19 -5.39 29.91
CA ALA B 174 -0.66 -5.10 28.74
C ALA B 174 0.08 -4.28 27.72
N GLN B 175 0.85 -3.28 28.17
CA GLN B 175 1.47 -2.38 27.20
C GLN B 175 2.42 -3.13 26.28
N ALA B 176 3.08 -4.18 26.76
CA ALA B 176 3.93 -4.97 25.89
C ALA B 176 3.11 -5.66 24.80
N ILE B 177 2.00 -6.29 25.19
CA ILE B 177 1.14 -6.95 24.22
C ILE B 177 0.61 -5.94 23.20
N ILE B 178 0.17 -4.77 23.69
CA ILE B 178 -0.42 -3.77 22.81
C ILE B 178 0.61 -3.28 21.80
N ALA B 179 1.84 -3.05 22.26
CA ALA B 179 2.89 -2.59 21.36
C ALA B 179 3.16 -3.60 20.26
N MET B 180 3.31 -4.87 20.64
CA MET B 180 3.60 -5.89 19.65
C MET B 180 2.51 -5.98 18.61
N LEU B 181 1.25 -5.98 19.05
CA LEU B 181 0.14 -6.10 18.11
C LEU B 181 0.01 -4.84 17.25
N ALA B 182 0.31 -3.66 17.82
CA ALA B 182 0.20 -2.42 17.04
C ALA B 182 1.27 -2.37 15.95
N ILE B 183 2.48 -2.80 16.28
CA ILE B 183 3.54 -2.85 15.27
C ILE B 183 3.17 -3.81 14.15
N ALA B 184 2.67 -5.00 14.50
CA ALA B 184 2.24 -5.95 13.48
C ALA B 184 1.04 -5.41 12.72
N ARG B 185 0.25 -4.54 13.34
CA ARG B 185 -0.94 -4.01 12.68
C ARG B 185 -0.57 -3.18 11.45
N LEU B 186 0.56 -2.47 11.52
CA LEU B 186 1.03 -1.63 10.42
C LEU B 186 1.85 -2.39 9.39
N GLY B 187 2.13 -3.67 9.61
CA GLY B 187 3.02 -4.41 8.75
C GLY B 187 4.49 -4.28 9.10
N ALA B 188 4.80 -3.60 10.19
CA ALA B 188 6.18 -3.54 10.63
C ALA B 188 6.47 -4.74 11.52
N ALA B 189 7.74 -4.97 11.78
CA ALA B 189 8.18 -6.10 12.59
C ALA B 189 8.60 -5.60 13.95
N HIS B 190 8.04 -6.18 15.00
CA HIS B 190 8.44 -5.80 16.35
C HIS B 190 9.66 -6.64 16.72
N SER B 191 10.56 -6.01 17.47
CA SER B 191 11.74 -6.67 18.00
C SER B 191 11.72 -6.46 19.51
N VAL B 192 11.29 -7.47 20.27
CA VAL B 192 11.06 -7.34 21.70
C VAL B 192 12.34 -7.64 22.45
N ILE B 193 12.72 -6.74 23.36
CA ILE B 193 13.94 -6.83 24.14
C ILE B 193 13.55 -7.04 25.60
N PHE B 194 13.97 -8.17 26.18
CA PHE B 194 13.67 -8.48 27.57
C PHE B 194 14.04 -7.32 28.49
N ALA B 195 13.11 -6.95 29.37
CA ALA B 195 13.32 -5.78 30.22
C ALA B 195 14.50 -5.93 31.19
N GLY B 196 14.99 -7.15 31.40
CA GLY B 196 16.17 -7.31 32.24
C GLY B 196 17.49 -7.02 31.57
N PHE B 197 17.50 -6.81 30.25
CA PHE B 197 18.74 -6.60 29.54
C PHE B 197 19.35 -5.25 29.90
N SER B 198 20.67 -5.18 29.82
CA SER B 198 21.43 -3.99 30.12
C SER B 198 21.41 -3.03 28.94
N ALA B 199 22.02 -1.86 29.11
CA ALA B 199 22.06 -0.88 28.04
C ALA B 199 22.87 -1.40 26.86
N GLY B 200 23.94 -2.14 27.12
CA GLY B 200 24.73 -2.69 26.03
C GLY B 200 23.92 -3.65 25.20
N SER B 201 23.15 -4.51 25.85
CA SER B 201 22.32 -5.47 25.10
C SER B 201 21.26 -4.76 24.28
N ILE B 202 20.66 -3.71 24.84
CA ILE B 202 19.69 -2.90 24.10
C ILE B 202 20.33 -2.32 22.85
N LYS B 203 21.48 -1.65 23.03
CA LYS B 203 22.16 -1.02 21.92
C LYS B 203 22.46 -2.00 20.79
N ASP B 204 22.99 -3.19 21.13
CA ASP B 204 23.33 -4.17 20.11
C ASP B 204 22.12 -4.54 19.26
N ARG B 205 21.00 -4.87 19.91
CA ARG B 205 19.82 -5.35 19.19
C ARG B 205 19.18 -4.23 18.37
N VAL B 206 19.06 -3.03 18.95
CA VAL B 206 18.43 -1.94 18.22
C VAL B 206 19.23 -1.61 16.97
N ASN B 207 20.57 -1.64 17.07
CA ASN B 207 21.37 -1.25 15.92
C ASN B 207 21.38 -2.33 14.85
N ASP B 208 21.38 -3.61 15.24
CA ASP B 208 21.35 -4.67 14.22
C ASP B 208 20.05 -4.63 13.43
N ALA B 209 18.94 -4.37 14.10
CA ALA B 209 17.63 -4.27 13.45
C ALA B 209 17.38 -2.89 12.86
N SER B 210 18.20 -1.90 13.19
CA SER B 210 18.05 -0.54 12.68
C SER B 210 16.63 -0.03 12.92
N CYS B 211 16.18 -0.16 14.17
CA CYS B 211 14.82 0.21 14.51
C CYS B 211 14.61 1.70 14.34
N LYS B 212 13.46 2.06 13.77
CA LYS B 212 13.10 3.46 13.60
C LYS B 212 12.45 4.06 14.83
N ALA B 213 11.86 3.23 15.69
CA ALA B 213 11.15 3.71 16.86
C ALA B 213 11.31 2.69 17.98
N LEU B 214 11.11 3.17 19.21
CA LEU B 214 11.18 2.38 20.42
C LEU B 214 9.98 2.68 21.32
N ILE B 215 9.42 1.62 21.89
CA ILE B 215 8.33 1.73 22.87
C ILE B 215 8.85 1.18 24.19
N THR B 216 8.69 1.96 25.26
CA THR B 216 9.21 1.59 26.55
C THR B 216 8.37 2.28 27.62
N CYS B 217 8.83 2.23 28.89
CA CYS B 217 8.16 2.87 30.01
C CYS B 217 9.21 3.56 30.88
N ASP B 218 8.74 4.37 31.83
CA ASP B 218 9.66 5.14 32.68
C ASP B 218 10.42 4.24 33.64
N GLU B 219 9.69 3.40 34.37
CA GLU B 219 10.28 2.48 35.32
C GLU B 219 9.39 1.24 35.36
N GLY B 220 9.94 0.15 35.88
CA GLY B 220 9.20 -1.07 36.06
C GLY B 220 9.05 -1.41 37.52
N LYS B 221 8.10 -2.29 37.83
CA LYS B 221 7.87 -2.81 39.17
C LYS B 221 8.01 -4.32 39.13
N ARG B 222 8.96 -4.86 39.89
CA ARG B 222 9.15 -6.29 39.98
C ARG B 222 9.47 -6.64 41.43
N GLY B 223 8.73 -7.60 41.99
CA GLY B 223 8.91 -7.96 43.38
C GLY B 223 8.76 -6.80 44.34
N GLY B 224 7.97 -5.79 43.99
CA GLY B 224 7.85 -4.61 44.82
C GLY B 224 8.99 -3.62 44.67
N ARG B 225 10.01 -3.95 43.89
CA ARG B 225 11.16 -3.08 43.69
C ARG B 225 11.08 -2.38 42.34
N THR B 226 11.48 -1.11 42.32
CA THR B 226 11.51 -0.34 41.08
C THR B 226 12.72 -0.72 40.26
N THR B 227 12.52 -0.83 38.95
CA THR B 227 13.59 -1.18 38.03
C THR B 227 13.79 -0.03 37.06
N ASN B 228 15.05 0.28 36.74
CA ASN B 228 15.37 1.38 35.85
C ASN B 228 15.24 0.92 34.40
N ILE B 229 14.24 1.44 33.71
CA ILE B 229 13.98 1.06 32.33
C ILE B 229 14.33 2.20 31.38
N LYS B 230 13.64 3.33 31.50
CA LYS B 230 13.95 4.47 30.64
C LYS B 230 15.40 4.89 30.78
N LYS B 231 15.97 4.79 31.99
CA LYS B 231 17.35 5.24 32.16
C LYS B 231 18.30 4.37 31.34
N LEU B 232 18.07 3.07 31.31
CA LEU B 232 18.90 2.21 30.48
C LEU B 232 18.65 2.46 29.00
N CYS B 233 17.41 2.76 28.62
CA CYS B 233 17.14 3.10 27.22
C CYS B 233 17.91 4.35 26.81
N ASP B 234 17.84 5.40 27.63
CA ASP B 234 18.54 6.63 27.32
C ASP B 234 20.03 6.35 27.14
N GLU B 235 20.60 5.54 28.04
CA GLU B 235 22.01 5.18 27.93
C GLU B 235 22.29 4.50 26.59
N ALA B 236 21.39 3.65 26.12
CA ALA B 236 21.61 2.94 24.87
C ALA B 236 21.44 3.85 23.66
N LEU B 237 20.44 4.74 23.70
CA LEU B 237 20.06 5.47 22.49
C LEU B 237 21.12 6.46 22.03
N VAL B 238 22.04 6.87 22.91
CA VAL B 238 23.10 7.77 22.46
C VAL B 238 23.89 7.16 21.32
N ASP B 239 23.85 5.82 21.20
CA ASP B 239 24.57 5.10 20.16
C ASP B 239 23.62 4.37 19.21
N CYS B 240 22.34 4.76 19.19
CA CYS B 240 21.33 4.15 18.32
C CYS B 240 20.76 5.25 17.45
N PRO B 241 21.46 5.64 16.39
CA PRO B 241 21.01 6.79 15.59
C PRO B 241 19.79 6.51 14.75
N THR B 242 19.41 5.26 14.55
CA THR B 242 18.24 4.97 13.74
C THR B 242 16.93 5.23 14.47
N VAL B 243 16.96 5.40 15.79
CA VAL B 243 15.75 5.56 16.57
C VAL B 243 15.33 7.02 16.46
N GLU B 244 14.21 7.27 15.80
CA GLU B 244 13.71 8.61 15.58
C GLU B 244 12.82 9.10 16.70
N LYS B 245 12.04 8.21 17.31
CA LYS B 245 11.09 8.61 18.33
C LYS B 245 10.90 7.47 19.33
N VAL B 246 10.58 7.84 20.56
CA VAL B 246 10.33 6.89 21.64
C VAL B 246 8.97 7.17 22.26
N LEU B 247 8.20 6.12 22.48
CA LEU B 247 6.91 6.22 23.17
C LEU B 247 7.08 5.65 24.57
N VAL B 248 6.80 6.47 25.59
CA VAL B 248 7.12 6.15 26.98
C VAL B 248 5.84 6.05 27.76
N TYR B 249 5.59 4.87 28.34
CA TYR B 249 4.42 4.67 29.18
C TYR B 249 4.73 5.02 30.63
N LYS B 250 3.73 5.57 31.33
CA LYS B 250 3.89 6.02 32.72
C LYS B 250 3.47 4.88 33.63
N ARG B 251 4.39 3.91 33.79
CA ARG B 251 4.14 2.80 34.67
C ARG B 251 4.22 3.23 36.13
N THR B 252 5.22 4.04 36.48
CA THR B 252 5.34 4.56 37.83
C THR B 252 5.07 6.06 37.90
N ASN B 253 5.04 6.76 36.77
CA ASN B 253 4.77 8.19 36.74
C ASN B 253 5.73 8.97 37.64
N ASN B 254 6.97 8.50 37.73
CA ASN B 254 7.99 9.18 38.51
C ASN B 254 8.34 10.52 37.88
N PRO B 255 8.16 11.64 38.59
CA PRO B 255 8.43 12.95 37.97
C PRO B 255 9.88 13.13 37.56
N GLU B 256 10.81 12.46 38.24
CA GLU B 256 12.23 12.68 37.99
C GLU B 256 12.71 12.06 36.69
N ILE B 257 11.91 11.24 36.02
CA ILE B 257 12.34 10.58 34.79
C ILE B 257 12.30 11.58 33.65
N HIS B 258 13.43 11.77 32.99
CA HIS B 258 13.60 12.79 31.96
C HIS B 258 13.24 12.27 30.57
N LEU B 259 12.54 13.09 29.79
CA LEU B 259 12.24 12.82 28.39
C LEU B 259 12.95 13.79 27.47
N THR B 260 13.66 13.24 26.49
CA THR B 260 14.38 14.07 25.53
C THR B 260 13.43 14.76 24.56
N GLU B 261 13.52 16.08 24.49
CA GLU B 261 12.61 16.85 23.67
C GLU B 261 12.82 16.50 22.20
N GLY B 262 11.71 16.34 21.48
CA GLY B 262 11.79 16.04 20.07
C GLY B 262 11.96 14.58 19.75
N ARG B 263 12.20 13.72 20.73
CA ARG B 263 12.34 12.30 20.52
C ARG B 263 11.39 11.48 21.37
N ASP B 264 11.23 11.84 22.63
CA ASP B 264 10.44 11.08 23.60
C ASP B 264 9.06 11.70 23.74
N TYR B 265 8.04 10.87 23.69
CA TYR B 265 6.66 11.30 23.83
C TYR B 265 5.94 10.31 24.72
N TYR B 266 4.94 10.79 25.46
CA TYR B 266 4.21 9.97 26.42
C TYR B 266 3.11 9.16 25.74
N TRP B 267 2.99 7.91 26.16
CA TRP B 267 1.99 6.98 25.63
C TRP B 267 0.59 7.55 25.73
N ASP B 268 0.20 8.00 26.93
CA ASP B 268 -1.15 8.47 27.15
C ASP B 268 -1.45 9.73 26.35
N VAL B 269 -0.48 10.64 26.28
CA VAL B 269 -0.66 11.91 25.58
C VAL B 269 -0.92 11.67 24.10
N GLU B 270 -0.11 10.81 23.47
CA GLU B 270 -0.21 10.62 22.04
C GLU B 270 -1.40 9.74 21.68
N THR B 271 -1.62 8.63 22.41
CA THR B 271 -2.75 7.76 22.09
C THR B 271 -4.06 8.53 22.22
N ALA B 272 -4.08 9.55 23.09
CA ALA B 272 -5.30 10.34 23.22
C ALA B 272 -5.65 11.08 21.95
N LYS B 273 -4.68 11.28 21.05
CA LYS B 273 -4.87 12.06 19.85
C LYS B 273 -5.53 11.29 18.71
N PHE B 274 -5.66 9.97 18.82
CA PHE B 274 -6.02 9.12 17.70
C PHE B 274 -7.19 8.20 18.03
N PRO B 275 -7.95 7.78 17.04
CA PRO B 275 -9.22 7.06 17.28
C PRO B 275 -9.02 5.59 17.60
N GLY B 276 -10.08 5.00 18.14
CA GLY B 276 -10.10 3.61 18.55
C GLY B 276 -10.18 2.59 17.43
N TYR B 277 -10.18 3.03 16.17
CA TYR B 277 -10.06 2.08 15.07
C TYR B 277 -9.03 2.63 14.10
N LEU B 278 -8.19 1.73 13.60
CA LEU B 278 -7.25 2.04 12.55
C LEU B 278 -7.23 0.79 11.68
N PRO B 279 -7.39 0.93 10.36
CA PRO B 279 -7.38 -0.24 9.49
C PRO B 279 -6.07 -0.99 9.60
N PRO B 280 -6.11 -2.32 9.69
CA PRO B 280 -4.87 -3.09 9.61
C PRO B 280 -4.36 -3.15 8.18
N VAL B 281 -3.06 -3.39 8.07
CA VAL B 281 -2.30 -3.36 6.83
C VAL B 281 -1.94 -4.79 6.46
N SER B 282 -2.37 -5.23 5.28
CA SER B 282 -2.07 -6.59 4.81
C SER B 282 -0.59 -6.77 4.49
N VAL B 283 -0.08 -7.95 4.84
CA VAL B 283 1.28 -8.33 4.52
C VAL B 283 1.23 -9.71 3.85
N ASN B 284 2.35 -10.05 3.23
CA ASN B 284 2.50 -11.35 2.60
C ASN B 284 2.69 -12.44 3.67
N SER B 285 2.29 -13.66 3.33
CA SER B 285 2.50 -14.79 4.23
C SER B 285 3.94 -14.83 4.72
N GLU B 286 4.89 -14.50 3.84
CA GLU B 286 6.30 -14.61 4.12
C GLU B 286 6.94 -13.27 4.50
N ASP B 287 6.14 -12.24 4.72
CA ASP B 287 6.66 -11.03 5.33
C ASP B 287 6.98 -11.26 6.80
N PRO B 288 8.09 -10.73 7.29
CA PRO B 288 8.49 -11.02 8.68
C PRO B 288 7.52 -10.40 9.68
N LEU B 289 7.03 -11.23 10.60
CA LEU B 289 6.18 -10.75 11.68
C LEU B 289 7.00 -10.13 12.79
N PHE B 290 8.14 -10.72 13.11
CA PHE B 290 8.94 -10.17 14.20
C PHE B 290 10.36 -10.70 14.12
N LEU B 291 11.26 -9.96 14.76
CA LEU B 291 12.63 -10.37 15.01
C LEU B 291 12.76 -10.64 16.49
N LEU B 292 13.41 -11.74 16.86
CA LEU B 292 13.65 -12.08 18.25
C LEU B 292 15.10 -12.49 18.42
N TYR B 293 15.86 -11.67 19.15
CA TYR B 293 17.30 -11.85 19.29
C TYR B 293 17.60 -12.88 20.38
N THR B 294 18.26 -13.97 19.97
CA THR B 294 18.67 -15.01 20.91
C THR B 294 19.67 -14.48 21.94
N SER B 295 19.61 -15.06 23.13
CA SER B 295 20.54 -14.71 24.21
C SER B 295 21.89 -15.38 23.97
N THR B 300 27.88 -13.25 19.17
CA THR B 300 27.08 -12.03 19.16
C THR B 300 25.60 -12.39 18.95
N PRO B 301 24.69 -11.63 19.56
CA PRO B 301 23.26 -11.96 19.43
C PRO B 301 22.82 -11.89 17.98
N LYS B 302 21.98 -12.86 17.60
CA LYS B 302 21.47 -12.97 16.24
C LYS B 302 19.94 -12.89 16.23
N GLY B 303 19.39 -12.13 15.28
CA GLY B 303 17.96 -11.91 15.20
C GLY B 303 17.21 -13.00 14.46
N VAL B 304 16.61 -13.94 15.19
CA VAL B 304 15.79 -14.96 14.56
C VAL B 304 14.55 -14.30 13.97
N VAL B 305 14.32 -14.52 12.69
CA VAL B 305 13.18 -13.92 12.00
C VAL B 305 12.10 -14.98 11.83
N HIS B 306 10.86 -14.59 12.10
CA HIS B 306 9.72 -15.46 11.88
C HIS B 306 8.77 -14.83 10.87
N SER B 307 8.26 -15.66 9.97
CA SER B 307 7.28 -15.23 8.99
C SER B 307 5.97 -14.89 9.70
N THR B 308 4.97 -14.48 8.92
CA THR B 308 3.68 -14.13 9.49
C THR B 308 2.74 -15.34 9.44
N ALA B 309 2.41 -15.83 8.25
CA ALA B 309 1.41 -16.89 8.15
C ALA B 309 1.88 -18.17 8.83
N GLY B 310 3.07 -18.67 8.47
CA GLY B 310 3.54 -19.92 9.03
C GLY B 310 3.64 -19.88 10.55
N TYR B 311 4.20 -18.80 11.09
CA TYR B 311 4.31 -18.68 12.53
C TYR B 311 2.95 -18.72 13.18
N LEU B 312 2.00 -17.93 12.67
CA LEU B 312 0.69 -17.87 13.29
C LEU B 312 0.01 -19.23 13.26
N LEU B 313 0.03 -19.91 12.12
CA LEU B 313 -0.60 -21.23 12.05
C LEU B 313 0.03 -22.18 13.04
N GLY B 314 1.36 -22.19 13.15
CA GLY B 314 2.00 -23.02 14.14
C GLY B 314 1.59 -22.69 15.56
N ALA B 315 1.47 -21.40 15.87
CA ALA B 315 1.06 -21.00 17.21
C ALA B 315 -0.36 -21.47 17.51
N ALA B 316 -1.29 -21.20 16.59
CA ALA B 316 -2.69 -21.57 16.80
C ALA B 316 -2.87 -23.08 16.83
N LEU B 317 -2.21 -23.77 15.92
CA LEU B 317 -2.38 -25.21 15.79
C LEU B 317 -1.87 -25.93 17.03
N SER B 318 -0.67 -25.58 17.47
CA SER B 318 -0.09 -26.24 18.63
C SER B 318 -0.89 -25.91 19.89
N THR B 319 -1.22 -24.63 20.09
CA THR B 319 -2.06 -24.27 21.24
C THR B 319 -3.34 -25.08 21.28
N LYS B 320 -4.00 -25.24 20.13
CA LYS B 320 -5.28 -25.95 20.12
C LYS B 320 -5.10 -27.42 20.50
N TYR B 321 -4.14 -28.10 19.88
CA TYR B 321 -4.04 -29.56 19.95
C TYR B 321 -3.11 -30.07 21.06
N ILE B 322 -1.97 -29.40 21.30
CA ILE B 322 -1.07 -29.84 22.36
C ILE B 322 -1.70 -29.59 23.73
N PHE B 323 -2.31 -28.41 23.90
CA PHE B 323 -2.89 -27.97 25.17
C PHE B 323 -4.38 -28.27 25.31
N ASP B 324 -5.06 -28.70 24.25
CA ASP B 324 -6.51 -28.89 24.25
C ASP B 324 -7.25 -27.62 24.65
N ILE B 325 -7.08 -26.57 23.84
CA ILE B 325 -7.71 -25.28 24.11
C ILE B 325 -9.02 -25.19 23.34
N HIS B 326 -10.08 -24.79 24.04
CA HIS B 326 -11.39 -24.54 23.46
C HIS B 326 -11.80 -23.09 23.73
N PRO B 327 -12.85 -22.59 23.08
CA PRO B 327 -13.23 -21.19 23.29
C PRO B 327 -13.50 -20.83 24.73
N GLU B 328 -13.95 -21.79 25.55
CA GLU B 328 -14.31 -21.52 26.92
C GLU B 328 -13.11 -21.40 27.87
N ASP B 329 -11.91 -21.71 27.42
CA ASP B 329 -10.79 -21.89 28.33
C ASP B 329 -10.07 -20.57 28.59
N ILE B 330 -9.20 -20.59 29.61
CA ILE B 330 -8.35 -19.46 29.99
C ILE B 330 -6.94 -19.98 30.17
N LEU B 331 -5.97 -19.34 29.54
CA LEU B 331 -4.59 -19.80 29.53
C LEU B 331 -3.72 -18.87 30.37
N PHE B 332 -2.91 -19.46 31.25
CA PHE B 332 -1.92 -18.72 32.04
C PHE B 332 -0.54 -19.26 31.69
N THR B 333 0.16 -18.50 30.84
CA THR B 333 1.54 -18.79 30.50
C THR B 333 2.42 -17.87 31.34
N ALA B 334 3.10 -18.46 32.30
CA ALA B 334 3.97 -17.72 33.20
C ALA B 334 5.34 -17.52 32.55
N GLY B 335 5.33 -16.77 31.44
CA GLY B 335 6.52 -16.47 30.71
C GLY B 335 6.59 -14.99 30.39
N ASP B 336 7.67 -14.59 29.76
CA ASP B 336 7.92 -13.20 29.43
C ASP B 336 7.97 -13.07 27.92
N VAL B 337 7.30 -12.05 27.36
CA VAL B 337 7.37 -11.80 25.93
C VAL B 337 8.79 -11.47 25.49
N GLY B 338 9.71 -11.20 26.42
CA GLY B 338 11.10 -11.10 26.03
C GLY B 338 11.65 -12.36 25.41
N TRP B 339 10.96 -13.50 25.59
CA TRP B 339 11.37 -14.78 25.06
C TRP B 339 10.28 -15.38 24.18
N ILE B 340 10.64 -16.46 23.51
CA ILE B 340 9.73 -17.02 22.50
C ILE B 340 8.48 -17.58 23.15
N THR B 341 8.61 -18.07 24.38
CA THR B 341 7.46 -18.65 25.07
C THR B 341 6.34 -17.63 25.25
N GLY B 342 6.70 -16.40 25.60
CA GLY B 342 5.70 -15.36 25.71
C GLY B 342 5.09 -14.99 24.36
N HIS B 343 5.94 -14.87 23.33
CA HIS B 343 5.45 -14.56 21.99
C HIS B 343 4.38 -15.56 21.58
N THR B 344 4.69 -16.84 21.70
CA THR B 344 3.87 -17.86 21.07
C THR B 344 2.71 -18.29 21.95
N TYR B 345 2.93 -18.44 23.25
CA TYR B 345 1.91 -19.04 24.11
C TYR B 345 1.38 -18.11 25.19
N ALA B 346 1.87 -16.87 25.25
CA ALA B 346 1.21 -15.84 26.05
C ALA B 346 0.42 -14.84 25.19
N LEU B 347 0.84 -14.64 23.94
CA LEU B 347 0.17 -13.70 23.04
C LEU B 347 -0.44 -14.42 21.84
N TYR B 348 0.36 -14.92 20.90
CA TYR B 348 -0.19 -15.24 19.58
C TYR B 348 -1.10 -16.46 19.64
N GLY B 349 -0.62 -17.56 20.20
CA GLY B 349 -1.40 -18.79 20.29
C GLY B 349 -2.79 -18.58 20.85
N PRO B 350 -2.89 -18.10 22.10
CA PRO B 350 -4.22 -17.99 22.72
C PRO B 350 -5.11 -16.93 22.07
N LEU B 351 -4.56 -15.76 21.71
CA LEU B 351 -5.40 -14.73 21.11
C LEU B 351 -5.89 -15.14 19.73
N LEU B 352 -5.05 -15.81 18.93
CA LEU B 352 -5.50 -16.29 17.63
C LEU B 352 -6.78 -17.11 17.77
N LEU B 353 -6.83 -17.97 18.80
CA LEU B 353 -7.99 -18.81 19.07
C LEU B 353 -9.09 -18.07 19.82
N GLY B 354 -8.87 -16.82 20.21
CA GLY B 354 -9.92 -16.04 20.82
C GLY B 354 -10.17 -16.28 22.28
N VAL B 355 -9.20 -16.85 23.00
CA VAL B 355 -9.39 -17.10 24.44
C VAL B 355 -8.68 -16.04 25.25
N PRO B 356 -9.04 -15.85 26.53
CA PRO B 356 -8.27 -14.95 27.38
C PRO B 356 -6.92 -15.54 27.72
N THR B 357 -5.97 -14.65 27.92
CA THR B 357 -4.61 -15.02 28.29
C THR B 357 -4.19 -14.20 29.51
N ILE B 358 -3.49 -14.83 30.46
CA ILE B 358 -3.12 -14.16 31.69
C ILE B 358 -1.68 -13.68 31.53
N ILE B 359 -1.50 -12.37 31.71
CA ILE B 359 -0.23 -11.69 31.52
C ILE B 359 0.24 -11.23 32.91
N PHE B 360 1.26 -11.91 33.45
CA PHE B 360 1.68 -11.69 34.83
C PHE B 360 2.98 -10.91 34.85
N GLU B 361 2.92 -9.69 35.43
CA GLU B 361 4.05 -8.77 35.42
C GLU B 361 5.10 -9.08 36.47
N GLY B 362 4.70 -9.67 37.59
CA GLY B 362 5.56 -9.82 38.75
C GLY B 362 6.25 -11.17 38.83
N THR B 363 6.64 -11.53 40.05
CA THR B 363 7.36 -12.77 40.31
C THR B 363 6.46 -13.77 41.01
N PRO B 364 6.84 -15.06 41.00
CA PRO B 364 6.04 -16.05 41.73
C PRO B 364 6.05 -15.88 43.23
N ALA B 365 6.95 -15.05 43.79
CA ALA B 365 7.11 -14.90 45.24
C ALA B 365 6.50 -13.64 45.80
N TYR B 366 6.24 -12.63 44.99
CA TYR B 366 5.72 -11.36 45.49
C TYR B 366 4.23 -11.24 45.20
N PRO B 367 3.41 -10.86 46.15
CA PRO B 367 3.74 -10.53 47.54
C PRO B 367 4.05 -11.77 48.38
N ASP B 368 3.63 -12.96 47.98
CA ASP B 368 4.01 -14.18 48.69
C ASP B 368 4.14 -15.31 47.67
N TYR B 369 4.61 -16.46 48.14
CA TYR B 369 4.90 -17.59 47.26
C TYR B 369 3.66 -18.37 46.84
N GLY B 370 2.47 -17.84 47.10
CA GLY B 370 1.25 -18.40 46.58
C GLY B 370 0.66 -17.65 45.41
N ARG B 371 1.42 -16.75 44.78
CA ARG B 371 0.84 -15.82 43.82
C ARG B 371 0.28 -16.54 42.59
N PHE B 372 1.06 -17.45 41.99
CA PHE B 372 0.57 -18.23 40.86
C PHE B 372 -0.78 -18.86 41.18
N TRP B 373 -0.91 -19.42 42.37
CA TRP B 373 -2.12 -20.18 42.68
C TRP B 373 -3.30 -19.25 42.99
N GLN B 374 -3.03 -18.09 43.59
CA GLN B 374 -4.07 -17.07 43.73
C GLN B 374 -4.60 -16.66 42.36
N ILE B 375 -3.70 -16.45 41.40
CA ILE B 375 -4.11 -16.04 40.07
C ILE B 375 -4.99 -17.10 39.43
N VAL B 376 -4.56 -18.37 39.48
CA VAL B 376 -5.35 -19.43 38.89
C VAL B 376 -6.73 -19.47 39.53
N GLU B 377 -6.78 -19.38 40.85
CA GLU B 377 -8.08 -19.40 41.52
C GLU B 377 -8.93 -18.20 41.14
N LYS B 378 -8.32 -17.03 41.08
CA LYS B 378 -9.05 -15.80 40.83
C LYS B 378 -9.73 -15.82 39.46
N HIS B 379 -9.01 -16.27 38.44
CA HIS B 379 -9.53 -16.25 37.08
C HIS B 379 -9.91 -17.63 36.57
N LYS B 380 -9.96 -18.62 37.46
CA LYS B 380 -10.37 -19.98 37.11
C LYS B 380 -9.69 -20.44 35.82
N ALA B 381 -8.37 -20.30 35.80
CA ALA B 381 -7.60 -20.70 34.63
C ALA B 381 -7.66 -22.21 34.48
N THR B 382 -7.79 -22.66 33.25
CA THR B 382 -7.89 -24.07 32.93
C THR B 382 -6.56 -24.65 32.45
N HIS B 383 -5.63 -23.81 32.02
CA HIS B 383 -4.37 -24.23 31.46
C HIS B 383 -3.25 -23.43 32.13
N PHE B 384 -2.18 -24.11 32.50
CA PHE B 384 -1.05 -23.46 33.17
C PHE B 384 0.24 -23.93 32.50
N TYR B 385 1.11 -22.98 32.18
CA TYR B 385 2.31 -23.24 31.38
C TYR B 385 3.46 -22.50 32.03
N VAL B 386 4.45 -23.24 32.54
CA VAL B 386 5.53 -22.64 33.32
C VAL B 386 6.82 -23.42 33.05
N ALA B 387 7.95 -22.81 33.41
CA ALA B 387 9.26 -23.45 33.28
C ALA B 387 9.64 -24.25 34.52
N PRO B 388 10.32 -25.38 34.38
CA PRO B 388 10.71 -26.17 35.57
C PRO B 388 11.49 -25.36 36.60
N THR B 389 12.22 -24.33 36.19
CA THR B 389 12.94 -23.53 37.18
C THR B 389 11.99 -22.96 38.22
N ALA B 390 10.85 -22.42 37.78
CA ALA B 390 9.88 -21.89 38.73
C ALA B 390 9.31 -22.98 39.61
N LEU B 391 9.04 -24.16 39.04
CA LEU B 391 8.52 -25.26 39.84
C LEU B 391 9.50 -25.66 40.95
N ARG B 392 10.80 -25.71 40.64
CA ARG B 392 11.77 -26.05 41.66
C ARG B 392 11.79 -25.01 42.77
N LEU B 393 11.69 -23.73 42.41
CA LEU B 393 11.70 -22.68 43.42
C LEU B 393 10.51 -22.81 44.36
N LEU B 394 9.31 -22.95 43.79
CA LEU B 394 8.12 -23.05 44.61
C LEU B 394 8.14 -24.31 45.45
N ARG B 395 8.71 -25.40 44.93
CA ARG B 395 8.87 -26.60 45.74
C ARG B 395 9.74 -26.30 46.95
N LYS B 396 10.83 -25.55 46.76
CA LYS B 396 11.77 -25.33 47.85
C LYS B 396 11.19 -24.41 48.92
N ALA B 397 10.38 -23.41 48.52
CA ALA B 397 9.99 -22.32 49.40
C ALA B 397 8.50 -22.17 49.61
N GLY B 398 7.66 -22.68 48.70
CA GLY B 398 6.24 -22.40 48.78
C GLY B 398 5.31 -23.59 48.74
N GLU B 399 5.82 -24.80 48.95
CA GLU B 399 4.99 -25.99 48.75
C GLU B 399 3.72 -25.93 49.60
N GLN B 400 3.84 -25.43 50.82
CA GLN B 400 2.68 -25.36 51.71
C GLN B 400 1.61 -24.42 51.17
N GLU B 401 1.99 -23.44 50.35
CA GLU B 401 1.05 -22.42 49.90
C GLU B 401 0.07 -22.95 48.84
N ILE B 402 0.47 -23.97 48.09
CA ILE B 402 -0.37 -24.46 46.99
C ILE B 402 -1.72 -24.93 47.50
N ALA B 403 -1.72 -25.66 48.61
CA ALA B 403 -2.95 -26.25 49.10
C ALA B 403 -3.96 -25.22 49.57
N LYS B 404 -3.52 -23.97 49.77
CA LYS B 404 -4.39 -22.92 50.28
C LYS B 404 -5.39 -22.44 49.24
N TYR B 405 -5.21 -22.80 47.98
CA TYR B 405 -6.00 -22.23 46.90
C TYR B 405 -6.74 -23.32 46.13
N ASP B 406 -7.86 -22.94 45.53
CA ASP B 406 -8.67 -23.83 44.72
C ASP B 406 -8.12 -23.87 43.30
N LEU B 407 -7.54 -25.01 42.91
CA LEU B 407 -6.94 -25.20 41.59
C LEU B 407 -7.72 -26.18 40.72
N SER B 408 -8.96 -26.50 41.12
CA SER B 408 -9.77 -27.49 40.42
C SER B 408 -10.21 -27.04 39.02
N SER B 409 -9.96 -25.78 38.65
CA SER B 409 -10.27 -25.36 37.29
C SER B 409 -9.23 -25.81 36.28
N LEU B 410 -8.04 -26.18 36.72
CA LEU B 410 -6.97 -26.61 35.82
C LEU B 410 -7.23 -28.02 35.33
N ARG B 411 -6.82 -28.29 34.08
CA ARG B 411 -6.75 -29.65 33.56
C ARG B 411 -5.52 -29.92 32.73
N THR B 412 -4.83 -28.89 32.23
CA THR B 412 -3.62 -29.08 31.43
C THR B 412 -2.50 -28.29 32.08
N LEU B 413 -1.39 -28.97 32.36
CA LEU B 413 -0.21 -28.39 32.98
C LEU B 413 0.96 -28.59 32.03
N GLY B 414 1.61 -27.51 31.67
CA GLY B 414 2.66 -27.53 30.67
C GLY B 414 4.00 -27.22 31.30
N SER B 415 5.04 -27.80 30.73
CA SER B 415 6.42 -27.56 31.11
C SER B 415 7.17 -27.15 29.85
N VAL B 416 8.10 -26.19 29.97
CA VAL B 416 8.72 -25.56 28.81
C VAL B 416 10.16 -25.15 29.14
N GLY B 417 11.03 -25.26 28.13
CA GLY B 417 12.29 -24.55 28.11
C GLY B 417 13.49 -25.31 28.64
N GLU B 418 13.29 -26.45 29.26
CA GLU B 418 14.36 -27.18 29.91
C GLU B 418 13.81 -28.51 30.38
N PRO B 419 14.68 -29.47 30.67
CA PRO B 419 14.17 -30.78 31.07
C PRO B 419 13.42 -30.70 32.39
N ILE B 420 12.38 -31.51 32.50
CA ILE B 420 11.61 -31.69 33.72
C ILE B 420 11.91 -33.08 34.24
N SER B 421 12.62 -33.16 35.38
CA SER B 421 13.00 -34.46 35.91
C SER B 421 11.75 -35.25 36.32
N PRO B 422 11.82 -36.58 36.30
CA PRO B 422 10.67 -37.37 36.76
C PRO B 422 10.23 -37.01 38.16
N ASP B 423 11.14 -36.58 39.04
CA ASP B 423 10.74 -36.12 40.37
C ASP B 423 9.94 -34.84 40.28
N ILE B 424 10.42 -33.86 39.51
CA ILE B 424 9.66 -32.63 39.36
C ILE B 424 8.33 -32.91 38.68
N TRP B 425 8.35 -33.79 37.67
CA TRP B 425 7.10 -34.17 37.02
C TRP B 425 6.08 -34.71 38.03
N GLU B 426 6.52 -35.59 38.94
CA GLU B 426 5.64 -36.13 39.97
C GLU B 426 5.16 -35.06 40.95
N TRP B 427 6.08 -34.16 41.34
CA TRP B 427 5.71 -33.05 42.22
C TRP B 427 4.70 -32.15 41.53
N TYR B 428 4.98 -31.79 40.28
CA TYR B 428 4.05 -31.01 39.49
C TYR B 428 2.69 -31.70 39.43
N ASN B 429 2.69 -33.01 39.15
CA ASN B 429 1.44 -33.74 38.97
C ASN B 429 0.62 -33.82 40.25
N GLU B 430 1.28 -33.96 41.40
CA GLU B 430 0.58 -34.19 42.66
C GLU B 430 0.18 -32.88 43.35
N PHE B 431 1.13 -31.99 43.55
CA PHE B 431 0.86 -30.79 44.35
C PHE B 431 0.08 -29.75 43.59
N VAL B 432 0.30 -29.64 42.28
CA VAL B 432 -0.48 -28.74 41.46
C VAL B 432 -1.62 -29.46 40.76
N GLY B 433 -1.33 -30.60 40.13
CA GLY B 433 -2.36 -31.29 39.39
C GLY B 433 -3.33 -32.08 40.24
N LYS B 434 -2.95 -32.39 41.49
CA LYS B 434 -3.71 -33.23 42.38
C LYS B 434 -3.90 -34.63 41.79
N ASN B 435 -2.96 -35.05 40.95
CA ASN B 435 -3.08 -36.31 40.22
C ASN B 435 -4.35 -36.38 39.37
N GLN B 436 -4.82 -35.20 38.91
CA GLN B 436 -6.05 -35.08 38.14
C GLN B 436 -5.87 -34.38 36.80
N CYS B 437 -4.66 -33.93 36.46
CA CYS B 437 -4.44 -33.15 35.24
C CYS B 437 -3.52 -33.90 34.30
N HIS B 438 -3.54 -33.45 33.04
CA HIS B 438 -2.60 -33.89 32.02
C HIS B 438 -1.39 -32.97 32.01
N ILE B 439 -0.21 -33.55 31.88
CA ILE B 439 1.05 -32.82 31.86
C ILE B 439 1.61 -32.86 30.45
N SER B 440 1.94 -31.68 29.90
CA SER B 440 2.51 -31.54 28.56
C SER B 440 3.93 -30.99 28.69
N ASP B 441 4.92 -31.88 28.60
CA ASP B 441 6.33 -31.50 28.55
C ASP B 441 6.64 -31.12 27.11
N THR B 442 6.75 -29.83 26.86
CA THR B 442 6.88 -29.31 25.50
C THR B 442 8.34 -29.02 25.19
N TYR B 443 8.87 -29.71 24.19
CA TYR B 443 10.20 -29.45 23.65
C TYR B 443 10.08 -28.62 22.38
N TRP B 444 10.85 -27.54 22.30
CA TRP B 444 10.92 -26.69 21.12
C TRP B 444 11.99 -25.63 21.32
N GLN B 445 12.10 -24.67 20.40
CA GLN B 445 13.15 -23.67 20.48
C GLN B 445 12.63 -22.37 19.89
N THR B 446 13.38 -21.30 20.11
CA THR B 446 13.04 -20.02 19.51
C THR B 446 12.89 -20.16 18.00
N GLU B 447 13.81 -20.89 17.36
CA GLU B 447 13.79 -20.96 15.90
C GLU B 447 12.64 -21.80 15.36
N SER B 448 12.05 -22.68 16.17
CA SER B 448 10.95 -23.52 15.69
C SER B 448 9.61 -22.80 15.74
N GLY B 449 9.50 -21.72 16.50
CA GLY B 449 8.27 -20.98 16.56
C GLY B 449 7.25 -21.63 17.47
N SER B 450 7.14 -22.95 17.46
CA SER B 450 6.11 -23.61 18.24
C SER B 450 6.56 -25.03 18.58
N HIS B 451 5.67 -25.79 19.21
CA HIS B 451 6.01 -27.11 19.72
C HIS B 451 6.49 -28.04 18.62
N LEU B 452 7.54 -28.79 18.94
CA LEU B 452 8.11 -29.82 18.09
C LEU B 452 7.82 -31.22 18.60
N ILE B 453 8.08 -31.48 19.89
CA ILE B 453 7.75 -32.75 20.52
C ILE B 453 7.02 -32.44 21.81
N ALA B 454 5.80 -32.96 21.93
CA ALA B 454 5.01 -32.69 23.11
C ALA B 454 3.84 -33.65 23.16
N PRO B 455 3.43 -34.11 24.34
CA PRO B 455 2.28 -35.01 24.43
C PRO B 455 0.97 -34.22 24.40
N LEU B 456 0.11 -34.56 23.44
CA LEU B 456 -1.15 -33.84 23.28
C LEU B 456 -2.06 -34.10 24.47
N ALA B 457 -2.59 -33.04 25.05
CA ALA B 457 -3.43 -33.17 26.23
C ALA B 457 -4.68 -33.99 25.93
N GLY B 458 -4.89 -35.04 26.73
CA GLY B 458 -6.02 -35.92 26.60
C GLY B 458 -5.88 -37.00 25.55
N VAL B 459 -4.76 -37.08 24.86
CA VAL B 459 -4.61 -37.98 23.73
C VAL B 459 -3.43 -38.91 23.95
N VAL B 460 -2.28 -38.34 24.28
CA VAL B 460 -1.02 -39.07 24.32
C VAL B 460 -0.71 -39.42 25.78
N PRO B 461 -0.61 -40.70 26.14
CA PRO B 461 -0.08 -41.03 27.46
C PRO B 461 1.39 -40.67 27.53
N ASN B 462 1.83 -40.12 28.65
CA ASN B 462 3.20 -39.63 28.77
C ASN B 462 4.00 -40.53 29.70
N LYS B 463 5.31 -40.52 29.46
CA LYS B 463 6.28 -41.09 30.35
C LYS B 463 7.00 -39.96 31.06
N PRO B 464 6.96 -39.87 32.39
CA PRO B 464 7.54 -38.70 33.07
C PRO B 464 8.98 -38.46 32.67
N GLY B 465 9.26 -37.23 32.19
CA GLY B 465 10.54 -36.85 31.67
C GLY B 465 10.68 -36.99 30.17
N SER B 466 9.65 -37.49 29.49
CA SER B 466 9.64 -37.68 28.04
C SER B 466 8.62 -36.75 27.40
N ALA B 467 9.06 -36.05 26.36
CA ALA B 467 8.18 -35.22 25.55
C ALA B 467 7.28 -36.04 24.63
N SER B 468 7.55 -37.34 24.49
CA SER B 468 6.72 -38.23 23.67
C SER B 468 6.87 -37.98 22.18
N TYR B 469 5.74 -37.89 21.47
CA TYR B 469 5.74 -37.95 20.01
C TYR B 469 5.97 -36.58 19.38
N PRO B 470 6.55 -36.55 18.19
CA PRO B 470 6.67 -35.28 17.46
C PRO B 470 5.33 -34.82 16.89
N PHE B 471 5.21 -33.51 16.71
CA PHE B 471 3.95 -32.86 16.38
C PHE B 471 3.71 -32.80 14.87
N PHE B 472 2.48 -32.43 14.50
CA PHE B 472 2.11 -32.26 13.09
C PHE B 472 3.18 -31.50 12.33
N GLY B 473 3.54 -32.02 11.16
CA GLY B 473 4.52 -31.40 10.31
C GLY B 473 5.95 -31.52 10.78
N ILE B 474 6.19 -32.24 11.87
CA ILE B 474 7.50 -32.40 12.46
C ILE B 474 7.91 -33.85 12.20
N ASP B 475 8.79 -34.06 11.24
CA ASP B 475 9.31 -35.39 10.94
C ASP B 475 10.63 -35.54 11.69
N ALA B 476 10.53 -36.07 12.91
CA ALA B 476 11.68 -36.15 13.80
C ALA B 476 12.55 -37.35 13.45
N ALA B 477 13.85 -37.18 13.65
CA ALA B 477 14.79 -38.25 13.38
C ALA B 477 16.00 -38.10 14.31
N LEU B 478 16.70 -39.21 14.50
CA LEU B 478 17.97 -39.21 15.21
C LEU B 478 19.05 -39.50 14.18
N ILE B 479 20.13 -38.71 14.21
CA ILE B 479 21.25 -38.86 13.30
C ILE B 479 22.52 -39.17 14.10
N ASP B 480 23.38 -39.99 13.52
CA ASP B 480 24.65 -40.28 14.17
C ASP B 480 25.55 -39.04 14.08
N PRO B 481 26.07 -38.55 15.20
CA PRO B 481 26.84 -37.30 15.13
C PRO B 481 28.08 -37.38 14.25
N VAL B 482 28.67 -38.55 14.07
CA VAL B 482 29.93 -38.67 13.33
C VAL B 482 29.70 -38.82 11.83
N THR B 483 28.77 -39.70 11.45
CA THR B 483 28.49 -39.97 10.05
C THR B 483 27.44 -39.04 9.47
N GLY B 484 26.59 -38.46 10.29
CA GLY B 484 25.50 -37.69 9.74
C GLY B 484 24.42 -38.53 9.09
N VAL B 485 24.35 -39.81 9.43
CA VAL B 485 23.39 -40.72 8.83
C VAL B 485 22.27 -40.96 9.82
N GLU B 486 21.04 -40.93 9.32
CA GLU B 486 19.87 -41.10 10.16
C GLU B 486 19.85 -42.49 10.78
N ILE B 487 19.48 -42.56 12.04
CA ILE B 487 19.47 -43.80 12.81
C ILE B 487 18.06 -44.37 12.75
N GLU B 488 17.88 -45.42 11.96
CA GLU B 488 16.60 -46.11 11.92
C GLU B 488 16.45 -47.03 13.14
N GLY B 489 15.21 -47.22 13.56
CA GLY B 489 14.89 -48.11 14.64
C GLY B 489 14.89 -47.43 16.00
N ASN B 490 14.27 -48.11 16.96
CA ASN B 490 14.05 -47.56 18.28
C ASN B 490 15.08 -48.10 19.26
N ASP B 491 15.03 -47.59 20.49
CA ASP B 491 16.10 -47.81 21.48
C ASP B 491 17.42 -47.25 20.96
N ALA B 492 17.38 -45.99 20.54
CA ALA B 492 18.50 -45.33 19.87
C ALA B 492 18.78 -44.00 20.52
N GLU B 493 19.99 -43.48 20.26
CA GLU B 493 20.41 -42.17 20.73
C GLU B 493 21.16 -41.48 19.60
N GLY B 494 21.00 -40.16 19.51
CA GLY B 494 21.72 -39.40 18.51
C GLY B 494 21.31 -37.94 18.52
N VAL B 495 21.79 -37.22 17.50
CA VAL B 495 21.43 -35.82 17.30
C VAL B 495 19.99 -35.75 16.83
N LEU B 496 19.23 -34.82 17.40
CA LEU B 496 17.82 -34.65 17.05
C LEU B 496 17.75 -33.74 15.84
N ALA B 497 17.17 -34.24 14.76
CA ALA B 497 17.08 -33.51 13.51
C ALA B 497 15.68 -33.59 12.92
N ILE B 498 15.38 -32.67 12.01
CA ILE B 498 14.09 -32.66 11.33
C ILE B 498 14.33 -32.84 9.85
N LYS B 499 13.46 -33.63 9.21
CA LYS B 499 13.71 -34.13 7.85
C LYS B 499 13.07 -33.23 6.81
N ASP B 500 12.27 -32.25 7.22
CA ASP B 500 11.67 -31.29 6.30
C ASP B 500 11.22 -30.09 7.12
N HIS B 501 11.08 -28.96 6.46
CA HIS B 501 10.69 -27.75 7.16
C HIS B 501 9.20 -27.79 7.49
N TRP B 502 8.80 -26.91 8.39
CA TRP B 502 7.45 -26.86 8.92
C TRP B 502 7.01 -25.41 8.95
N PRO B 503 5.69 -25.15 9.01
CA PRO B 503 5.21 -23.78 8.79
C PRO B 503 5.84 -22.73 9.67
N SER B 504 5.99 -22.98 10.97
CA SER B 504 6.47 -21.96 11.89
C SER B 504 7.99 -21.94 12.01
N MET B 505 8.70 -22.67 11.16
CA MET B 505 10.14 -22.66 11.21
C MET B 505 10.66 -21.27 10.86
N ALA B 506 11.68 -20.83 11.59
CA ALA B 506 12.29 -19.54 11.32
C ALA B 506 12.89 -19.53 9.92
N ARG B 507 12.81 -18.37 9.28
CA ARG B 507 13.18 -18.25 7.88
C ARG B 507 14.58 -17.73 7.66
N THR B 508 15.17 -17.00 8.61
CA THR B 508 16.51 -16.46 8.43
C THR B 508 17.01 -15.90 9.76
N VAL B 509 18.26 -15.44 9.74
CA VAL B 509 18.83 -14.57 10.75
C VAL B 509 19.00 -13.20 10.10
N TYR B 510 18.51 -12.16 10.76
CA TYR B 510 18.34 -10.86 10.11
C TYR B 510 19.64 -10.35 9.50
N LYS B 511 19.62 -10.19 8.16
CA LYS B 511 20.75 -9.71 7.37
C LYS B 511 22.00 -10.58 7.53
N ASN B 512 21.84 -11.81 8.04
CA ASN B 512 22.93 -12.78 8.08
C ASN B 512 22.36 -14.17 7.80
N HIS B 513 21.89 -14.36 6.56
CA HIS B 513 21.37 -15.66 6.15
C HIS B 513 22.48 -16.70 6.08
N THR B 514 23.74 -16.25 5.96
CA THR B 514 24.82 -17.22 5.97
C THR B 514 24.95 -17.89 7.33
N LYS B 515 24.84 -17.10 8.42
CA LYS B 515 24.88 -17.71 9.75
C LYS B 515 23.72 -18.67 9.93
N TYR B 516 22.54 -18.29 9.44
CA TYR B 516 21.38 -19.19 9.50
C TYR B 516 21.71 -20.54 8.88
N MET B 517 22.23 -20.54 7.65
CA MET B 517 22.51 -21.82 6.99
C MET B 517 23.59 -22.59 7.74
N ASP B 518 24.65 -21.91 8.15
CA ASP B 518 25.75 -22.58 8.84
C ASP B 518 25.32 -23.20 10.16
N THR B 519 24.32 -22.60 10.81
CA THR B 519 23.89 -23.05 12.13
C THR B 519 22.91 -24.22 12.03
N TYR B 520 21.89 -24.10 11.18
CA TYR B 520 20.75 -25.02 11.19
C TYR B 520 20.73 -26.00 10.03
N MET B 521 21.15 -25.60 8.83
CA MET B 521 20.94 -26.39 7.62
C MET B 521 22.18 -27.08 7.08
N ASN B 522 23.35 -26.49 7.29
CA ASN B 522 24.61 -27.00 6.74
C ASN B 522 25.26 -28.07 7.60
N PRO B 523 25.16 -28.02 8.94
CA PRO B 523 25.84 -29.06 9.75
C PRO B 523 25.46 -30.47 9.34
N TYR B 524 24.17 -30.70 9.07
CA TYR B 524 23.67 -31.99 8.61
C TYR B 524 22.79 -31.73 7.38
N PRO B 525 23.38 -31.71 6.19
CA PRO B 525 22.63 -31.27 5.01
C PRO B 525 21.37 -32.08 4.78
N GLY B 526 20.30 -31.37 4.36
CA GLY B 526 18.98 -31.96 4.22
C GLY B 526 18.16 -32.02 5.50
N TYR B 527 18.74 -31.63 6.62
CA TYR B 527 18.09 -31.70 7.92
C TYR B 527 18.13 -30.33 8.57
N TYR B 528 17.27 -30.18 9.57
CA TYR B 528 17.35 -29.05 10.49
C TYR B 528 18.06 -29.53 11.75
N PHE B 529 19.09 -28.79 12.18
CA PHE B 529 19.92 -29.18 13.33
C PHE B 529 19.43 -28.45 14.58
N THR B 530 18.76 -29.17 15.49
CA THR B 530 18.25 -28.53 16.70
C THR B 530 19.33 -28.10 17.66
N GLY B 531 20.52 -28.69 17.58
CA GLY B 531 21.53 -28.49 18.59
C GLY B 531 21.33 -29.32 19.83
N ASP B 532 20.36 -30.21 19.85
CA ASP B 532 20.07 -31.05 21.00
C ASP B 532 20.33 -32.49 20.65
N GLY B 533 20.66 -33.28 21.67
CA GLY B 533 20.68 -34.72 21.54
C GLY B 533 19.46 -35.31 22.20
N ALA B 534 18.99 -36.42 21.65
CA ALA B 534 17.79 -37.06 22.18
C ALA B 534 17.92 -38.56 22.03
N ALA B 535 16.95 -39.27 22.60
CA ALA B 535 16.89 -40.72 22.53
C ALA B 535 15.46 -41.14 22.24
N ARG B 536 15.30 -42.26 21.52
CA ARG B 536 13.99 -42.74 21.13
C ARG B 536 13.83 -44.17 21.61
N ASP B 537 12.75 -44.44 22.33
CA ASP B 537 12.55 -45.74 22.95
C ASP B 537 11.63 -46.59 22.08
N HIS B 538 11.41 -47.84 22.53
CA HIS B 538 10.69 -48.81 21.72
C HIS B 538 9.28 -48.35 21.39
N ASP B 539 8.68 -47.49 22.21
CA ASP B 539 7.36 -46.99 21.88
C ASP B 539 7.40 -45.76 20.97
N GLY B 540 8.59 -45.26 20.63
CA GLY B 540 8.72 -44.06 19.83
C GLY B 540 8.79 -42.76 20.61
N TYR B 541 8.67 -42.80 21.94
CA TYR B 541 8.77 -41.57 22.74
C TYR B 541 10.18 -41.02 22.68
N TYR B 542 10.28 -39.69 22.52
CA TYR B 542 11.58 -39.04 22.48
C TYR B 542 11.97 -38.53 23.87
N TRP B 543 13.25 -38.72 24.21
CA TRP B 543 13.81 -38.31 25.49
C TRP B 543 14.91 -37.29 25.22
N ILE B 544 14.68 -36.04 25.61
CA ILE B 544 15.65 -35.00 25.32
C ILE B 544 16.85 -35.16 26.26
N ARG B 545 18.04 -35.27 25.67
CA ARG B 545 19.27 -35.46 26.42
C ARG B 545 20.11 -34.20 26.47
N GLY B 546 19.65 -33.12 25.89
CA GLY B 546 20.29 -31.83 26.13
C GLY B 546 21.25 -31.47 25.02
N ARG B 547 21.79 -30.26 25.15
CA ARG B 547 22.61 -29.69 24.09
C ARG B 547 23.77 -30.62 23.78
N VAL B 548 24.14 -30.68 22.49
CA VAL B 548 25.28 -31.44 22.03
C VAL B 548 26.48 -30.51 21.99
N ASP B 549 27.59 -31.00 21.47
CA ASP B 549 28.83 -30.23 21.47
C ASP B 549 28.94 -29.31 20.27
N ASP B 550 27.94 -29.32 19.39
CA ASP B 550 27.93 -28.44 18.24
C ASP B 550 29.27 -28.57 17.55
N VAL B 551 29.42 -29.63 16.76
CA VAL B 551 30.69 -29.99 16.14
C VAL B 551 30.79 -29.40 14.75
N VAL B 552 31.92 -28.74 14.48
CA VAL B 552 32.19 -28.17 13.16
C VAL B 552 32.15 -29.28 12.11
N ASN B 553 31.76 -28.92 10.90
CA ASN B 553 31.69 -29.85 9.75
C ASN B 553 32.56 -29.35 8.60
N VAL B 554 33.73 -29.99 8.44
CA VAL B 554 34.68 -29.63 7.39
C VAL B 554 34.61 -30.72 6.33
N SER B 555 33.94 -30.42 5.21
CA SER B 555 33.88 -31.34 4.07
C SER B 555 33.41 -32.74 4.49
N GLY B 556 32.40 -32.78 5.36
CA GLY B 556 31.82 -34.03 5.81
C GLY B 556 32.49 -34.70 7.00
N HIS B 557 33.63 -34.20 7.47
CA HIS B 557 34.26 -34.70 8.69
C HIS B 557 33.85 -33.77 9.82
N ARG B 558 33.17 -34.32 10.82
CA ARG B 558 32.69 -33.52 11.94
C ARG B 558 33.72 -33.53 13.06
N LEU B 559 34.10 -32.33 13.50
CA LEU B 559 35.20 -32.14 14.43
C LEU B 559 34.68 -31.42 15.67
N SER B 560 35.36 -31.65 16.81
CA SER B 560 35.05 -30.99 18.07
C SER B 560 36.13 -29.96 18.36
N THR B 561 35.74 -28.68 18.45
CA THR B 561 36.70 -27.65 18.84
C THR B 561 37.27 -27.89 20.24
N ALA B 562 36.45 -28.44 21.14
CA ALA B 562 36.93 -28.72 22.50
C ALA B 562 38.03 -29.77 22.50
N GLU B 563 37.89 -30.81 21.67
CA GLU B 563 38.89 -31.87 21.62
C GLU B 563 40.21 -31.37 21.04
N ILE B 564 40.16 -30.45 20.08
CA ILE B 564 41.38 -29.90 19.49
C ILE B 564 42.08 -28.98 20.48
N GLU B 565 41.32 -28.17 21.22
CA GLU B 565 41.92 -27.35 22.27
C GLU B 565 42.63 -28.22 23.31
N ALA B 566 42.01 -29.32 23.72
CA ALA B 566 42.63 -30.20 24.70
C ALA B 566 43.90 -30.85 24.14
N ALA B 567 43.86 -31.32 22.90
CA ALA B 567 45.05 -31.93 22.29
C ALA B 567 46.19 -30.93 22.18
N LEU B 568 45.87 -29.67 21.83
CA LEU B 568 46.89 -28.63 21.74
C LEU B 568 47.45 -28.29 23.12
N ILE B 569 46.58 -28.23 24.13
CA ILE B 569 47.03 -27.88 25.47
C ILE B 569 47.94 -28.98 26.04
N GLU B 570 47.75 -30.23 25.64
CA GLU B 570 48.63 -31.30 26.08
C GLU B 570 50.08 -31.00 25.72
N ASP B 571 50.30 -30.34 24.58
CA ASP B 571 51.65 -29.93 24.19
C ASP B 571 52.19 -28.92 25.20
N LYS B 572 53.41 -29.17 25.69
CA LYS B 572 53.98 -28.34 26.75
C LYS B 572 54.31 -26.94 26.27
N LYS B 573 54.60 -26.78 24.97
CA LYS B 573 54.93 -25.46 24.42
C LYS B 573 53.74 -24.52 24.40
N VAL B 574 52.51 -25.04 24.48
CA VAL B 574 51.31 -24.23 24.34
C VAL B 574 50.98 -23.61 25.69
N SER B 575 50.78 -22.30 25.70
CA SER B 575 50.31 -21.64 26.91
C SER B 575 48.83 -21.96 27.13
N GLU B 576 48.00 -21.58 26.18
CA GLU B 576 46.59 -21.95 26.14
C GLU B 576 46.21 -22.05 24.67
N ALA B 577 45.09 -22.70 24.40
CA ALA B 577 44.63 -22.89 23.03
C ALA B 577 43.13 -22.69 22.97
N ALA B 578 42.68 -22.03 21.91
CA ALA B 578 41.27 -21.76 21.66
C ALA B 578 40.96 -21.99 20.19
N VAL B 579 39.99 -22.88 19.93
CA VAL B 579 39.64 -23.30 18.57
C VAL B 579 38.21 -22.90 18.32
N VAL B 580 37.95 -22.37 17.11
CA VAL B 580 36.64 -21.89 16.73
C VAL B 580 36.36 -22.33 15.30
N GLY B 581 35.09 -22.21 14.90
CA GLY B 581 34.66 -22.59 13.57
C GLY B 581 34.17 -21.37 12.81
N ILE B 582 34.44 -21.33 11.51
CA ILE B 582 33.98 -20.25 10.64
C ILE B 582 33.56 -20.83 9.29
N HIS B 583 32.81 -20.03 8.55
CA HIS B 583 32.30 -20.45 7.25
C HIS B 583 33.43 -20.43 6.23
N ASP B 584 33.46 -21.44 5.37
CA ASP B 584 34.49 -21.58 4.35
C ASP B 584 33.79 -21.95 3.05
N ASP B 585 34.17 -21.28 1.95
CA ASP B 585 33.43 -21.44 0.71
C ASP B 585 33.64 -22.81 0.05
N ILE B 586 34.73 -23.50 0.33
CA ILE B 586 35.03 -24.79 -0.28
C ILE B 586 34.62 -25.95 0.62
N THR B 587 35.00 -25.91 1.90
CA THR B 587 34.81 -27.03 2.81
C THR B 587 33.62 -26.85 3.75
N GLY B 588 32.79 -25.82 3.54
CA GLY B 588 31.63 -25.57 4.38
C GLY B 588 31.94 -24.85 5.66
N GLN B 589 32.66 -25.52 6.57
CA GLN B 589 33.17 -24.91 7.79
C GLN B 589 34.68 -25.09 7.80
N ALA B 590 35.37 -24.20 8.51
CA ALA B 590 36.80 -24.32 8.70
C ALA B 590 37.11 -24.16 10.18
N VAL B 591 38.16 -24.85 10.61
CA VAL B 591 38.61 -24.82 12.00
C VAL B 591 39.86 -23.94 12.07
N ILE B 592 39.82 -22.90 12.89
CA ILE B 592 40.95 -22.01 13.09
C ILE B 592 41.38 -22.11 14.56
N ALA B 593 42.67 -22.29 14.78
CA ALA B 593 43.22 -22.49 16.12
C ALA B 593 44.05 -21.29 16.55
N TYR B 594 43.83 -20.83 17.78
CA TYR B 594 44.59 -19.73 18.38
C TYR B 594 45.35 -20.26 19.58
N VAL B 595 46.66 -20.00 19.61
CA VAL B 595 47.51 -20.55 20.65
C VAL B 595 48.33 -19.43 21.32
N GLU B 607 58.21 -22.35 11.10
CA GLU B 607 57.14 -23.25 10.66
C GLU B 607 57.21 -24.58 11.41
N GLY B 608 58.15 -24.73 12.34
CA GLY B 608 58.33 -26.01 13.02
C GLY B 608 57.28 -26.30 14.07
N LEU B 609 56.90 -25.28 14.85
CA LEU B 609 55.94 -25.50 15.93
C LEU B 609 54.52 -25.65 15.40
N ARG B 610 54.18 -25.00 14.28
CA ARG B 610 52.85 -25.14 13.72
C ARG B 610 52.62 -26.55 13.20
N LYS B 611 53.63 -27.13 12.56
CA LYS B 611 53.50 -28.52 12.09
C LYS B 611 53.55 -29.50 13.25
N GLU B 612 54.26 -29.16 14.32
CA GLU B 612 54.32 -30.04 15.49
C GLU B 612 52.99 -30.06 16.23
N LEU B 613 52.28 -28.93 16.26
CA LEU B 613 50.95 -28.90 16.86
C LEU B 613 49.91 -29.59 15.99
N VAL B 614 49.97 -29.38 14.67
CA VAL B 614 49.05 -30.05 13.75
C VAL B 614 49.20 -31.56 13.83
N LEU B 615 50.44 -32.05 13.90
CA LEU B 615 50.66 -33.49 14.07
C LEU B 615 50.16 -33.98 15.41
N GLN B 616 50.26 -33.13 16.46
CA GLN B 616 49.70 -33.49 17.76
C GLN B 616 48.20 -33.72 17.65
N VAL B 617 47.51 -32.83 16.92
CA VAL B 617 46.06 -32.98 16.75
C VAL B 617 45.73 -34.20 15.88
N ARG B 618 46.55 -34.48 14.85
CA ARG B 618 46.24 -35.62 13.99
C ARG B 618 46.39 -36.94 14.72
N LYS B 619 47.39 -37.07 15.59
CA LYS B 619 47.60 -38.33 16.30
C LYS B 619 46.68 -38.45 17.51
N THR B 620 46.30 -37.33 18.12
CA THR B 620 45.39 -37.35 19.27
C THR B 620 43.96 -37.58 18.83
N ILE B 621 43.50 -36.89 17.77
CA ILE B 621 42.11 -36.91 17.34
C ILE B 621 41.95 -37.73 16.06
N GLY B 622 42.59 -37.29 14.97
CA GLY B 622 42.48 -37.98 13.70
C GLY B 622 43.04 -37.18 12.54
N PRO B 623 43.35 -37.87 11.42
CA PRO B 623 43.99 -37.16 10.29
C PRO B 623 43.17 -36.00 9.74
N PHE B 624 41.86 -36.17 9.60
CA PHE B 624 40.97 -35.14 9.07
C PHE B 624 40.53 -34.12 10.11
N ALA B 625 41.13 -34.13 11.31
CA ALA B 625 40.81 -33.18 12.37
C ALA B 625 41.84 -32.08 12.52
N ALA B 626 42.83 -32.03 11.63
CA ALA B 626 43.88 -31.00 11.72
C ALA B 626 43.30 -29.63 11.40
N PRO B 627 43.61 -28.60 12.19
CA PRO B 627 43.07 -27.26 11.90
C PRO B 627 43.54 -26.74 10.55
N LYS B 628 42.70 -25.92 9.93
CA LYS B 628 43.05 -25.29 8.66
C LYS B 628 44.25 -24.35 8.82
N SER B 629 44.36 -23.70 9.97
CA SER B 629 45.47 -22.79 10.24
C SER B 629 45.59 -22.62 11.75
N VAL B 630 46.81 -22.34 12.20
CA VAL B 630 47.08 -22.11 13.62
C VAL B 630 47.66 -20.71 13.85
N ILE B 648 34.67 -13.45 19.70
CA ILE B 648 35.60 -12.49 19.11
C ILE B 648 36.56 -13.25 18.21
N LEU B 649 36.98 -14.43 18.64
CA LEU B 649 37.91 -15.21 17.83
C LEU B 649 37.29 -15.64 16.51
N ARG B 650 35.97 -15.72 16.43
CA ARG B 650 35.31 -16.09 15.17
C ARG B 650 35.15 -14.91 14.24
N LYS B 651 34.85 -13.72 14.78
CA LYS B 651 34.68 -12.55 13.92
C LYS B 651 36.00 -12.09 13.31
N VAL B 652 37.11 -12.26 14.03
CA VAL B 652 38.42 -11.93 13.47
C VAL B 652 38.79 -12.93 12.38
N SER B 653 38.49 -14.21 12.60
CA SER B 653 38.76 -15.23 11.58
C SER B 653 37.94 -14.99 10.31
N SER B 654 36.71 -14.48 10.46
CA SER B 654 35.84 -14.19 9.33
C SER B 654 36.03 -12.78 8.77
N ASN B 655 36.85 -11.95 9.42
CA ASN B 655 37.07 -10.58 8.97
C ASN B 655 35.77 -9.78 8.98
N GLN C 20 -2.04 -7.68 -61.18
CA GLN C 20 -0.98 -8.55 -60.70
C GLN C 20 0.35 -7.81 -60.69
N THR C 21 0.63 -7.06 -61.75
CA THR C 21 1.86 -6.27 -61.82
C THR C 21 1.68 -4.99 -61.01
N HIS C 22 2.69 -4.66 -60.20
CA HIS C 22 2.65 -3.48 -59.35
C HIS C 22 3.41 -2.33 -59.99
N ASN C 23 2.75 -1.17 -60.11
CA ASN C 23 3.40 0.02 -60.64
C ASN C 23 4.01 0.87 -59.54
N VAL C 24 3.61 0.66 -58.29
CA VAL C 24 4.16 1.38 -57.14
C VAL C 24 5.07 0.47 -56.32
N VAL C 25 4.62 -0.73 -56.00
CA VAL C 25 5.40 -1.63 -55.13
C VAL C 25 6.33 -2.42 -56.05
N HIS C 26 7.45 -1.79 -56.39
CA HIS C 26 8.43 -2.43 -57.28
C HIS C 26 9.06 -3.67 -56.64
N GLU C 27 9.17 -3.68 -55.30
CA GLU C 27 9.73 -4.84 -54.62
C GLU C 27 8.93 -6.11 -54.91
N ALA C 28 7.64 -5.96 -55.19
CA ALA C 28 6.73 -7.11 -55.25
C ALA C 28 6.71 -7.80 -56.60
N ASN C 29 7.25 -7.20 -57.65
CA ASN C 29 7.13 -7.77 -58.98
C ASN C 29 7.94 -9.06 -59.09
N GLY C 30 7.28 -10.12 -59.55
CA GLY C 30 7.97 -11.37 -59.85
C GLY C 30 8.65 -12.04 -58.68
N VAL C 31 8.02 -12.03 -57.51
CA VAL C 31 8.60 -12.63 -56.30
C VAL C 31 7.69 -13.77 -55.88
N LYS C 32 8.21 -15.00 -55.94
CA LYS C 32 7.43 -16.19 -55.65
C LYS C 32 7.27 -16.38 -54.14
N LEU C 33 6.04 -16.69 -53.73
CA LEU C 33 5.77 -17.00 -52.33
C LEU C 33 6.59 -18.21 -51.90
N ARG C 34 7.09 -18.17 -50.69
CA ARG C 34 7.97 -19.21 -50.16
C ARG C 34 7.24 -19.92 -49.03
N GLU C 35 6.75 -21.12 -49.34
CA GLU C 35 6.01 -21.90 -48.37
C GLU C 35 6.92 -22.45 -47.28
N THR C 36 6.35 -22.72 -46.11
CA THR C 36 7.13 -23.27 -45.02
C THR C 36 7.62 -24.67 -45.41
N PRO C 37 8.92 -24.96 -45.26
CA PRO C 37 9.41 -26.30 -45.60
C PRO C 37 8.77 -27.40 -44.75
N LYS C 38 8.78 -28.61 -45.31
CA LYS C 38 8.21 -29.77 -44.62
C LYS C 38 8.93 -30.07 -43.32
N GLU C 39 10.24 -29.79 -43.26
CA GLU C 39 11.02 -30.11 -42.07
C GLU C 39 10.58 -29.28 -40.88
N PHE C 40 10.06 -28.07 -41.13
CA PHE C 40 9.55 -27.25 -40.04
C PHE C 40 8.46 -27.99 -39.27
N PHE C 41 7.48 -28.55 -39.99
CA PHE C 41 6.36 -29.21 -39.32
C PHE C 41 6.76 -30.55 -38.75
N GLU C 42 7.74 -31.23 -39.36
CA GLU C 42 8.24 -32.47 -38.78
C GLU C 42 8.93 -32.21 -37.44
N ARG C 43 9.65 -31.09 -37.32
CA ARG C 43 10.44 -30.80 -36.13
C ARG C 43 9.65 -30.13 -35.01
N GLN C 44 8.48 -29.56 -35.28
CA GLN C 44 7.76 -28.88 -34.22
C GLN C 44 7.17 -29.92 -33.27
N PRO C 45 7.29 -29.72 -31.95
CA PRO C 45 6.94 -30.80 -31.02
C PRO C 45 5.45 -31.07 -30.89
N ASN C 46 4.59 -30.09 -31.18
CA ASN C 46 3.16 -30.25 -30.97
C ASN C 46 2.40 -29.63 -32.13
N LYS C 47 1.07 -29.77 -32.09
CA LYS C 47 0.23 -29.11 -33.07
C LYS C 47 0.48 -27.61 -33.06
N GLY C 48 0.55 -27.01 -34.25
CA GLY C 48 0.76 -25.57 -34.33
C GLY C 48 -0.36 -24.81 -33.66
N HIS C 49 -0.04 -23.60 -33.21
CA HIS C 49 -1.05 -22.81 -32.50
C HIS C 49 -2.13 -22.29 -33.44
N ILE C 50 -1.80 -22.09 -34.71
CA ILE C 50 -2.76 -21.69 -35.75
C ILE C 50 -2.58 -22.65 -36.91
N HIS C 51 -3.71 -23.15 -37.45
CA HIS C 51 -3.62 -24.19 -38.48
C HIS C 51 -3.09 -23.61 -39.79
N ASP C 52 -3.70 -22.52 -40.27
CA ASP C 52 -3.34 -21.98 -41.57
C ASP C 52 -3.56 -20.47 -41.59
N VAL C 53 -3.29 -19.86 -42.75
CA VAL C 53 -3.36 -18.41 -42.88
C VAL C 53 -4.80 -17.91 -42.77
N ASN C 54 -5.77 -18.73 -43.14
CA ASN C 54 -7.16 -18.28 -43.04
C ASN C 54 -7.61 -18.18 -41.59
N GLN C 55 -7.23 -19.14 -40.75
CA GLN C 55 -7.55 -19.01 -39.32
C GLN C 55 -6.85 -17.80 -38.72
N TYR C 56 -5.63 -17.49 -39.18
CA TYR C 56 -4.94 -16.31 -38.69
C TYR C 56 -5.72 -15.04 -39.02
N LYS C 57 -6.24 -14.93 -40.25
CA LYS C 57 -6.99 -13.73 -40.60
C LYS C 57 -8.27 -13.61 -39.80
N GLN C 58 -8.95 -14.73 -39.53
CA GLN C 58 -10.12 -14.67 -38.68
C GLN C 58 -9.76 -14.14 -37.29
N MET C 59 -8.68 -14.68 -36.70
CA MET C 59 -8.23 -14.20 -35.40
C MET C 59 -7.79 -12.75 -35.47
N TYR C 60 -7.10 -12.38 -36.55
CA TYR C 60 -6.68 -10.99 -36.71
C TYR C 60 -7.88 -10.06 -36.81
N GLU C 61 -8.88 -10.44 -37.61
CA GLU C 61 -10.05 -9.58 -37.76
C GLU C 61 -10.75 -9.36 -36.43
N GLN C 62 -10.81 -10.40 -35.60
CA GLN C 62 -11.42 -10.24 -34.29
C GLN C 62 -10.57 -9.36 -33.39
N SER C 63 -9.24 -9.52 -33.44
CA SER C 63 -8.36 -8.70 -32.62
C SER C 63 -8.42 -7.23 -33.00
N ILE C 64 -8.91 -6.91 -34.20
CA ILE C 64 -9.09 -5.52 -34.61
C ILE C 64 -10.50 -5.05 -34.32
N LYS C 65 -11.51 -5.84 -34.66
CA LYS C 65 -12.90 -5.39 -34.46
C LYS C 65 -13.34 -5.56 -33.01
N ASP C 66 -12.84 -6.59 -32.32
CA ASP C 66 -13.32 -6.96 -30.99
C ASP C 66 -12.14 -7.19 -30.05
N PRO C 67 -11.32 -6.17 -29.81
CA PRO C 67 -10.16 -6.36 -28.94
C PRO C 67 -10.53 -6.89 -27.55
N GLN C 68 -11.70 -6.54 -27.03
CA GLN C 68 -12.08 -7.00 -25.71
C GLN C 68 -12.23 -8.52 -25.69
N GLY C 69 -13.01 -9.04 -26.64
CA GLY C 69 -13.26 -10.47 -26.70
C GLY C 69 -12.10 -11.28 -27.20
N PHE C 70 -11.09 -10.63 -27.77
CA PHE C 70 -9.89 -11.31 -28.23
C PHE C 70 -8.81 -11.30 -27.16
N PHE C 71 -8.49 -10.12 -26.63
CA PHE C 71 -7.34 -10.00 -25.73
C PHE C 71 -7.64 -10.32 -24.28
N GLY C 72 -8.88 -10.15 -23.83
CA GLY C 72 -9.24 -10.49 -22.48
C GLY C 72 -8.91 -11.95 -22.16
N PRO C 73 -9.47 -12.88 -22.95
CA PRO C 73 -9.19 -14.32 -22.71
C PRO C 73 -7.71 -14.66 -22.82
N LEU C 74 -7.00 -14.10 -23.80
CA LEU C 74 -5.57 -14.40 -23.93
C LEU C 74 -4.80 -13.87 -22.73
N ALA C 75 -5.19 -12.70 -22.23
CA ALA C 75 -4.52 -12.17 -21.05
C ALA C 75 -4.68 -13.10 -19.87
N LYS C 76 -5.86 -13.70 -19.74
CA LYS C 76 -6.11 -14.64 -18.66
C LYS C 76 -5.36 -15.95 -18.85
N GLU C 77 -5.26 -16.42 -20.09
CA GLU C 77 -4.57 -17.67 -20.36
C GLU C 77 -3.08 -17.54 -20.11
N LEU C 78 -2.47 -16.48 -20.64
CA LEU C 78 -1.01 -16.40 -20.71
C LEU C 78 -0.36 -15.75 -19.50
N LEU C 79 -1.13 -15.05 -18.67
CA LEU C 79 -0.57 -14.38 -17.51
C LEU C 79 -1.28 -14.81 -16.23
N SER C 80 -0.53 -14.76 -15.13
CA SER C 80 -1.04 -15.08 -13.80
C SER C 80 -1.36 -13.75 -13.11
N TRP C 81 -2.59 -13.61 -12.64
CA TRP C 81 -3.08 -12.34 -12.11
C TRP C 81 -3.23 -12.42 -10.60
N ASP C 82 -2.72 -11.40 -9.89
CA ASP C 82 -2.97 -11.27 -8.46
C ASP C 82 -4.30 -10.59 -8.16
N HIS C 83 -4.75 -9.72 -9.07
CA HIS C 83 -6.08 -9.13 -9.02
C HIS C 83 -6.62 -9.07 -10.44
N ASP C 84 -7.89 -9.43 -10.60
CA ASP C 84 -8.51 -9.44 -11.91
C ASP C 84 -8.63 -8.02 -12.45
N PHE C 85 -8.67 -7.92 -13.78
CA PHE C 85 -8.96 -6.64 -14.42
C PHE C 85 -10.46 -6.51 -14.71
N HIS C 86 -10.94 -5.27 -14.75
CA HIS C 86 -12.35 -5.00 -15.01
C HIS C 86 -12.59 -4.42 -16.41
N THR C 87 -11.58 -3.87 -17.07
CA THR C 87 -11.72 -3.26 -18.39
C THR C 87 -10.52 -3.65 -19.23
N VAL C 88 -10.77 -4.25 -20.40
CA VAL C 88 -9.67 -4.70 -21.25
C VAL C 88 -8.94 -3.52 -21.89
N LYS C 89 -9.68 -2.50 -22.33
CA LYS C 89 -9.11 -1.48 -23.21
C LYS C 89 -9.73 -0.13 -22.90
N SER C 90 -8.88 0.89 -22.83
CA SER C 90 -9.33 2.25 -22.59
C SER C 90 -8.40 3.20 -23.34
N GLY C 91 -8.92 4.36 -23.71
CA GLY C 91 -8.13 5.43 -24.26
C GLY C 91 -8.08 5.42 -25.79
N THR C 92 -7.50 6.50 -26.33
CA THR C 92 -7.38 6.67 -27.77
C THR C 92 -6.00 7.20 -28.09
N LEU C 93 -5.56 6.93 -29.31
CA LEU C 93 -4.28 7.47 -29.76
C LEU C 93 -4.27 8.99 -29.67
N LYS C 94 -5.34 9.63 -30.13
CA LYS C 94 -5.36 11.08 -30.20
C LYS C 94 -5.19 11.72 -28.83
N ASN C 95 -5.71 11.10 -27.77
CA ASN C 95 -5.55 11.65 -26.44
C ASN C 95 -4.35 11.07 -25.69
N GLY C 96 -3.65 10.10 -26.26
CA GLY C 96 -2.46 9.54 -25.62
C GLY C 96 -2.70 9.08 -24.20
N ASP C 97 -3.84 8.40 -23.97
CA ASP C 97 -4.21 7.89 -22.66
C ASP C 97 -4.57 6.41 -22.75
N ALA C 98 -3.88 5.70 -23.63
CA ALA C 98 -4.15 4.28 -23.82
C ALA C 98 -3.86 3.50 -22.54
N ALA C 99 -4.64 2.44 -22.33
CA ALA C 99 -4.49 1.61 -21.14
C ALA C 99 -5.15 0.26 -21.40
N TRP C 100 -4.58 -0.78 -20.79
CA TRP C 100 -5.09 -2.14 -20.99
C TRP C 100 -5.15 -2.88 -19.66
N PHE C 101 -6.19 -3.67 -19.50
CA PHE C 101 -6.38 -4.53 -18.33
C PHE C 101 -6.41 -3.68 -17.05
N LEU C 102 -7.25 -2.66 -17.08
CA LEU C 102 -7.34 -1.71 -15.98
C LEU C 102 -7.92 -2.39 -14.76
N GLY C 103 -7.35 -2.06 -13.58
CA GLY C 103 -7.74 -2.61 -12.31
C GLY C 103 -7.03 -3.90 -11.92
N GLY C 104 -6.30 -4.49 -12.83
CA GLY C 104 -5.62 -5.73 -12.54
C GLY C 104 -4.27 -5.49 -11.88
N GLU C 105 -3.84 -6.51 -11.14
CA GLU C 105 -2.53 -6.51 -10.48
C GLU C 105 -1.81 -7.81 -10.82
N LEU C 106 -0.50 -7.72 -10.96
CA LEU C 106 0.31 -8.88 -11.31
C LEU C 106 1.75 -8.53 -10.98
N ASN C 107 2.64 -9.47 -11.22
CA ASN C 107 4.07 -9.21 -11.02
C ASN C 107 4.85 -9.85 -12.14
N ALA C 108 5.80 -9.07 -12.71
CA ALA C 108 6.53 -9.55 -13.88
C ALA C 108 7.40 -10.76 -13.55
N SER C 109 8.09 -10.72 -12.39
CA SER C 109 9.01 -11.80 -12.06
C SER C 109 8.25 -13.04 -11.61
N TYR C 110 7.04 -12.89 -11.04
CA TYR C 110 6.26 -14.07 -10.71
C TYR C 110 5.88 -14.84 -11.96
N ASN C 111 5.47 -14.11 -13.02
CA ASN C 111 5.08 -14.73 -14.27
C ASN C 111 6.29 -15.22 -15.05
N CYS C 112 7.47 -14.65 -14.81
CA CYS C 112 8.67 -15.08 -15.52
C CYS C 112 9.47 -16.14 -14.77
N VAL C 113 9.28 -16.29 -13.47
CA VAL C 113 10.13 -17.18 -12.69
C VAL C 113 9.30 -18.08 -11.79
N ASP C 114 8.62 -17.49 -10.80
CA ASP C 114 8.02 -18.27 -9.71
C ASP C 114 7.17 -19.42 -10.25
N ARG C 115 6.21 -19.10 -11.11
CA ARG C 115 5.20 -20.10 -11.48
C ARG C 115 5.81 -21.26 -12.24
N HIS C 116 6.86 -21.00 -13.02
CA HIS C 116 7.57 -22.11 -13.65
C HIS C 116 8.41 -22.87 -12.64
N ALA C 117 9.03 -22.16 -11.69
CA ALA C 117 9.84 -22.80 -10.67
C ALA C 117 8.99 -23.74 -9.81
N PHE C 118 7.79 -23.29 -9.42
CA PHE C 118 6.90 -24.19 -8.67
C PHE C 118 6.54 -25.41 -9.50
N ALA C 119 6.25 -25.22 -10.79
CA ALA C 119 5.84 -26.33 -11.64
C ALA C 119 6.97 -27.32 -11.86
N ASN C 120 8.13 -26.83 -12.34
CA ASN C 120 9.28 -27.69 -12.62
C ASN C 120 10.57 -26.93 -12.29
N PRO C 121 11.03 -27.02 -11.04
CA PRO C 121 12.18 -26.21 -10.62
C PRO C 121 13.49 -26.54 -11.33
N ASP C 122 13.64 -27.76 -11.85
CA ASP C 122 14.87 -28.19 -12.48
C ASP C 122 14.90 -27.92 -13.97
N LYS C 123 13.81 -27.40 -14.54
CA LYS C 123 13.82 -27.07 -15.94
C LYS C 123 14.80 -25.94 -16.18
N PRO C 124 15.59 -25.99 -17.26
CA PRO C 124 16.50 -24.88 -17.56
C PRO C 124 15.73 -23.61 -17.86
N ALA C 125 16.26 -22.49 -17.37
CA ALA C 125 15.72 -21.17 -17.65
C ALA C 125 16.73 -20.32 -18.42
N LEU C 126 17.90 -20.05 -17.84
CA LEU C 126 18.93 -19.25 -18.48
C LEU C 126 20.09 -20.14 -18.89
N ILE C 127 20.21 -20.37 -20.19
CA ILE C 127 21.36 -21.05 -20.77
C ILE C 127 22.38 -19.95 -21.08
N CYS C 128 23.36 -19.80 -20.20
CA CYS C 128 24.31 -18.71 -20.27
C CYS C 128 25.57 -19.19 -20.98
N GLU C 129 25.89 -18.56 -22.10
CA GLU C 129 27.11 -18.82 -22.85
C GLU C 129 28.02 -17.60 -22.68
N ALA C 130 29.14 -17.78 -21.98
CA ALA C 130 30.03 -16.68 -21.65
C ALA C 130 30.88 -16.31 -22.86
N ASP C 131 31.60 -15.18 -22.73
CA ASP C 131 32.56 -14.80 -23.76
C ASP C 131 33.49 -15.96 -24.10
N ASP C 132 33.95 -16.69 -23.08
CA ASP C 132 34.73 -17.91 -23.24
C ASP C 132 33.92 -19.07 -22.69
N GLU C 133 33.72 -20.10 -23.50
CA GLU C 133 32.74 -21.15 -23.16
C GLU C 133 33.07 -21.84 -21.84
N LYS C 134 34.34 -21.88 -21.44
CA LYS C 134 34.68 -22.51 -20.17
C LYS C 134 33.85 -21.95 -19.02
N ASP C 135 33.49 -20.67 -19.09
CA ASP C 135 32.76 -19.99 -18.03
C ASP C 135 31.24 -20.09 -18.22
N SER C 136 30.78 -20.87 -19.19
CA SER C 136 29.34 -20.99 -19.41
C SER C 136 28.69 -21.79 -18.30
N HIS C 137 27.40 -21.56 -18.13
CA HIS C 137 26.62 -22.22 -17.07
C HIS C 137 25.15 -22.10 -17.40
N ILE C 138 24.35 -22.93 -16.73
CA ILE C 138 22.91 -22.97 -16.90
C ILE C 138 22.25 -22.77 -15.56
N LEU C 139 21.21 -21.93 -15.52
CA LEU C 139 20.39 -21.73 -14.33
C LEU C 139 19.02 -22.33 -14.57
N THR C 140 18.58 -23.20 -13.66
CA THR C 140 17.22 -23.69 -13.72
C THR C 140 16.25 -22.60 -13.26
N TYR C 141 14.96 -22.84 -13.46
CA TYR C 141 13.98 -21.91 -12.93
C TYR C 141 14.06 -21.86 -11.41
N GLY C 142 14.36 -22.99 -10.77
CA GLY C 142 14.60 -22.95 -9.33
C GLY C 142 15.81 -22.12 -8.97
N ASP C 143 16.92 -22.33 -9.70
CA ASP C 143 18.09 -21.49 -9.47
C ASP C 143 17.75 -20.03 -9.67
N LEU C 144 17.00 -19.71 -10.73
CA LEU C 144 16.70 -18.31 -11.03
C LEU C 144 15.89 -17.68 -9.90
N LEU C 145 14.93 -18.41 -9.33
CA LEU C 145 14.12 -17.85 -8.25
C LEU C 145 14.98 -17.53 -7.03
N ARG C 146 15.93 -18.39 -6.70
CA ARG C 146 16.77 -18.10 -5.53
C ARG C 146 17.66 -16.90 -5.79
N GLU C 147 18.24 -16.79 -6.98
CA GLU C 147 19.12 -15.65 -7.25
C GLU C 147 18.34 -14.36 -7.32
N VAL C 148 17.19 -14.37 -7.98
CA VAL C 148 16.38 -13.16 -8.06
C VAL C 148 15.91 -12.74 -6.67
N SER C 149 15.46 -13.72 -5.86
CA SER C 149 15.01 -13.39 -4.51
C SER C 149 16.12 -12.75 -3.68
N LYS C 150 17.35 -13.25 -3.81
CA LYS C 150 18.45 -12.72 -2.99
C LYS C 150 18.81 -11.31 -3.40
N VAL C 151 18.93 -11.05 -4.71
CA VAL C 151 19.23 -9.69 -5.19
C VAL C 151 18.07 -8.76 -4.85
N ALA C 152 16.84 -9.24 -4.99
CA ALA C 152 15.71 -8.43 -4.56
C ALA C 152 15.78 -8.15 -3.07
N GLY C 153 16.23 -9.14 -2.29
CA GLY C 153 16.41 -8.91 -0.87
C GLY C 153 17.44 -7.83 -0.59
N VAL C 154 18.51 -7.80 -1.37
CA VAL C 154 19.52 -6.76 -1.24
C VAL C 154 18.89 -5.40 -1.53
N LEU C 155 18.15 -5.30 -2.63
CA LEU C 155 17.55 -4.01 -2.97
C LEU C 155 16.51 -3.58 -1.94
N GLN C 156 15.72 -4.54 -1.44
CA GLN C 156 14.72 -4.23 -0.42
C GLN C 156 15.40 -3.69 0.85
N SER C 157 16.49 -4.33 1.28
CA SER C 157 17.22 -3.82 2.43
C SER C 157 17.71 -2.38 2.19
N TRP C 158 17.99 -2.01 0.94
CA TRP C 158 18.51 -0.69 0.63
C TRP C 158 17.43 0.38 0.52
N GLY C 159 16.16 0.02 0.65
CA GLY C 159 15.10 1.00 0.57
C GLY C 159 14.46 1.12 -0.80
N ILE C 160 14.89 0.30 -1.75
CA ILE C 160 14.21 0.28 -3.04
C ILE C 160 12.80 -0.24 -2.84
N LYS C 161 11.83 0.44 -3.45
CA LYS C 161 10.44 0.08 -3.27
C LYS C 161 9.68 0.45 -4.53
N LYS C 162 8.44 -0.02 -4.60
CA LYS C 162 7.55 0.32 -5.69
C LYS C 162 7.63 1.82 -5.97
N GLY C 163 7.80 2.16 -7.24
CA GLY C 163 7.93 3.54 -7.65
C GLY C 163 9.36 4.00 -7.88
N ASP C 164 10.34 3.30 -7.35
CA ASP C 164 11.71 3.70 -7.61
C ASP C 164 12.14 3.18 -9.00
N THR C 165 13.20 3.79 -9.53
CA THR C 165 13.85 3.29 -10.75
C THR C 165 15.28 2.89 -10.43
N VAL C 166 15.72 1.77 -10.99
CA VAL C 166 17.03 1.22 -10.73
C VAL C 166 17.74 0.99 -12.05
N ALA C 167 18.94 1.53 -12.19
CA ALA C 167 19.70 1.43 -13.43
C ALA C 167 20.54 0.15 -13.42
N VAL C 168 20.66 -0.46 -14.59
CA VAL C 168 21.50 -1.63 -14.80
C VAL C 168 22.50 -1.30 -15.89
N TYR C 169 23.78 -1.52 -15.61
CA TYR C 169 24.86 -1.34 -16.57
C TYR C 169 25.64 -2.65 -16.55
N LEU C 170 25.20 -3.61 -17.35
CA LEU C 170 25.75 -4.95 -17.35
C LEU C 170 25.81 -5.49 -18.78
N PRO C 171 26.79 -6.35 -19.09
CA PRO C 171 26.79 -7.03 -20.38
C PRO C 171 25.69 -8.09 -20.47
N MET C 172 25.61 -8.78 -21.60
CA MET C 172 24.55 -9.76 -21.86
C MET C 172 24.93 -11.08 -21.19
N ASN C 173 24.56 -11.25 -19.93
CA ASN C 173 24.84 -12.50 -19.23
C ASN C 173 23.80 -12.67 -18.13
N ALA C 174 23.98 -13.71 -17.31
CA ALA C 174 22.98 -14.07 -16.31
C ALA C 174 22.67 -12.92 -15.38
N GLN C 175 23.69 -12.21 -14.92
CA GLN C 175 23.48 -11.17 -13.91
C GLN C 175 22.59 -10.06 -14.41
N ALA C 176 22.64 -9.77 -15.71
CA ALA C 176 21.76 -8.74 -16.29
C ALA C 176 20.30 -9.16 -16.21
N ILE C 177 20.00 -10.41 -16.57
CA ILE C 177 18.64 -10.93 -16.46
C ILE C 177 18.18 -10.91 -15.00
N ILE C 178 19.05 -11.35 -14.09
CA ILE C 178 18.70 -11.41 -12.68
C ILE C 178 18.42 -10.02 -12.12
N ALA C 179 19.24 -9.04 -12.51
CA ALA C 179 19.03 -7.67 -12.05
C ALA C 179 17.67 -7.14 -12.51
N MET C 180 17.36 -7.28 -13.81
CA MET C 180 16.09 -6.81 -14.31
C MET C 180 14.94 -7.47 -13.56
N LEU C 181 15.01 -8.79 -13.41
CA LEU C 181 13.92 -9.51 -12.74
C LEU C 181 13.85 -9.17 -11.26
N ALA C 182 14.99 -8.93 -10.61
CA ALA C 182 14.99 -8.59 -9.19
C ALA C 182 14.37 -7.22 -8.94
N ILE C 183 14.67 -6.25 -9.82
CA ILE C 183 14.07 -4.92 -9.73
C ILE C 183 12.55 -5.01 -9.92
N ALA C 184 12.12 -5.78 -10.91
CA ALA C 184 10.68 -5.96 -11.13
C ALA C 184 10.01 -6.64 -9.95
N ARG C 185 10.73 -7.49 -9.22
CA ARG C 185 10.09 -8.20 -8.12
C ARG C 185 9.57 -7.23 -7.07
N LEU C 186 10.29 -6.14 -6.84
CA LEU C 186 9.93 -5.17 -5.81
C LEU C 186 8.88 -4.18 -6.28
N GLY C 187 8.49 -4.22 -7.55
CA GLY C 187 7.61 -3.21 -8.09
C GLY C 187 8.32 -1.97 -8.59
N ALA C 188 9.64 -2.00 -8.69
CA ALA C 188 10.40 -0.89 -9.25
C ALA C 188 10.60 -1.08 -10.75
N ALA C 189 11.01 -0.01 -11.41
CA ALA C 189 11.21 -0.02 -12.87
C ALA C 189 12.69 -0.02 -13.19
N HIS C 190 13.12 -1.00 -13.98
CA HIS C 190 14.53 -1.06 -14.37
C HIS C 190 14.77 -0.21 -15.61
N SER C 191 15.94 0.42 -15.64
CA SER C 191 16.42 1.23 -16.76
C SER C 191 17.75 0.61 -17.18
N VAL C 192 17.73 -0.16 -18.26
CA VAL C 192 18.91 -0.89 -18.70
C VAL C 192 19.74 0.01 -19.61
N ILE C 193 21.04 0.11 -19.34
CA ILE C 193 21.96 0.92 -20.12
C ILE C 193 22.98 0.01 -20.77
N PHE C 194 23.00 0.01 -22.11
CA PHE C 194 23.92 -0.81 -22.89
C PHE C 194 25.35 -0.63 -22.40
N ALA C 195 26.08 -1.73 -22.24
CA ALA C 195 27.43 -1.68 -21.68
C ALA C 195 28.40 -0.88 -22.55
N GLY C 196 28.06 -0.62 -23.82
CA GLY C 196 28.89 0.17 -24.68
C GLY C 196 28.76 1.68 -24.52
N PHE C 197 27.79 2.16 -23.76
CA PHE C 197 27.60 3.59 -23.63
C PHE C 197 28.75 4.21 -22.84
N SER C 198 29.02 5.48 -23.11
CA SER C 198 30.07 6.19 -22.40
C SER C 198 29.57 6.67 -21.05
N ALA C 199 30.47 7.28 -20.27
CA ALA C 199 30.08 7.82 -18.97
C ALA C 199 29.08 8.95 -19.13
N GLY C 200 29.22 9.77 -20.18
CA GLY C 200 28.25 10.82 -20.42
C GLY C 200 26.86 10.26 -20.70
N SER C 201 26.79 9.21 -21.53
CA SER C 201 25.50 8.60 -21.83
C SER C 201 24.90 7.96 -20.59
N ILE C 202 25.72 7.33 -19.75
CA ILE C 202 25.25 6.84 -18.46
C ILE C 202 24.70 7.99 -17.63
N LYS C 203 25.50 9.07 -17.50
CA LYS C 203 25.08 10.21 -16.71
C LYS C 203 23.71 10.72 -17.15
N ASP C 204 23.53 10.87 -18.47
CA ASP C 204 22.27 11.38 -19.02
C ASP C 204 21.07 10.53 -18.58
N ARG C 205 21.19 9.21 -18.74
CA ARG C 205 20.06 8.32 -18.49
C ARG C 205 19.76 8.22 -17.00
N VAL C 206 20.80 8.05 -16.17
CA VAL C 206 20.60 7.89 -14.74
C VAL C 206 19.95 9.14 -14.16
N ASN C 207 20.37 10.32 -14.63
CA ASN C 207 19.85 11.55 -14.05
C ASN C 207 18.41 11.81 -14.50
N ASP C 208 18.08 11.47 -15.74
CA ASP C 208 16.71 11.69 -16.20
C ASP C 208 15.72 10.86 -15.38
N ALA C 209 16.07 9.62 -15.06
CA ALA C 209 15.20 8.73 -14.30
C ALA C 209 15.28 8.90 -12.80
N SER C 210 16.29 9.63 -12.30
CA SER C 210 16.51 9.83 -10.86
C SER C 210 16.61 8.50 -10.12
N CYS C 211 17.47 7.61 -10.65
CA CYS C 211 17.59 6.28 -10.09
C CYS C 211 18.21 6.33 -8.70
N LYS C 212 17.64 5.54 -7.77
CA LYS C 212 18.14 5.41 -6.41
C LYS C 212 19.29 4.42 -6.29
N ALA C 213 19.39 3.45 -7.20
CA ALA C 213 20.44 2.45 -7.11
C ALA C 213 20.87 2.04 -8.50
N LEU C 214 22.09 1.48 -8.58
CA LEU C 214 22.69 1.00 -9.80
C LEU C 214 23.26 -0.39 -9.58
N ILE C 215 23.11 -1.25 -10.59
CA ILE C 215 23.70 -2.58 -10.58
C ILE C 215 24.68 -2.67 -11.75
N THR C 216 25.91 -3.08 -11.46
CA THR C 216 26.95 -3.14 -12.47
C THR C 216 27.96 -4.22 -12.07
N CYS C 217 29.07 -4.30 -12.80
CA CYS C 217 30.13 -5.25 -12.51
C CYS C 217 31.48 -4.55 -12.65
N ASP C 218 32.54 -5.24 -12.20
CA ASP C 218 33.87 -4.64 -12.20
C ASP C 218 34.40 -4.48 -13.62
N GLU C 219 34.34 -5.55 -14.41
CA GLU C 219 34.84 -5.52 -15.78
C GLU C 219 33.99 -6.45 -16.62
N GLY C 220 34.07 -6.27 -17.94
CA GLY C 220 33.37 -7.14 -18.85
C GLY C 220 34.35 -7.91 -19.72
N LYS C 221 33.90 -9.00 -20.32
CA LYS C 221 34.73 -9.78 -21.26
C LYS C 221 33.97 -9.88 -22.58
N ARG C 222 34.58 -9.36 -23.65
CA ARG C 222 34.02 -9.42 -25.00
C ARG C 222 35.12 -9.73 -25.98
N GLY C 223 34.90 -10.75 -26.81
CA GLY C 223 35.91 -11.16 -27.76
C GLY C 223 37.25 -11.47 -27.13
N GLY C 224 37.25 -11.87 -25.86
CA GLY C 224 38.50 -12.12 -25.16
C GLY C 224 39.19 -10.89 -24.61
N ARG C 225 38.64 -9.70 -24.84
CA ARG C 225 39.22 -8.45 -24.36
C ARG C 225 38.48 -7.96 -23.13
N THR C 226 39.22 -7.38 -22.18
CA THR C 226 38.63 -6.84 -20.97
C THR C 226 37.95 -5.51 -21.28
N THR C 227 36.80 -5.28 -20.66
CA THR C 227 35.98 -4.10 -20.89
C THR C 227 35.86 -3.26 -19.63
N ASN C 228 35.91 -1.93 -19.81
CA ASN C 228 35.83 -1.00 -18.70
C ASN C 228 34.37 -0.83 -18.34
N ILE C 229 33.96 -1.35 -17.19
CA ILE C 229 32.57 -1.26 -16.73
C ILE C 229 32.45 -0.37 -15.51
N LYS C 230 33.04 -0.81 -14.40
CA LYS C 230 32.96 -0.04 -13.16
C LYS C 230 33.57 1.35 -13.34
N LYS C 231 34.65 1.45 -14.12
CA LYS C 231 35.33 2.74 -14.28
C LYS C 231 34.43 3.75 -14.97
N LEU C 232 33.70 3.31 -15.99
CA LEU C 232 32.77 4.22 -16.64
C LEU C 232 31.63 4.60 -15.70
N CYS C 233 31.19 3.66 -14.85
CA CYS C 233 30.16 4.01 -13.88
C CYS C 233 30.66 5.09 -12.93
N ASP C 234 31.85 4.90 -12.36
CA ASP C 234 32.40 5.89 -11.42
C ASP C 234 32.54 7.25 -12.08
N GLU C 235 33.04 7.30 -13.30
CA GLU C 235 33.17 8.59 -13.98
C GLU C 235 31.81 9.26 -14.13
N ALA C 236 30.76 8.48 -14.41
CA ALA C 236 29.43 9.05 -14.57
C ALA C 236 28.82 9.43 -13.23
N LEU C 237 29.02 8.60 -12.21
CA LEU C 237 28.28 8.77 -10.96
C LEU C 237 28.69 10.02 -10.20
N VAL C 238 29.85 10.61 -10.51
CA VAL C 238 30.23 11.86 -9.87
C VAL C 238 29.17 12.94 -10.12
N ASP C 239 28.32 12.75 -11.13
CA ASP C 239 27.27 13.70 -11.49
C ASP C 239 25.88 13.10 -11.34
N CYS C 240 25.75 12.00 -10.59
CA CYS C 240 24.47 11.31 -10.36
C CYS C 240 24.18 11.29 -8.87
N PRO C 241 23.69 12.40 -8.32
CA PRO C 241 23.51 12.46 -6.86
C PRO C 241 22.37 11.60 -6.34
N THR C 242 21.47 11.14 -7.21
CA THR C 242 20.34 10.34 -6.75
C THR C 242 20.75 8.91 -6.43
N VAL C 243 21.91 8.47 -6.89
CA VAL C 243 22.32 7.08 -6.71
C VAL C 243 22.90 6.93 -5.30
N GLU C 244 22.21 6.17 -4.46
CA GLU C 244 22.62 5.97 -3.08
C GLU C 244 23.53 4.77 -2.93
N LYS C 245 23.32 3.73 -3.74
CA LYS C 245 24.07 2.49 -3.60
C LYS C 245 24.27 1.83 -4.96
N VAL C 246 25.38 1.10 -5.07
CA VAL C 246 25.76 0.41 -6.28
C VAL C 246 26.08 -1.03 -5.92
N LEU C 247 25.55 -1.96 -6.71
CA LEU C 247 25.84 -3.39 -6.54
C LEU C 247 26.77 -3.83 -7.65
N VAL C 248 27.92 -4.36 -7.28
CA VAL C 248 28.99 -4.67 -8.22
C VAL C 248 29.25 -6.16 -8.20
N TYR C 249 29.07 -6.79 -9.36
CA TYR C 249 29.38 -8.21 -9.52
C TYR C 249 30.83 -8.40 -9.96
N LYS C 250 31.44 -9.49 -9.48
CA LYS C 250 32.83 -9.80 -9.77
C LYS C 250 32.89 -10.71 -11.00
N ARG C 251 32.81 -10.08 -12.18
CA ARG C 251 32.91 -10.85 -13.42
C ARG C 251 34.35 -11.32 -13.66
N THR C 252 35.32 -10.44 -13.40
CA THR C 252 36.73 -10.80 -13.49
C THR C 252 37.40 -10.87 -12.13
N ASN C 253 36.77 -10.33 -11.08
CA ASN C 253 37.32 -10.32 -9.73
C ASN C 253 38.68 -9.64 -9.68
N ASN C 254 38.87 -8.62 -10.52
CA ASN C 254 40.12 -7.88 -10.51
C ASN C 254 40.27 -7.13 -9.19
N PRO C 255 41.28 -7.43 -8.38
CA PRO C 255 41.39 -6.76 -7.07
C PRO C 255 41.64 -5.26 -7.15
N GLU C 256 42.28 -4.76 -8.21
CA GLU C 256 42.65 -3.36 -8.29
C GLU C 256 41.48 -2.44 -8.62
N ILE C 257 40.31 -2.99 -8.92
CA ILE C 257 39.13 -2.19 -9.23
C ILE C 257 38.57 -1.58 -7.95
N HIS C 258 38.42 -0.26 -7.93
CA HIS C 258 38.10 0.47 -6.71
C HIS C 258 36.58 0.53 -6.51
N LEU C 259 36.16 0.27 -5.26
CA LEU C 259 34.78 0.44 -4.83
C LEU C 259 34.74 1.59 -3.84
N THR C 260 33.86 2.55 -4.08
CA THR C 260 33.75 3.69 -3.18
C THR C 260 33.07 3.25 -1.90
N GLU C 261 33.74 3.46 -0.76
CA GLU C 261 33.23 2.96 0.50
C GLU C 261 31.92 3.64 0.87
N GLY C 262 30.97 2.85 1.37
CA GLY C 262 29.70 3.37 1.78
C GLY C 262 28.68 3.51 0.68
N ARG C 263 29.08 3.31 -0.57
CA ARG C 263 28.18 3.35 -1.72
C ARG C 263 28.22 2.08 -2.55
N ASP C 264 29.38 1.49 -2.73
CA ASP C 264 29.55 0.31 -3.59
C ASP C 264 29.62 -0.95 -2.74
N TYR C 265 28.88 -1.99 -3.13
CA TYR C 265 28.89 -3.26 -2.42
C TYR C 265 28.93 -4.40 -3.41
N TYR C 266 29.52 -5.52 -2.97
CA TYR C 266 29.73 -6.66 -3.84
C TYR C 266 28.49 -7.53 -3.92
N TRP C 267 28.20 -8.00 -5.14
CA TRP C 267 27.04 -8.84 -5.38
C TRP C 267 27.07 -10.07 -4.48
N ASP C 268 28.18 -10.82 -4.50
CA ASP C 268 28.26 -12.08 -3.75
C ASP C 268 28.14 -11.82 -2.24
N VAL C 269 28.79 -10.76 -1.76
CA VAL C 269 28.78 -10.48 -0.33
C VAL C 269 27.37 -10.17 0.14
N GLU C 270 26.65 -9.33 -0.59
CA GLU C 270 25.33 -8.91 -0.12
C GLU C 270 24.29 -10.02 -0.30
N THR C 271 24.29 -10.70 -1.45
CA THR C 271 23.29 -11.75 -1.65
C THR C 271 23.44 -12.88 -0.63
N ALA C 272 24.66 -13.07 -0.11
CA ALA C 272 24.86 -14.10 0.90
C ALA C 272 24.08 -13.81 2.18
N LYS C 273 23.67 -12.56 2.40
CA LYS C 273 22.96 -12.16 3.60
C LYS C 273 21.47 -12.48 3.60
N PHE C 274 20.91 -12.87 2.46
CA PHE C 274 19.46 -12.93 2.30
C PHE C 274 19.00 -14.29 1.80
N PRO C 275 17.75 -14.64 2.11
CA PRO C 275 17.27 -16.00 1.80
C PRO C 275 16.90 -16.17 0.34
N GLY C 276 16.77 -17.43 -0.05
CA GLY C 276 16.45 -17.83 -1.41
C GLY C 276 15.01 -17.64 -1.84
N TYR C 277 14.15 -17.08 -1.00
CA TYR C 277 12.81 -16.69 -1.42
C TYR C 277 12.46 -15.32 -0.86
N LEU C 278 11.85 -14.47 -1.70
CA LEU C 278 11.34 -13.17 -1.29
C LEU C 278 9.99 -13.04 -1.98
N PRO C 279 8.92 -12.70 -1.27
CA PRO C 279 7.61 -12.56 -1.91
C PRO C 279 7.64 -11.46 -2.97
N PRO C 280 7.05 -11.69 -4.13
CA PRO C 280 6.94 -10.63 -5.13
C PRO C 280 5.87 -9.61 -4.79
N VAL C 281 6.01 -8.42 -5.38
CA VAL C 281 5.20 -7.23 -5.09
C VAL C 281 4.21 -6.97 -6.23
N SER C 282 2.92 -6.94 -5.91
CA SER C 282 1.91 -6.69 -6.92
C SER C 282 1.98 -5.25 -7.40
N VAL C 283 1.84 -5.07 -8.71
CA VAL C 283 1.75 -3.75 -9.32
C VAL C 283 0.52 -3.71 -10.20
N ASN C 284 0.09 -2.50 -10.53
CA ASN C 284 -1.05 -2.30 -11.40
C ASN C 284 -0.67 -2.62 -12.84
N SER C 285 -1.65 -3.06 -13.63
CA SER C 285 -1.35 -3.33 -15.04
C SER C 285 -0.59 -2.17 -15.66
N GLU C 286 -0.97 -0.94 -15.31
CA GLU C 286 -0.43 0.25 -15.94
C GLU C 286 0.68 0.90 -15.12
N ASP C 287 1.18 0.22 -14.09
CA ASP C 287 2.42 0.70 -13.48
C ASP C 287 3.58 0.41 -14.42
N PRO C 288 4.56 1.32 -14.51
CA PRO C 288 5.66 1.12 -15.47
C PRO C 288 6.53 -0.07 -15.08
N LEU C 289 6.72 -0.98 -16.02
CA LEU C 289 7.65 -2.08 -15.81
C LEU C 289 9.10 -1.63 -15.99
N PHE C 290 9.37 -0.79 -17.01
CA PHE C 290 10.74 -0.38 -17.24
C PHE C 290 10.79 0.88 -18.08
N LEU C 291 11.95 1.55 -18.00
CA LEU C 291 12.31 2.63 -18.90
C LEU C 291 13.47 2.18 -19.80
N LEU C 292 13.36 2.47 -21.09
CA LEU C 292 14.43 2.15 -22.04
C LEU C 292 14.69 3.38 -22.92
N TYR C 293 15.88 3.96 -22.78
CA TYR C 293 16.20 5.23 -23.42
C TYR C 293 16.63 4.98 -24.86
N THR C 294 15.80 5.42 -25.79
CA THR C 294 16.04 5.34 -27.22
C THR C 294 16.51 6.68 -27.75
N SER C 295 17.33 6.62 -28.80
CA SER C 295 17.75 7.81 -29.51
C SER C 295 16.65 8.26 -30.47
N GLY C 296 16.36 9.56 -30.46
CA GLY C 296 15.27 10.10 -31.25
C GLY C 296 15.75 11.24 -32.14
N SER C 297 14.96 11.50 -33.17
CA SER C 297 15.31 12.55 -34.13
C SER C 297 15.55 13.89 -33.44
N THR C 298 14.71 14.21 -32.46
CA THR C 298 14.74 15.52 -31.80
C THR C 298 15.09 15.33 -30.34
N GLY C 299 16.10 16.07 -29.88
CA GLY C 299 16.41 16.14 -28.47
C GLY C 299 17.38 15.07 -28.03
N THR C 300 17.68 15.15 -26.73
CA THR C 300 18.50 14.16 -26.05
C THR C 300 17.72 12.85 -25.95
N PRO C 301 18.39 11.72 -25.71
CA PRO C 301 17.67 10.45 -25.63
C PRO C 301 16.51 10.52 -24.65
N LYS C 302 15.42 9.86 -25.02
CA LYS C 302 14.15 9.90 -24.33
C LYS C 302 13.82 8.53 -23.74
N GLY C 303 13.31 8.54 -22.51
CA GLY C 303 12.99 7.29 -21.83
C GLY C 303 11.63 6.76 -22.20
N VAL C 304 11.60 5.79 -23.11
CA VAL C 304 10.35 5.14 -23.46
C VAL C 304 9.89 4.31 -22.27
N VAL C 305 8.64 4.52 -21.87
CA VAL C 305 8.07 3.81 -20.74
C VAL C 305 7.10 2.76 -21.23
N HIS C 306 7.18 1.56 -20.64
CA HIS C 306 6.26 0.47 -20.95
C HIS C 306 5.51 0.05 -19.70
N SER C 307 4.20 -0.17 -19.85
CA SER C 307 3.38 -0.68 -18.77
C SER C 307 3.77 -2.12 -18.45
N THR C 308 3.08 -2.71 -17.48
CA THR C 308 3.41 -4.06 -17.07
C THR C 308 2.57 -5.11 -17.80
N ALA C 309 1.25 -5.07 -17.63
CA ALA C 309 0.40 -6.09 -18.23
C ALA C 309 0.46 -6.04 -19.76
N GLY C 310 0.24 -4.86 -20.35
CA GLY C 310 0.20 -4.79 -21.80
C GLY C 310 1.50 -5.25 -22.44
N TYR C 311 2.62 -4.82 -21.89
CA TYR C 311 3.90 -5.21 -22.47
C TYR C 311 4.12 -6.71 -22.36
N LEU C 312 3.89 -7.26 -21.18
CA LEU C 312 4.13 -8.69 -20.98
C LEU C 312 3.24 -9.52 -21.88
N LEU C 313 1.95 -9.17 -21.99
CA LEU C 313 1.07 -9.91 -22.88
C LEU C 313 1.58 -9.85 -24.31
N GLY C 314 1.96 -8.66 -24.78
CA GLY C 314 2.49 -8.54 -26.12
C GLY C 314 3.71 -9.39 -26.34
N ALA C 315 4.61 -9.41 -25.36
CA ALA C 315 5.82 -10.23 -25.47
C ALA C 315 5.47 -11.70 -25.56
N ALA C 316 4.64 -12.20 -24.64
CA ALA C 316 4.30 -13.62 -24.65
C ALA C 316 3.54 -14.00 -25.92
N LEU C 317 2.58 -13.15 -26.30
CA LEU C 317 1.72 -13.47 -27.44
C LEU C 317 2.51 -13.55 -28.73
N SER C 318 3.37 -12.56 -28.99
CA SER C 318 4.17 -12.57 -30.20
C SER C 318 5.20 -13.71 -30.18
N THR C 319 5.90 -13.88 -29.07
CA THR C 319 6.83 -15.00 -28.96
C THR C 319 6.15 -16.33 -29.27
N LYS C 320 4.93 -16.53 -28.75
CA LYS C 320 4.22 -17.78 -28.94
C LYS C 320 3.82 -18.00 -30.40
N TYR C 321 3.25 -16.96 -31.03
CA TYR C 321 2.58 -17.14 -32.32
C TYR C 321 3.47 -16.83 -33.51
N ILE C 322 4.29 -15.78 -33.44
CA ILE C 322 5.15 -15.51 -34.58
C ILE C 322 6.28 -16.53 -34.66
N PHE C 323 6.87 -16.87 -33.52
CA PHE C 323 7.98 -17.81 -33.54
C PHE C 323 7.53 -19.26 -33.40
N ASP C 324 6.27 -19.50 -33.01
CA ASP C 324 5.75 -20.84 -32.76
C ASP C 324 6.57 -21.54 -31.67
N ILE C 325 6.52 -20.96 -30.48
CA ILE C 325 7.25 -21.45 -29.33
C ILE C 325 6.36 -22.40 -28.55
N HIS C 326 6.90 -23.58 -28.24
CA HIS C 326 6.21 -24.55 -27.42
C HIS C 326 7.06 -24.82 -26.18
N PRO C 327 6.52 -25.49 -25.16
CA PRO C 327 7.30 -25.71 -23.93
C PRO C 327 8.59 -26.48 -24.14
N GLU C 328 8.66 -27.37 -25.12
CA GLU C 328 9.85 -28.16 -25.36
C GLU C 328 10.94 -27.37 -26.10
N ASP C 329 10.64 -26.18 -26.57
CA ASP C 329 11.54 -25.46 -27.46
C ASP C 329 12.56 -24.64 -26.69
N ILE C 330 13.60 -24.22 -27.39
CA ILE C 330 14.68 -23.41 -26.85
C ILE C 330 14.93 -22.26 -27.80
N LEU C 331 14.93 -21.04 -27.27
CA LEU C 331 15.07 -19.84 -28.08
C LEU C 331 16.45 -19.24 -27.85
N PHE C 332 17.14 -18.90 -28.96
CA PHE C 332 18.44 -18.23 -28.91
C PHE C 332 18.27 -16.89 -29.63
N THR C 333 18.12 -15.82 -28.86
CA THR C 333 18.06 -14.46 -29.40
C THR C 333 19.43 -13.83 -29.22
N ALA C 334 20.14 -13.63 -30.33
CA ALA C 334 21.49 -13.06 -30.31
C ALA C 334 21.38 -11.54 -30.23
N GLY C 335 20.88 -11.07 -29.09
CA GLY C 335 20.72 -9.66 -28.83
C GLY C 335 21.24 -9.30 -27.46
N ASP C 336 21.22 -8.00 -27.17
CA ASP C 336 21.66 -7.44 -25.89
C ASP C 336 20.47 -6.78 -25.21
N VAL C 337 20.32 -7.04 -23.91
CA VAL C 337 19.25 -6.39 -23.16
C VAL C 337 19.42 -4.88 -23.07
N GLY C 338 20.55 -4.34 -23.51
CA GLY C 338 20.67 -2.90 -23.65
C GLY C 338 19.66 -2.30 -24.61
N TRP C 339 19.09 -3.13 -25.49
CA TRP C 339 18.11 -2.72 -26.49
C TRP C 339 16.82 -3.50 -26.31
N ILE C 340 15.78 -3.10 -27.06
CA ILE C 340 14.45 -3.66 -26.86
C ILE C 340 14.39 -5.12 -27.30
N THR C 341 15.19 -5.51 -28.28
CA THR C 341 15.14 -6.90 -28.74
C THR C 341 15.50 -7.86 -27.61
N GLY C 342 16.51 -7.52 -26.81
CA GLY C 342 16.82 -8.34 -25.66
C GLY C 342 15.72 -8.31 -24.61
N HIS C 343 15.15 -7.14 -24.35
CA HIS C 343 14.06 -7.04 -23.37
C HIS C 343 12.95 -8.01 -23.71
N THR C 344 12.44 -7.95 -24.93
CA THR C 344 11.20 -8.63 -25.23
C THR C 344 11.41 -10.10 -25.59
N TYR C 345 12.45 -10.41 -26.34
CA TYR C 345 12.61 -11.74 -26.89
C TYR C 345 13.86 -12.46 -26.41
N ALA C 346 14.67 -11.85 -25.55
CA ALA C 346 15.71 -12.57 -24.84
C ALA C 346 15.34 -12.86 -23.39
N LEU C 347 14.50 -12.02 -22.79
CA LEU C 347 14.12 -12.20 -21.38
C LEU C 347 12.63 -12.47 -21.27
N TYR C 348 11.78 -11.48 -21.50
CA TYR C 348 10.40 -11.57 -21.03
C TYR C 348 9.60 -12.60 -21.83
N GLY C 349 9.64 -12.51 -23.16
CA GLY C 349 8.89 -13.40 -24.02
C GLY C 349 9.09 -14.88 -23.67
N PRO C 350 10.33 -15.35 -23.72
CA PRO C 350 10.55 -16.79 -23.51
C PRO C 350 10.28 -17.24 -22.08
N LEU C 351 10.72 -16.47 -21.08
CA LEU C 351 10.53 -16.90 -19.70
C LEU C 351 9.06 -16.92 -19.32
N LEU C 352 8.29 -15.92 -19.78
CA LEU C 352 6.86 -15.95 -19.54
C LEU C 352 6.27 -17.27 -20.00
N LEU C 353 6.73 -17.78 -21.14
CA LEU C 353 6.26 -19.03 -21.70
C LEU C 353 6.92 -20.25 -21.08
N GLY C 354 7.91 -20.06 -20.20
CA GLY C 354 8.48 -21.16 -19.45
C GLY C 354 9.50 -22.00 -20.21
N VAL C 355 10.07 -21.46 -21.29
CA VAL C 355 11.04 -22.20 -22.09
C VAL C 355 12.42 -21.69 -21.73
N PRO C 356 13.48 -22.46 -22.00
CA PRO C 356 14.83 -21.93 -21.84
C PRO C 356 15.16 -20.87 -22.87
N THR C 357 16.00 -19.91 -22.47
CA THR C 357 16.48 -18.85 -23.32
C THR C 357 17.99 -18.77 -23.22
N ILE C 358 18.65 -18.58 -24.35
CA ILE C 358 20.10 -18.62 -24.41
C ILE C 358 20.64 -17.20 -24.35
N ILE C 359 21.49 -16.95 -23.37
CA ILE C 359 22.05 -15.64 -23.09
C ILE C 359 23.51 -15.67 -23.44
N PHE C 360 23.89 -15.00 -24.53
CA PHE C 360 25.23 -15.08 -25.10
C PHE C 360 25.97 -13.79 -24.77
N GLU C 361 27.08 -13.93 -24.02
CA GLU C 361 27.83 -12.76 -23.60
C GLU C 361 28.77 -12.25 -24.67
N GLY C 362 29.27 -13.14 -25.53
CA GLY C 362 30.33 -12.81 -26.44
C GLY C 362 29.84 -12.40 -27.81
N THR C 363 30.74 -12.46 -28.78
CA THR C 363 30.51 -12.04 -30.14
C THR C 363 30.46 -13.23 -31.08
N PRO C 364 29.90 -13.06 -32.29
CA PRO C 364 29.87 -14.16 -33.27
C PRO C 364 31.25 -14.58 -33.76
N ALA C 365 32.30 -13.80 -33.52
CA ALA C 365 33.62 -14.08 -34.08
C ALA C 365 34.57 -14.75 -33.10
N TYR C 366 34.32 -14.65 -31.80
CA TYR C 366 35.23 -15.23 -30.81
C TYR C 366 34.65 -16.52 -30.28
N PRO C 367 35.44 -17.62 -30.23
CA PRO C 367 36.84 -17.75 -30.67
C PRO C 367 36.94 -17.86 -32.19
N ASP C 368 35.87 -18.27 -32.88
CA ASP C 368 35.83 -18.25 -34.33
C ASP C 368 34.39 -17.97 -34.75
N TYR C 369 34.19 -17.85 -36.06
CA TYR C 369 32.89 -17.50 -36.62
C TYR C 369 31.92 -18.67 -36.63
N GLY C 370 32.21 -19.75 -35.92
CA GLY C 370 31.28 -20.83 -35.68
C GLY C 370 30.67 -20.82 -34.30
N ARG C 371 30.80 -19.72 -33.56
CA ARG C 371 30.36 -19.72 -32.16
C ARG C 371 28.85 -19.88 -32.07
N PHE C 372 28.11 -19.10 -32.86
CA PHE C 372 26.66 -19.25 -32.91
C PHE C 372 26.28 -20.71 -33.13
N TRP C 373 26.95 -21.36 -34.08
CA TRP C 373 26.54 -22.70 -34.47
C TRP C 373 26.95 -23.73 -33.42
N GLN C 374 28.09 -23.53 -32.78
CA GLN C 374 28.44 -24.38 -31.64
C GLN C 374 27.37 -24.31 -30.58
N ILE C 375 26.90 -23.10 -30.27
CA ILE C 375 25.87 -22.94 -29.24
C ILE C 375 24.59 -23.65 -29.66
N VAL C 376 24.15 -23.44 -30.91
CA VAL C 376 22.91 -24.06 -31.37
C VAL C 376 22.99 -25.57 -31.27
N GLU C 377 24.12 -26.14 -31.73
CA GLU C 377 24.31 -27.58 -31.65
C GLU C 377 24.41 -28.05 -30.20
N LYS C 378 25.12 -27.29 -29.37
CA LYS C 378 25.36 -27.71 -27.99
C LYS C 378 24.06 -27.86 -27.21
N HIS C 379 23.17 -26.89 -27.35
CA HIS C 379 21.94 -26.85 -26.57
C HIS C 379 20.70 -27.20 -27.40
N LYS C 380 20.89 -27.70 -28.62
CA LYS C 380 19.78 -28.11 -29.48
C LYS C 380 18.72 -27.02 -29.56
N ALA C 381 19.16 -25.81 -29.87
CA ALA C 381 18.24 -24.68 -29.99
C ALA C 381 17.31 -24.89 -31.17
N THR C 382 16.03 -24.58 -30.96
CA THR C 382 15.02 -24.73 -32.00
C THR C 382 14.72 -23.43 -32.72
N HIS C 383 15.03 -22.28 -32.12
CA HIS C 383 14.72 -20.97 -32.67
C HIS C 383 15.96 -20.09 -32.55
N PHE C 384 16.24 -19.32 -33.60
CA PHE C 384 17.38 -18.42 -33.62
C PHE C 384 16.93 -17.06 -34.13
N TYR C 385 17.33 -16.00 -33.42
CA TYR C 385 16.83 -14.65 -33.66
C TYR C 385 18.01 -13.69 -33.67
N VAL C 386 18.26 -13.06 -34.82
CA VAL C 386 19.48 -12.27 -35.02
C VAL C 386 19.19 -11.11 -35.96
N ALA C 387 20.09 -10.11 -35.96
CA ALA C 387 20.00 -8.95 -36.85
C ALA C 387 20.73 -9.22 -38.17
N PRO C 388 20.21 -8.72 -39.28
CA PRO C 388 20.90 -8.96 -40.57
C PRO C 388 22.35 -8.54 -40.58
N THR C 389 22.75 -7.55 -39.77
CA THR C 389 24.16 -7.14 -39.76
C THR C 389 25.07 -8.32 -39.45
N ALA C 390 24.68 -9.15 -38.49
CA ALA C 390 25.47 -10.33 -38.17
C ALA C 390 25.51 -11.30 -39.36
N LEU C 391 24.37 -11.48 -40.03
CA LEU C 391 24.35 -12.35 -41.20
C LEU C 391 25.34 -11.88 -42.27
N ARG C 392 25.40 -10.56 -42.48
CA ARG C 392 26.37 -10.02 -43.45
C ARG C 392 27.79 -10.34 -43.01
N LEU C 393 28.08 -10.22 -41.71
CA LEU C 393 29.41 -10.53 -41.20
C LEU C 393 29.76 -11.98 -41.45
N LEU C 394 28.87 -12.90 -41.06
CA LEU C 394 29.14 -14.33 -41.21
C LEU C 394 29.23 -14.73 -42.68
N ARG C 395 28.44 -14.09 -43.54
CA ARG C 395 28.57 -14.34 -44.98
C ARG C 395 29.96 -13.98 -45.48
N LYS C 396 30.52 -12.88 -44.99
CA LYS C 396 31.82 -12.43 -45.48
C LYS C 396 32.98 -13.26 -44.92
N ALA C 397 32.87 -13.69 -43.66
CA ALA C 397 34.02 -14.24 -42.97
C ALA C 397 33.86 -15.66 -42.46
N GLY C 398 32.65 -16.13 -42.22
CA GLY C 398 32.47 -17.39 -41.51
C GLY C 398 31.59 -18.43 -42.18
N GLU C 399 31.41 -18.30 -43.50
CA GLU C 399 30.50 -19.20 -44.20
C GLU C 399 30.97 -20.67 -44.13
N GLN C 400 32.28 -20.91 -44.21
CA GLN C 400 32.75 -22.28 -44.24
C GLN C 400 32.52 -23.04 -42.94
N GLU C 401 32.50 -22.36 -41.78
CA GLU C 401 32.35 -23.08 -40.51
C GLU C 401 30.93 -23.60 -40.29
N ILE C 402 29.93 -23.04 -40.97
CA ILE C 402 28.55 -23.42 -40.71
C ILE C 402 28.38 -24.93 -40.84
N ALA C 403 29.02 -25.52 -41.85
CA ALA C 403 28.82 -26.93 -42.13
C ALA C 403 29.40 -27.86 -41.06
N LYS C 404 30.32 -27.38 -40.23
CA LYS C 404 30.91 -28.24 -39.22
C LYS C 404 29.98 -28.53 -38.03
N TYR C 405 28.87 -27.84 -37.92
CA TYR C 405 28.01 -27.94 -36.74
C TYR C 405 26.63 -28.42 -37.18
N ASP C 406 25.98 -29.15 -36.29
CA ASP C 406 24.65 -29.69 -36.56
C ASP C 406 23.61 -28.62 -36.22
N LEU C 407 22.91 -28.15 -37.25
CA LEU C 407 21.87 -27.13 -37.09
C LEU C 407 20.47 -27.70 -37.35
N SER C 408 20.32 -29.03 -37.35
CA SER C 408 19.04 -29.67 -37.63
C SER C 408 18.01 -29.46 -36.52
N SER C 409 18.42 -28.92 -35.37
CA SER C 409 17.47 -28.67 -34.29
C SER C 409 16.64 -27.43 -34.54
N LEU C 410 17.09 -26.54 -35.43
CA LEU C 410 16.37 -25.31 -35.71
C LEU C 410 15.17 -25.58 -36.58
N ARG C 411 14.12 -24.79 -36.36
CA ARG C 411 13.00 -24.74 -37.31
C ARG C 411 12.50 -23.32 -37.57
N THR C 412 12.78 -22.36 -36.70
CA THR C 412 12.38 -20.98 -36.89
C THR C 412 13.59 -20.08 -36.83
N LEU C 413 13.78 -19.26 -37.85
CA LEU C 413 14.89 -18.33 -37.95
C LEU C 413 14.32 -16.92 -38.08
N GLY C 414 14.78 -16.02 -37.22
CA GLY C 414 14.22 -14.68 -37.14
C GLY C 414 15.21 -13.61 -37.56
N SER C 415 14.69 -12.52 -38.13
CA SER C 415 15.46 -11.34 -38.52
C SER C 415 14.86 -10.13 -37.83
N VAL C 416 15.72 -9.22 -37.35
CA VAL C 416 15.26 -8.15 -36.47
C VAL C 416 16.10 -6.91 -36.70
N GLY C 417 15.45 -5.76 -36.57
CA GLY C 417 16.14 -4.52 -36.32
C GLY C 417 16.47 -3.68 -37.52
N GLU C 418 16.28 -4.21 -38.73
CA GLU C 418 16.67 -3.53 -39.95
C GLU C 418 16.18 -4.34 -41.13
N PRO C 419 16.14 -3.74 -42.33
CA PRO C 419 15.69 -4.48 -43.51
C PRO C 419 16.63 -5.64 -43.80
N ILE C 420 16.04 -6.73 -44.30
CA ILE C 420 16.80 -7.90 -44.75
C ILE C 420 16.67 -7.96 -46.26
N SER C 421 17.78 -7.78 -46.96
CA SER C 421 17.73 -7.83 -48.41
C SER C 421 17.39 -9.24 -48.87
N PRO C 422 16.70 -9.39 -50.00
CA PRO C 422 16.40 -10.75 -50.48
C PRO C 422 17.62 -11.64 -50.62
N ASP C 423 18.79 -11.08 -50.93
CA ASP C 423 19.99 -11.89 -51.03
C ASP C 423 20.36 -12.50 -49.69
N ILE C 424 20.39 -11.70 -48.63
CA ILE C 424 20.72 -12.24 -47.31
C ILE C 424 19.64 -13.22 -46.86
N TRP C 425 18.38 -12.91 -47.18
CA TRP C 425 17.29 -13.82 -46.85
C TRP C 425 17.54 -15.20 -47.42
N GLU C 426 17.99 -15.27 -48.68
CA GLU C 426 18.33 -16.55 -49.30
C GLU C 426 19.54 -17.18 -48.63
N TRP C 427 20.55 -16.37 -48.31
CA TRP C 427 21.73 -16.90 -47.62
C TRP C 427 21.34 -17.46 -46.27
N TYR C 428 20.55 -16.68 -45.52
CA TYR C 428 20.03 -17.15 -44.24
C TYR C 428 19.26 -18.46 -44.42
N ASN C 429 18.40 -18.52 -45.42
CA ASN C 429 17.52 -19.68 -45.59
C ASN C 429 18.30 -20.95 -45.90
N GLU C 430 19.33 -20.85 -46.77
CA GLU C 430 20.03 -22.05 -47.21
C GLU C 430 21.16 -22.44 -46.28
N PHE C 431 22.07 -21.51 -45.98
CA PHE C 431 23.30 -21.90 -45.29
C PHE C 431 23.07 -22.16 -43.80
N VAL C 432 22.14 -21.44 -43.17
CA VAL C 432 21.77 -21.70 -41.79
C VAL C 432 20.51 -22.56 -41.72
N GLY C 433 19.48 -22.18 -42.48
CA GLY C 433 18.23 -22.91 -42.47
C GLY C 433 18.26 -24.20 -43.24
N LYS C 434 19.24 -24.36 -44.14
CA LYS C 434 19.33 -25.56 -44.98
C LYS C 434 18.09 -25.71 -45.85
N ASN C 435 17.43 -24.59 -46.15
CA ASN C 435 16.17 -24.59 -46.89
C ASN C 435 15.14 -25.48 -46.20
N GLN C 436 15.24 -25.59 -44.87
CA GLN C 436 14.35 -26.44 -44.09
C GLN C 436 13.65 -25.69 -42.96
N CYS C 437 13.90 -24.39 -42.80
CA CYS C 437 13.34 -23.63 -41.69
C CYS C 437 12.43 -22.52 -42.22
N HIS C 438 11.60 -22.01 -41.32
CA HIS C 438 10.80 -20.82 -41.61
C HIS C 438 11.53 -19.57 -41.18
N ILE C 439 11.47 -18.53 -42.02
CA ILE C 439 12.13 -17.25 -41.76
C ILE C 439 11.08 -16.21 -41.44
N SER C 440 11.22 -15.55 -40.29
CA SER C 440 10.31 -14.51 -39.80
C SER C 440 11.06 -13.19 -39.73
N ASP C 441 10.83 -12.34 -40.73
CA ASP C 441 11.34 -10.97 -40.74
C ASP C 441 10.43 -10.12 -39.87
N THR C 442 10.88 -9.81 -38.66
CA THR C 442 10.05 -9.13 -37.68
C THR C 442 10.33 -7.63 -37.75
N TYR C 443 9.30 -6.86 -38.07
CA TYR C 443 9.37 -5.41 -38.01
C TYR C 443 8.72 -4.92 -36.73
N TRP C 444 9.42 -4.04 -36.01
CA TRP C 444 8.89 -3.40 -34.80
C TRP C 444 9.93 -2.38 -34.30
N GLN C 445 9.67 -1.77 -33.15
CA GLN C 445 10.56 -0.77 -32.61
C GLN C 445 10.41 -0.76 -31.10
N THR C 446 11.33 -0.06 -30.42
CA THR C 446 11.29 0.01 -28.96
C THR C 446 9.91 0.47 -28.48
N GLU C 447 9.32 1.43 -29.17
CA GLU C 447 8.05 1.99 -28.71
C GLU C 447 6.89 1.02 -28.87
N SER C 448 7.02 0.01 -29.75
CA SER C 448 5.93 -0.94 -29.93
C SER C 448 5.93 -2.04 -28.89
N GLY C 449 7.07 -2.27 -28.24
CA GLY C 449 7.15 -3.29 -27.22
C GLY C 449 7.32 -4.68 -27.79
N SER C 450 6.66 -4.96 -28.91
CA SER C 450 6.72 -6.28 -29.52
C SER C 450 6.42 -6.16 -31.01
N HIS C 451 6.36 -7.31 -31.68
CA HIS C 451 6.29 -7.35 -33.13
C HIS C 451 5.03 -6.64 -33.65
N LEU C 452 5.20 -5.87 -34.73
CA LEU C 452 4.09 -5.20 -35.41
C LEU C 452 3.72 -5.87 -36.74
N ILE C 453 4.70 -6.15 -37.60
CA ILE C 453 4.48 -6.84 -38.85
C ILE C 453 5.50 -7.96 -38.96
N ALA C 454 5.02 -9.20 -39.12
CA ALA C 454 5.91 -10.34 -39.21
C ALA C 454 5.16 -11.58 -39.70
N PRO C 455 5.81 -12.45 -40.48
CA PRO C 455 5.15 -13.68 -40.92
C PRO C 455 5.22 -14.77 -39.85
N LEU C 456 4.05 -15.26 -39.47
CA LEU C 456 3.98 -16.28 -38.42
C LEU C 456 4.60 -17.58 -38.90
N ALA C 457 5.44 -18.17 -38.04
CA ALA C 457 6.12 -19.40 -38.37
C ALA C 457 5.12 -20.54 -38.56
N GLY C 458 5.18 -21.18 -39.72
CA GLY C 458 4.28 -22.28 -40.02
C GLY C 458 2.92 -21.87 -40.52
N VAL C 459 2.69 -20.57 -40.74
CA VAL C 459 1.37 -20.11 -41.13
C VAL C 459 1.43 -19.24 -42.38
N VAL C 460 2.30 -18.25 -42.39
CA VAL C 460 2.34 -17.22 -43.43
C VAL C 460 3.46 -17.54 -44.40
N PRO C 461 3.17 -17.74 -45.69
CA PRO C 461 4.26 -17.85 -46.68
C PRO C 461 5.04 -16.55 -46.79
N ASN C 462 6.31 -16.67 -47.17
CA ASN C 462 7.24 -15.54 -47.15
C ASN C 462 7.44 -14.96 -48.55
N LYS C 463 7.61 -13.63 -48.60
CA LYS C 463 8.22 -12.95 -49.74
C LYS C 463 9.55 -12.39 -49.27
N PRO C 464 10.69 -12.82 -49.80
CA PRO C 464 11.98 -12.34 -49.26
C PRO C 464 12.07 -10.83 -49.26
N GLY C 465 12.35 -10.27 -48.07
CA GLY C 465 12.42 -8.84 -47.89
C GLY C 465 11.14 -8.19 -47.41
N SER C 466 10.08 -8.96 -47.24
CA SER C 466 8.78 -8.41 -46.85
C SER C 466 8.46 -8.81 -45.42
N ALA C 467 7.98 -7.85 -44.64
CA ALA C 467 7.55 -8.11 -43.28
C ALA C 467 6.24 -8.89 -43.22
N SER C 468 5.53 -8.99 -44.35
CA SER C 468 4.26 -9.70 -44.50
C SER C 468 3.11 -8.94 -43.81
N TYR C 469 2.14 -9.71 -43.07
CA TYR C 469 0.93 -9.09 -42.56
C TYR C 469 1.12 -8.55 -41.14
N PRO C 470 0.34 -7.56 -40.72
CA PRO C 470 0.43 -7.06 -39.35
C PRO C 470 -0.15 -8.05 -38.36
N PHE C 471 0.32 -7.94 -37.11
CA PHE C 471 0.01 -8.90 -36.06
C PHE C 471 -1.28 -8.50 -35.33
N PHE C 472 -1.77 -9.43 -34.51
CA PHE C 472 -2.96 -9.24 -33.69
C PHE C 472 -2.97 -7.85 -33.07
N GLY C 473 -4.11 -7.17 -33.17
CA GLY C 473 -4.23 -5.86 -32.57
C GLY C 473 -3.47 -4.75 -33.29
N ILE C 474 -2.84 -5.04 -34.43
CA ILE C 474 -2.06 -4.04 -35.17
C ILE C 474 -2.84 -3.73 -36.45
N ASP C 475 -3.48 -2.57 -36.49
CA ASP C 475 -4.24 -2.12 -37.65
C ASP C 475 -3.34 -1.19 -38.46
N ALA C 476 -2.62 -1.76 -39.42
CA ALA C 476 -1.65 -1.01 -40.18
C ALA C 476 -2.34 -0.22 -41.30
N ALA C 477 -1.78 0.95 -41.60
CA ALA C 477 -2.33 1.79 -42.65
C ALA C 477 -1.20 2.61 -43.24
N LEU C 478 -1.38 3.02 -44.50
CA LEU C 478 -0.46 3.92 -45.17
C LEU C 478 -1.15 5.26 -45.33
N ILE C 479 -0.43 6.33 -45.02
CA ILE C 479 -0.92 7.70 -45.14
C ILE C 479 -0.06 8.42 -46.18
N ASP C 480 -0.70 9.29 -46.96
CA ASP C 480 0.02 10.13 -47.92
C ASP C 480 0.73 11.22 -47.13
N PRO C 481 2.06 11.34 -47.23
CA PRO C 481 2.75 12.31 -46.34
C PRO C 481 2.32 13.75 -46.54
N VAL C 482 1.90 14.13 -47.74
CA VAL C 482 1.57 15.54 -48.01
C VAL C 482 0.12 15.85 -47.66
N THR C 483 -0.83 14.98 -48.02
CA THR C 483 -2.22 15.26 -47.71
C THR C 483 -2.61 14.79 -46.31
N GLY C 484 -1.86 13.85 -45.74
CA GLY C 484 -2.22 13.31 -44.45
C GLY C 484 -3.45 12.43 -44.43
N VAL C 485 -3.86 11.91 -45.59
CA VAL C 485 -5.06 11.10 -45.69
C VAL C 485 -4.64 9.64 -45.88
N GLU C 486 -5.35 8.73 -45.18
CA GLU C 486 -5.06 7.30 -45.30
C GLU C 486 -5.31 6.81 -46.71
N ILE C 487 -4.41 5.94 -47.18
CA ILE C 487 -4.42 5.49 -48.57
C ILE C 487 -5.21 4.20 -48.70
N GLU C 488 -6.41 4.29 -49.28
CA GLU C 488 -7.22 3.11 -49.55
C GLU C 488 -6.65 2.34 -50.73
N GLY C 489 -6.83 1.03 -50.71
CA GLY C 489 -6.41 0.21 -51.82
C GLY C 489 -4.95 -0.21 -51.72
N ASN C 490 -4.60 -1.23 -52.50
CA ASN C 490 -3.28 -1.84 -52.45
C ASN C 490 -2.42 -1.33 -53.60
N ASP C 491 -1.18 -1.79 -53.63
CA ASP C 491 -0.15 -1.24 -54.52
C ASP C 491 0.11 0.23 -54.19
N ALA C 492 0.44 0.49 -52.92
CA ALA C 492 0.55 1.85 -52.41
C ALA C 492 1.87 2.03 -51.66
N GLU C 493 2.23 3.30 -51.49
CA GLU C 493 3.39 3.70 -50.69
C GLU C 493 3.01 4.91 -49.85
N GLY C 494 3.57 4.98 -48.65
CA GLY C 494 3.34 6.12 -47.79
C GLY C 494 3.96 5.88 -46.43
N VAL C 495 3.68 6.81 -45.50
CA VAL C 495 4.13 6.64 -44.13
C VAL C 495 3.31 5.54 -43.48
N LEU C 496 3.99 4.67 -42.72
CA LEU C 496 3.36 3.55 -42.02
C LEU C 496 2.80 4.00 -40.68
N ALA C 497 1.51 3.76 -40.47
CA ALA C 497 0.83 4.19 -39.26
C ALA C 497 -0.10 3.08 -38.78
N ILE C 498 -0.47 3.15 -37.50
CA ILE C 498 -1.42 2.22 -36.90
C ILE C 498 -2.63 3.03 -36.45
N LYS C 499 -3.81 2.44 -36.61
CA LYS C 499 -5.06 3.17 -36.47
C LYS C 499 -5.66 3.08 -35.07
N ASP C 500 -5.06 2.29 -34.19
CA ASP C 500 -5.52 2.17 -32.82
C ASP C 500 -4.37 1.61 -32.01
N HIS C 501 -4.39 1.89 -30.71
CA HIS C 501 -3.30 1.44 -29.85
C HIS C 501 -3.42 -0.06 -29.58
N TRP C 502 -2.33 -0.63 -29.08
CA TRP C 502 -2.22 -2.05 -28.84
C TRP C 502 -1.62 -2.30 -27.48
N PRO C 503 -1.81 -3.50 -26.92
CA PRO C 503 -1.45 -3.71 -25.50
C PRO C 503 -0.01 -3.34 -25.14
N SER C 504 0.98 -3.71 -25.96
CA SER C 504 2.39 -3.52 -25.63
C SER C 504 2.93 -2.17 -26.11
N MET C 505 2.06 -1.26 -26.56
CA MET C 505 2.51 0.06 -26.99
C MET C 505 3.04 0.88 -25.82
N ALA C 506 4.15 1.57 -26.05
CA ALA C 506 4.69 2.42 -25.00
C ALA C 506 3.69 3.51 -24.63
N ARG C 507 3.65 3.86 -23.34
CA ARG C 507 2.63 4.73 -22.81
C ARG C 507 3.05 6.20 -22.68
N THR C 508 4.35 6.48 -22.59
CA THR C 508 4.82 7.86 -22.47
C THR C 508 6.34 7.87 -22.58
N VAL C 509 6.89 9.08 -22.58
CA VAL C 509 8.31 9.34 -22.39
C VAL C 509 8.48 9.95 -21.00
N TYR C 510 9.38 9.39 -20.20
CA TYR C 510 9.44 9.68 -18.78
C TYR C 510 9.45 11.18 -18.51
N LYS C 511 8.41 11.65 -17.82
CA LYS C 511 8.25 13.04 -17.43
C LYS C 511 8.22 14.00 -18.62
N ASN C 512 7.99 13.49 -19.84
CA ASN C 512 7.81 14.35 -21.01
C ASN C 512 6.75 13.76 -21.95
N HIS C 513 5.50 13.74 -21.48
CA HIS C 513 4.41 13.24 -22.29
C HIS C 513 4.15 14.14 -23.49
N THR C 514 4.56 15.40 -23.43
CA THR C 514 4.42 16.26 -24.59
C THR C 514 5.29 15.77 -25.74
N LYS C 515 6.54 15.41 -25.43
CA LYS C 515 7.41 14.82 -26.46
C LYS C 515 6.79 13.56 -27.03
N TYR C 516 6.21 12.73 -26.17
CA TYR C 516 5.51 11.53 -26.62
C TYR C 516 4.42 11.88 -27.61
N MET C 517 3.57 12.85 -27.28
CA MET C 517 2.47 13.19 -28.16
C MET C 517 2.98 13.78 -29.47
N ASP C 518 3.94 14.70 -29.38
CA ASP C 518 4.43 15.36 -30.59
C ASP C 518 5.11 14.37 -31.51
N THR C 519 5.70 13.30 -30.97
CA THR C 519 6.44 12.37 -31.81
C THR C 519 5.54 11.32 -32.45
N TYR C 520 4.63 10.73 -31.69
CA TYR C 520 3.89 9.56 -32.13
C TYR C 520 2.43 9.85 -32.48
N MET C 521 1.76 10.74 -31.74
CA MET C 521 0.32 10.88 -31.87
C MET C 521 -0.15 12.12 -32.60
N ASN C 522 0.58 13.22 -32.50
CA ASN C 522 0.13 14.50 -33.06
C ASN C 522 0.39 14.68 -34.55
N PRO C 523 1.50 14.16 -35.11
CA PRO C 523 1.75 14.39 -36.55
C PRO C 523 0.59 13.97 -37.44
N TYR C 524 -0.06 12.85 -37.12
CA TYR C 524 -1.23 12.38 -37.86
C TYR C 524 -2.29 12.03 -36.82
N PRO C 525 -3.13 12.98 -36.46
CA PRO C 525 -4.12 12.71 -35.40
C PRO C 525 -4.98 11.51 -35.73
N GLY C 526 -5.26 10.71 -34.69
CA GLY C 526 -5.96 9.46 -34.83
C GLY C 526 -5.08 8.27 -35.15
N TYR C 527 -3.80 8.49 -35.41
CA TYR C 527 -2.90 7.43 -35.79
C TYR C 527 -1.67 7.41 -34.89
N TYR C 528 -0.98 6.28 -34.90
CA TYR C 528 0.35 6.14 -34.34
C TYR C 528 1.34 6.21 -35.48
N PHE C 529 2.34 7.09 -35.35
CA PHE C 529 3.31 7.37 -36.41
C PHE C 529 4.56 6.55 -36.14
N THR C 530 4.78 5.52 -36.96
CA THR C 530 5.94 4.64 -36.78
C THR C 530 7.25 5.34 -37.08
N GLY C 531 7.22 6.46 -37.80
CA GLY C 531 8.43 7.08 -38.28
C GLY C 531 9.04 6.39 -39.47
N ASP C 532 8.38 5.37 -40.00
CA ASP C 532 8.85 4.61 -41.14
C ASP C 532 7.94 4.82 -42.33
N GLY C 533 8.51 4.67 -43.52
CA GLY C 533 7.73 4.55 -44.74
C GLY C 533 7.70 3.10 -45.17
N ALA C 534 6.59 2.70 -45.77
CA ALA C 534 6.38 1.31 -46.19
C ALA C 534 5.56 1.28 -47.46
N ALA C 535 5.41 0.08 -48.00
CA ALA C 535 4.60 -0.14 -49.20
C ALA C 535 3.77 -1.39 -49.01
N ARG C 536 2.60 -1.41 -49.62
CA ARG C 536 1.66 -2.52 -49.51
C ARG C 536 1.29 -2.99 -50.91
N ASP C 537 1.44 -4.29 -51.15
CA ASP C 537 1.21 -4.87 -52.47
C ASP C 537 -0.18 -5.51 -52.54
N HIS C 538 -0.52 -6.03 -53.72
CA HIS C 538 -1.87 -6.54 -53.97
C HIS C 538 -2.23 -7.67 -53.04
N ASP C 539 -1.24 -8.41 -52.54
CA ASP C 539 -1.50 -9.49 -51.58
C ASP C 539 -1.60 -8.98 -50.15
N GLY C 540 -1.38 -7.70 -49.92
CA GLY C 540 -1.42 -7.15 -48.58
C GLY C 540 -0.11 -7.18 -47.83
N TYR C 541 0.95 -7.75 -48.41
CA TYR C 541 2.24 -7.79 -47.75
C TYR C 541 2.83 -6.39 -47.63
N TYR C 542 3.38 -6.10 -46.46
CA TYR C 542 4.01 -4.81 -46.21
C TYR C 542 5.50 -4.89 -46.47
N TRP C 543 6.05 -3.86 -47.11
CA TRP C 543 7.46 -3.78 -47.43
C TRP C 543 8.01 -2.53 -46.72
N ILE C 544 8.88 -2.74 -45.72
CA ILE C 544 9.41 -1.62 -44.95
C ILE C 544 10.46 -0.88 -45.79
N ARG C 545 10.24 0.42 -45.99
CA ARG C 545 11.14 1.25 -46.80
C ARG C 545 12.00 2.20 -45.97
N GLY C 546 11.87 2.20 -44.65
CA GLY C 546 12.83 2.85 -43.79
C GLY C 546 12.37 4.21 -43.30
N ARG C 547 13.19 4.75 -42.40
CA ARG C 547 12.82 5.94 -41.64
C ARG C 547 12.53 7.13 -42.56
N VAL C 548 11.54 7.93 -42.14
CA VAL C 548 11.22 9.19 -42.78
C VAL C 548 11.91 10.37 -42.07
N ASP C 549 12.31 10.20 -40.82
CA ASP C 549 12.91 11.27 -40.01
C ASP C 549 14.44 11.21 -40.12
N ASP C 550 15.12 11.96 -39.26
CA ASP C 550 16.57 12.02 -39.21
C ASP C 550 17.19 10.91 -38.37
N VAL C 551 16.52 9.78 -38.17
CA VAL C 551 17.04 8.71 -37.34
C VAL C 551 17.71 7.69 -38.25
N VAL C 552 19.00 7.45 -38.00
CA VAL C 552 19.81 6.47 -38.72
C VAL C 552 19.84 5.17 -37.93
N ASN C 553 20.01 4.06 -38.65
CA ASN C 553 20.17 2.73 -38.06
C ASN C 553 21.49 2.13 -38.51
N VAL C 554 22.46 2.09 -37.60
CA VAL C 554 23.80 1.56 -37.84
C VAL C 554 23.91 0.21 -37.13
N SER C 555 23.95 -0.87 -37.90
CA SER C 555 24.13 -2.22 -37.36
C SER C 555 23.05 -2.57 -36.33
N GLY C 556 21.81 -2.15 -36.59
CA GLY C 556 20.72 -2.44 -35.68
C GLY C 556 20.61 -1.49 -34.51
N HIS C 557 21.54 -0.57 -34.36
CA HIS C 557 21.55 0.42 -33.29
C HIS C 557 20.95 1.74 -33.78
N ARG C 558 19.96 2.25 -33.05
CA ARG C 558 19.26 3.46 -33.45
C ARG C 558 19.98 4.70 -32.92
N LEU C 559 20.39 5.58 -33.84
CA LEU C 559 21.15 6.78 -33.51
C LEU C 559 20.43 8.01 -34.06
N SER C 560 20.71 9.14 -33.41
CA SER C 560 20.16 10.44 -33.77
C SER C 560 21.26 11.26 -34.46
N THR C 561 21.00 11.69 -35.70
CA THR C 561 21.97 12.56 -36.38
C THR C 561 22.23 13.82 -35.55
N ALA C 562 21.21 14.31 -34.84
CA ALA C 562 21.39 15.48 -33.99
C ALA C 562 22.38 15.20 -32.86
N GLU C 563 22.35 13.98 -32.28
CA GLU C 563 23.22 13.68 -31.16
C GLU C 563 24.70 13.63 -31.56
N ILE C 564 25.01 13.13 -32.76
CA ILE C 564 26.38 13.12 -33.23
C ILE C 564 26.82 14.53 -33.65
N GLU C 565 25.94 15.28 -34.31
CA GLU C 565 26.24 16.68 -34.62
C GLU C 565 26.52 17.47 -33.35
N ALA C 566 25.75 17.23 -32.29
CA ALA C 566 25.99 17.89 -31.01
C ALA C 566 27.33 17.48 -30.42
N ALA C 567 27.66 16.19 -30.50
CA ALA C 567 28.95 15.73 -29.96
C ALA C 567 30.12 16.41 -30.66
N LEU C 568 30.04 16.56 -31.99
CA LEU C 568 31.11 17.20 -32.73
C LEU C 568 31.22 18.69 -32.42
N ILE C 569 30.08 19.39 -32.33
CA ILE C 569 30.12 20.82 -32.06
C ILE C 569 30.65 21.10 -30.67
N GLU C 570 30.49 20.14 -29.75
CA GLU C 570 31.02 20.32 -28.38
C GLU C 570 32.51 20.65 -28.41
N ASP C 571 33.24 20.07 -29.36
CA ASP C 571 34.63 20.43 -29.56
C ASP C 571 34.72 21.89 -30.01
N LYS C 572 35.60 22.66 -29.35
CA LYS C 572 35.63 24.10 -29.58
C LYS C 572 36.13 24.45 -30.98
N LYS C 573 36.93 23.58 -31.58
CA LYS C 573 37.46 23.85 -32.91
C LYS C 573 36.38 23.82 -33.98
N VAL C 574 35.25 23.18 -33.72
CA VAL C 574 34.24 22.97 -34.76
C VAL C 574 33.36 24.21 -34.88
N SER C 575 33.27 24.77 -36.09
CA SER C 575 32.33 25.83 -36.38
C SER C 575 30.93 25.26 -36.64
N GLU C 576 30.82 24.33 -37.59
CA GLU C 576 29.55 23.72 -37.93
C GLU C 576 29.76 22.23 -38.19
N ALA C 577 28.66 21.47 -38.08
CA ALA C 577 28.69 20.02 -38.29
C ALA C 577 27.41 19.56 -38.96
N ALA C 578 27.52 18.61 -39.90
CA ALA C 578 26.37 18.04 -40.59
C ALA C 578 26.59 16.54 -40.79
N VAL C 579 25.64 15.74 -40.33
CA VAL C 579 25.75 14.29 -40.34
C VAL C 579 24.63 13.70 -41.19
N VAL C 580 24.99 12.73 -42.04
CA VAL C 580 24.05 12.04 -42.92
C VAL C 580 24.42 10.56 -42.96
N GLY C 581 23.53 9.76 -43.55
CA GLY C 581 23.70 8.31 -43.62
C GLY C 581 23.89 7.84 -45.05
N ILE C 582 24.66 6.77 -45.22
CA ILE C 582 24.94 6.17 -46.52
C ILE C 582 24.90 4.65 -46.40
N HIS C 583 24.79 3.99 -47.54
CA HIS C 583 24.74 2.52 -47.57
C HIS C 583 26.11 1.91 -47.31
N ASP C 584 26.14 0.87 -46.47
CA ASP C 584 27.39 0.21 -46.09
C ASP C 584 27.17 -1.30 -46.13
N ASP C 585 28.10 -2.02 -46.76
CA ASP C 585 27.93 -3.45 -46.98
C ASP C 585 28.13 -4.30 -45.73
N ILE C 586 28.85 -3.79 -44.73
CA ILE C 586 29.09 -4.54 -43.48
C ILE C 586 28.09 -4.17 -42.39
N THR C 587 27.88 -2.88 -42.16
CA THR C 587 27.06 -2.39 -41.06
C THR C 587 25.67 -1.91 -41.50
N GLY C 588 25.29 -2.14 -42.75
CA GLY C 588 23.98 -1.71 -43.22
C GLY C 588 23.97 -0.24 -43.61
N GLN C 589 24.13 0.64 -42.62
CA GLN C 589 24.30 2.08 -42.86
C GLN C 589 25.58 2.62 -42.23
N LEU C 613 38.10 14.41 -33.58
CA LEU C 613 36.65 14.53 -33.66
C LEU C 613 35.97 13.17 -33.53
N VAL C 614 36.55 12.14 -34.16
CA VAL C 614 36.02 10.79 -34.01
C VAL C 614 36.05 10.39 -32.54
N LEU C 615 37.14 10.72 -31.85
CA LEU C 615 37.23 10.44 -30.43
C LEU C 615 36.23 11.26 -29.63
N GLN C 616 35.90 12.47 -30.08
CA GLN C 616 34.88 13.27 -29.41
C GLN C 616 33.52 12.59 -29.44
N VAL C 617 33.11 12.06 -30.59
CA VAL C 617 31.83 11.38 -30.70
C VAL C 617 31.83 10.10 -29.88
N ARG C 618 32.98 9.41 -29.81
CA ARG C 618 33.09 8.19 -29.01
C ARG C 618 32.92 8.49 -27.53
N LYS C 619 33.42 9.65 -27.08
CA LYS C 619 33.34 10.03 -25.67
C LYS C 619 31.98 10.64 -25.32
N THR C 620 31.30 11.26 -26.28
CA THR C 620 29.99 11.85 -26.03
C THR C 620 28.90 10.80 -25.99
N ILE C 621 28.88 9.90 -26.97
CA ILE C 621 27.81 8.92 -27.13
C ILE C 621 28.30 7.51 -26.79
N GLY C 622 29.25 6.98 -27.56
CA GLY C 622 29.76 5.65 -27.34
C GLY C 622 30.54 5.17 -28.55
N PRO C 623 31.40 4.15 -28.36
CA PRO C 623 32.20 3.67 -29.49
C PRO C 623 31.36 3.30 -30.71
N PHE C 624 30.19 2.72 -30.47
CA PHE C 624 29.27 2.33 -31.54
C PHE C 624 28.54 3.55 -32.05
#